data_2RO9
#
_entry.id   2RO9
#
loop_
_entity.id
_entity.type
_entity.pdbx_description
1 polymer Calmodulin-2
2 non-polymer 'CALCIUM ION'
#
_entity_poly.entity_id   1
_entity_poly.type   'polypeptide(L)'
_entity_poly.pdbx_seq_one_letter_code
;DSEEELKEAFRVFDKDQNGFISAAELRHVMTNLGEKLTDEEVDEMIREADVDGDGQINYEEFVKVMMAK
;
_entity_poly.pdbx_strand_id   A
#
loop_
_chem_comp.id
_chem_comp.type
_chem_comp.name
_chem_comp.formula
CA non-polymer 'CALCIUM ION' 'Ca 2'
#
# COMPACT_ATOMS: atom_id res chain seq x y z
N ASP A 1 18.02 -9.67 -4.61
CA ASP A 1 17.68 -8.38 -5.27
C ASP A 1 16.71 -7.61 -4.40
N SER A 2 17.16 -6.47 -3.89
CA SER A 2 16.32 -5.64 -3.03
C SER A 2 15.03 -5.29 -3.75
N GLU A 3 15.15 -4.90 -5.02
CA GLU A 3 13.98 -4.53 -5.82
C GLU A 3 12.99 -5.70 -5.86
N GLU A 4 13.50 -6.90 -6.03
CA GLU A 4 12.63 -8.08 -6.09
C GLU A 4 11.88 -8.24 -4.77
N GLU A 5 12.57 -7.95 -3.67
CA GLU A 5 11.96 -8.04 -2.35
C GLU A 5 10.84 -7.01 -2.22
N LEU A 6 11.06 -5.84 -2.79
CA LEU A 6 10.06 -4.79 -2.73
C LEU A 6 8.78 -5.25 -3.41
N LYS A 7 8.94 -5.87 -4.57
CA LYS A 7 7.79 -6.38 -5.31
C LYS A 7 7.07 -7.46 -4.53
N GLU A 8 7.84 -8.24 -3.76
CA GLU A 8 7.21 -9.27 -2.93
C GLU A 8 6.31 -8.56 -1.91
N ALA A 9 6.84 -7.50 -1.33
CA ALA A 9 6.10 -6.71 -0.35
C ALA A 9 4.84 -6.16 -1.01
N PHE A 10 4.99 -5.67 -2.24
CA PHE A 10 3.86 -5.13 -2.98
C PHE A 10 2.79 -6.20 -3.16
N ARG A 11 3.23 -7.40 -3.54
CA ARG A 11 2.33 -8.51 -3.72
C ARG A 11 1.62 -8.87 -2.43
N VAL A 12 2.33 -8.71 -1.32
CA VAL A 12 1.76 -8.99 0.00
C VAL A 12 0.65 -8.00 0.32
N PHE A 13 0.92 -6.72 0.04
CA PHE A 13 -0.03 -5.65 0.31
C PHE A 13 -1.30 -5.78 -0.54
N ASP A 14 -1.14 -6.18 -1.81
CA ASP A 14 -2.29 -6.28 -2.72
C ASP A 14 -3.03 -7.62 -2.60
N LYS A 15 -4.00 -7.67 -1.68
CA LYS A 15 -4.78 -8.87 -1.48
C LYS A 15 -5.54 -9.23 -2.75
N ASP A 16 -6.20 -8.23 -3.34
CA ASP A 16 -6.96 -8.42 -4.57
C ASP A 16 -6.01 -8.94 -5.65
N GLN A 17 -4.76 -8.52 -5.54
CA GLN A 17 -3.73 -8.95 -6.46
C GLN A 17 -4.05 -8.53 -7.91
N ASN A 18 -4.45 -7.28 -8.09
CA ASN A 18 -4.76 -6.76 -9.43
C ASN A 18 -3.73 -5.71 -9.85
N GLY A 19 -2.69 -5.56 -9.05
CA GLY A 19 -1.64 -4.59 -9.35
C GLY A 19 -1.97 -3.23 -8.73
N PHE A 20 -2.80 -3.25 -7.69
CA PHE A 20 -3.21 -2.03 -7.00
C PHE A 20 -3.42 -2.31 -5.52
N ILE A 21 -3.14 -1.31 -4.68
CA ILE A 21 -3.36 -1.44 -3.24
C ILE A 21 -4.45 -0.48 -2.83
N SER A 22 -5.47 -1.01 -2.18
CA SER A 22 -6.62 -0.22 -1.76
C SER A 22 -6.58 -0.04 -0.25
N ALA A 23 -7.21 1.03 0.24
CA ALA A 23 -7.24 1.27 1.67
C ALA A 23 -7.85 0.04 2.33
N ALA A 24 -8.92 -0.48 1.72
CA ALA A 24 -9.59 -1.66 2.23
C ALA A 24 -8.59 -2.82 2.30
N GLU A 25 -7.88 -3.05 1.20
CA GLU A 25 -6.90 -4.11 1.14
C GLU A 25 -5.76 -3.83 2.12
N LEU A 26 -5.31 -2.58 2.13
CA LEU A 26 -4.25 -2.16 3.02
C LEU A 26 -4.71 -2.28 4.47
N ARG A 27 -5.98 -1.94 4.69
CA ARG A 27 -6.55 -2.02 6.04
C ARG A 27 -6.51 -3.45 6.54
N HIS A 28 -6.87 -4.39 5.66
CA HIS A 28 -6.89 -5.81 6.02
C HIS A 28 -5.48 -6.31 6.30
N VAL A 29 -4.53 -5.89 5.47
CA VAL A 29 -3.14 -6.30 5.63
C VAL A 29 -2.60 -5.81 6.96
N MET A 30 -2.89 -4.56 7.30
CA MET A 30 -2.46 -3.98 8.57
C MET A 30 -3.14 -4.70 9.73
N THR A 31 -4.39 -5.11 9.51
CA THR A 31 -5.13 -5.83 10.54
C THR A 31 -4.47 -7.18 10.82
N ASN A 32 -4.12 -7.89 9.75
CA ASN A 32 -3.45 -9.19 9.88
C ASN A 32 -2.09 -9.00 10.54
N LEU A 33 -1.44 -7.92 10.13
CA LEU A 33 -0.12 -7.56 10.64
C LEU A 33 -0.07 -7.63 12.16
N GLY A 34 -1.23 -7.52 12.79
CA GLY A 34 -1.30 -7.51 14.25
C GLY A 34 -1.21 -6.07 14.72
N GLU A 35 -1.36 -5.17 13.75
CA GLU A 35 -1.32 -3.73 13.99
C GLU A 35 -2.72 -3.18 13.79
N LYS A 36 -3.12 -2.22 14.63
CA LYS A 36 -4.46 -1.64 14.52
C LYS A 36 -4.40 -0.14 14.30
N LEU A 37 -4.53 0.28 13.05
CA LEU A 37 -4.51 1.70 12.68
C LEU A 37 -5.92 2.22 12.53
N THR A 38 -6.09 3.52 12.71
CA THR A 38 -7.39 4.14 12.57
C THR A 38 -7.69 4.36 11.09
N ASP A 39 -8.95 4.66 10.77
CA ASP A 39 -9.33 4.90 9.39
C ASP A 39 -8.61 6.12 8.85
N GLU A 40 -8.49 7.15 9.69
CA GLU A 40 -7.84 8.38 9.29
C GLU A 40 -6.36 8.17 9.02
N GLU A 41 -5.69 7.35 9.84
CA GLU A 41 -4.27 7.09 9.61
C GLU A 41 -4.12 6.32 8.31
N VAL A 42 -4.99 5.33 8.14
CA VAL A 42 -4.98 4.51 6.93
C VAL A 42 -5.26 5.37 5.70
N ASP A 43 -6.28 6.21 5.80
CA ASP A 43 -6.64 7.10 4.69
C ASP A 43 -5.53 8.11 4.43
N GLU A 44 -5.08 8.79 5.48
CA GLU A 44 -4.03 9.80 5.34
C GLU A 44 -2.80 9.22 4.67
N MET A 45 -2.41 8.02 5.08
CA MET A 45 -1.26 7.35 4.50
C MET A 45 -1.52 7.06 3.02
N ILE A 46 -2.74 6.62 2.76
CA ILE A 46 -3.16 6.31 1.40
C ILE A 46 -3.22 7.57 0.56
N ARG A 47 -3.84 8.64 1.09
CA ARG A 47 -3.95 9.90 0.37
C ARG A 47 -2.58 10.54 0.20
N GLU A 48 -1.76 10.41 1.23
CA GLU A 48 -0.41 10.96 1.18
C GLU A 48 0.38 10.23 0.10
N ALA A 49 0.06 8.94 -0.05
CA ALA A 49 0.71 8.11 -1.07
C ALA A 49 -0.07 8.17 -2.38
N ASP A 50 -1.26 8.79 -2.36
CA ASP A 50 -2.07 8.91 -3.59
C ASP A 50 -1.88 10.28 -4.22
N VAL A 51 -1.13 10.22 -5.27
CA VAL A 51 -0.69 11.36 -6.07
C VAL A 51 -1.64 11.61 -7.21
N ASP A 52 -2.17 10.55 -7.75
CA ASP A 52 -3.12 10.69 -8.81
C ASP A 52 -4.48 10.72 -8.19
N GLY A 53 -4.47 10.66 -6.86
CA GLY A 53 -5.71 10.69 -6.11
C GLY A 53 -6.66 9.56 -6.53
N ASP A 54 -6.24 8.77 -7.53
CA ASP A 54 -7.08 7.68 -8.04
C ASP A 54 -7.72 6.88 -6.92
N GLY A 55 -7.16 6.98 -5.72
CA GLY A 55 -7.69 6.26 -4.55
C GLY A 55 -7.02 4.91 -4.38
N GLN A 56 -6.10 4.60 -5.29
CA GLN A 56 -5.36 3.35 -5.25
C GLN A 56 -3.90 3.62 -5.54
N ILE A 57 -3.05 2.74 -5.06
CA ILE A 57 -1.61 2.88 -5.26
C ILE A 57 -1.12 1.75 -6.14
N ASN A 58 -0.60 2.11 -7.31
CA ASN A 58 -0.07 1.11 -8.23
C ASN A 58 1.35 0.77 -7.81
N TYR A 59 1.94 -0.25 -8.41
CA TYR A 59 3.29 -0.63 -8.03
C TYR A 59 4.27 0.52 -8.26
N GLU A 60 4.23 1.12 -9.45
CA GLU A 60 5.14 2.21 -9.77
C GLU A 60 5.10 3.26 -8.66
N GLU A 61 3.89 3.62 -8.28
CA GLU A 61 3.67 4.60 -7.23
C GLU A 61 4.11 4.06 -5.89
N PHE A 62 3.85 2.78 -5.67
CA PHE A 62 4.24 2.14 -4.43
C PHE A 62 5.75 2.24 -4.31
N VAL A 63 6.42 2.01 -5.43
CA VAL A 63 7.87 2.08 -5.47
C VAL A 63 8.33 3.49 -5.09
N LYS A 64 7.66 4.50 -5.63
CA LYS A 64 8.02 5.88 -5.32
C LYS A 64 7.79 6.16 -3.83
N VAL A 65 6.65 5.72 -3.30
CA VAL A 65 6.33 5.95 -1.90
C VAL A 65 7.24 5.11 -0.99
N MET A 66 7.44 3.85 -1.37
CA MET A 66 8.29 2.94 -0.59
C MET A 66 9.75 3.38 -0.63
N MET A 67 10.21 3.81 -1.80
CA MET A 67 11.59 4.25 -1.95
C MET A 67 11.86 5.50 -1.12
N ALA A 68 10.92 6.45 -1.15
CA ALA A 68 11.05 7.70 -0.39
C ALA A 68 10.13 7.70 0.82
N LYS A 69 8.98 8.35 0.69
CA LYS A 69 8.02 8.43 1.78
C LYS A 69 6.62 8.71 1.23
CA CA B . -6.38 -3.92 -5.77
CA CA C . -2.33 6.58 -7.86
N ASP A 1 17.32 -8.22 -7.69
CA ASP A 1 17.50 -8.71 -6.29
C ASP A 1 16.68 -7.85 -5.34
N SER A 2 17.14 -6.63 -5.10
CA SER A 2 16.43 -5.72 -4.21
C SER A 2 15.02 -5.48 -4.73
N GLU A 3 14.91 -5.20 -6.02
CA GLU A 3 13.60 -4.95 -6.63
C GLU A 3 12.70 -6.16 -6.43
N GLU A 4 13.26 -7.35 -6.57
CA GLU A 4 12.47 -8.56 -6.40
C GLU A 4 11.86 -8.61 -5.01
N GLU A 5 12.64 -8.20 -4.01
CA GLU A 5 12.17 -8.18 -2.64
C GLU A 5 11.03 -7.17 -2.48
N LEU A 6 11.24 -5.98 -3.02
CA LEU A 6 10.22 -4.93 -2.92
C LEU A 6 8.90 -5.42 -3.52
N LYS A 7 8.99 -6.02 -4.69
CA LYS A 7 7.80 -6.53 -5.38
C LYS A 7 7.14 -7.63 -4.56
N GLU A 8 7.94 -8.38 -3.81
CA GLU A 8 7.37 -9.41 -2.96
C GLU A 8 6.54 -8.73 -1.86
N ALA A 9 7.10 -7.66 -1.31
CA ALA A 9 6.40 -6.89 -0.28
C ALA A 9 5.10 -6.35 -0.86
N PHE A 10 5.19 -5.82 -2.08
CA PHE A 10 4.02 -5.27 -2.75
C PHE A 10 2.97 -6.37 -2.95
N ARG A 11 3.43 -7.53 -3.40
CA ARG A 11 2.54 -8.66 -3.66
C ARG A 11 1.82 -9.05 -2.37
N VAL A 12 2.50 -8.89 -1.23
CA VAL A 12 1.89 -9.20 0.06
C VAL A 12 0.74 -8.23 0.34
N PHE A 13 1.00 -6.96 0.08
CA PHE A 13 0.02 -5.91 0.30
C PHE A 13 -1.23 -6.06 -0.56
N ASP A 14 -1.03 -6.43 -1.83
CA ASP A 14 -2.15 -6.54 -2.76
C ASP A 14 -2.83 -7.92 -2.67
N LYS A 15 -3.77 -8.03 -1.75
CA LYS A 15 -4.49 -9.29 -1.57
C LYS A 15 -5.22 -9.65 -2.86
N ASP A 16 -5.90 -8.66 -3.44
CA ASP A 16 -6.61 -8.85 -4.70
C ASP A 16 -5.61 -9.22 -5.81
N GLN A 17 -4.48 -8.47 -5.87
CA GLN A 17 -3.40 -8.69 -6.87
C GLN A 17 -3.83 -8.19 -8.25
N ASN A 18 -4.33 -6.95 -8.33
CA ASN A 18 -4.74 -6.39 -9.63
C ASN A 18 -3.71 -5.37 -10.09
N GLY A 19 -2.60 -5.28 -9.35
CA GLY A 19 -1.52 -4.34 -9.67
C GLY A 19 -1.65 -3.09 -8.80
N PHE A 20 -2.78 -2.98 -8.10
CA PHE A 20 -3.06 -1.85 -7.23
C PHE A 20 -3.37 -2.33 -5.81
N ILE A 21 -3.20 -1.43 -4.85
CA ILE A 21 -3.51 -1.74 -3.45
C ILE A 21 -4.61 -0.81 -2.98
N SER A 22 -5.65 -1.39 -2.44
CA SER A 22 -6.80 -0.63 -1.95
C SER A 22 -6.72 -0.45 -0.45
N ALA A 23 -7.33 0.62 0.06
CA ALA A 23 -7.33 0.86 1.49
C ALA A 23 -7.90 -0.38 2.16
N ALA A 24 -8.98 -0.89 1.58
CA ALA A 24 -9.62 -2.08 2.09
C ALA A 24 -8.61 -3.21 2.23
N GLU A 25 -7.89 -3.48 1.14
CA GLU A 25 -6.88 -4.52 1.14
C GLU A 25 -5.77 -4.17 2.13
N LEU A 26 -5.39 -2.90 2.13
CA LEU A 26 -4.35 -2.43 3.03
C LEU A 26 -4.81 -2.56 4.49
N ARG A 27 -6.09 -2.26 4.73
CA ARG A 27 -6.64 -2.35 6.06
C ARG A 27 -6.55 -3.79 6.57
N HIS A 28 -6.88 -4.73 5.70
CA HIS A 28 -6.85 -6.14 6.04
C HIS A 28 -5.42 -6.61 6.33
N VAL A 29 -4.48 -6.16 5.50
CA VAL A 29 -3.08 -6.52 5.66
C VAL A 29 -2.56 -6.00 6.99
N MET A 30 -2.92 -4.77 7.33
CA MET A 30 -2.50 -4.17 8.59
C MET A 30 -3.12 -4.95 9.75
N THR A 31 -4.34 -5.42 9.56
CA THR A 31 -5.03 -6.20 10.60
C THR A 31 -4.27 -7.51 10.85
N ASN A 32 -3.85 -8.16 9.76
CA ASN A 32 -3.11 -9.41 9.86
C ASN A 32 -1.82 -9.16 10.62
N LEU A 33 -1.27 -7.98 10.38
CA LEU A 33 -0.03 -7.55 11.00
C LEU A 33 -0.16 -7.55 12.52
N GLY A 34 -1.31 -7.07 12.99
CA GLY A 34 -1.58 -6.94 14.41
C GLY A 34 -1.46 -5.48 14.76
N GLU A 35 -1.48 -4.66 13.71
CA GLU A 35 -1.41 -3.21 13.86
C GLU A 35 -2.82 -2.65 13.78
N LYS A 36 -3.17 -1.73 14.68
CA LYS A 36 -4.51 -1.16 14.70
C LYS A 36 -4.50 0.34 14.40
N LEU A 37 -4.62 0.68 13.12
CA LEU A 37 -4.63 2.07 12.69
C LEU A 37 -6.07 2.56 12.58
N THR A 38 -6.25 3.87 12.73
CA THR A 38 -7.57 4.46 12.60
C THR A 38 -7.90 4.70 11.15
N ASP A 39 -9.14 5.02 10.88
CA ASP A 39 -9.57 5.28 9.51
C ASP A 39 -8.81 6.49 8.97
N GLU A 40 -8.63 7.49 9.82
CA GLU A 40 -7.93 8.70 9.41
C GLU A 40 -6.46 8.45 9.10
N GLU A 41 -5.80 7.60 9.90
CA GLU A 41 -4.40 7.31 9.63
C GLU A 41 -4.29 6.57 8.31
N VAL A 42 -5.19 5.60 8.15
CA VAL A 42 -5.24 4.80 6.93
C VAL A 42 -5.53 5.71 5.73
N ASP A 43 -6.54 6.56 5.85
CA ASP A 43 -6.89 7.47 4.77
C ASP A 43 -5.77 8.48 4.49
N GLU A 44 -5.28 9.12 5.54
CA GLU A 44 -4.22 10.12 5.39
C GLU A 44 -3.02 9.53 4.68
N MET A 45 -2.63 8.32 5.06
CA MET A 45 -1.49 7.65 4.45
C MET A 45 -1.80 7.36 2.98
N ILE A 46 -3.02 6.91 2.76
CA ILE A 46 -3.49 6.57 1.41
C ILE A 46 -3.58 7.83 0.53
N ARG A 47 -4.15 8.90 1.07
CA ARG A 47 -4.27 10.15 0.33
C ARG A 47 -2.88 10.75 0.09
N GLU A 48 -2.03 10.59 1.08
CA GLU A 48 -0.66 11.10 1.02
C GLU A 48 0.15 10.32 -0.02
N ALA A 49 -0.06 9.02 -0.06
CA ALA A 49 0.66 8.17 -1.02
C ALA A 49 0.05 8.30 -2.40
N ASP A 50 -1.20 8.78 -2.47
CA ASP A 50 -1.89 8.97 -3.75
C ASP A 50 -1.78 10.42 -4.20
N VAL A 51 -1.27 10.60 -5.42
CA VAL A 51 -1.07 11.93 -5.99
C VAL A 51 -1.70 12.01 -7.36
N ASP A 52 -1.94 10.85 -7.95
CA ASP A 52 -2.57 10.80 -9.25
C ASP A 52 -4.05 11.04 -9.04
N GLY A 53 -4.44 10.98 -7.76
CA GLY A 53 -5.83 11.19 -7.40
C GLY A 53 -6.70 10.01 -7.82
N ASP A 54 -6.55 8.89 -7.12
CA ASP A 54 -7.33 7.68 -7.43
C ASP A 54 -7.72 6.94 -6.15
N GLY A 55 -6.92 7.11 -5.10
CA GLY A 55 -7.20 6.44 -3.82
C GLY A 55 -6.64 5.02 -3.83
N GLN A 56 -5.91 4.69 -4.89
CA GLN A 56 -5.28 3.37 -5.02
C GLN A 56 -3.79 3.55 -5.24
N ILE A 57 -3.00 2.67 -4.62
CA ILE A 57 -1.56 2.73 -4.78
C ILE A 57 -1.13 1.73 -5.83
N ASN A 58 -0.66 2.23 -6.96
CA ASN A 58 -0.19 1.36 -8.02
C ASN A 58 1.22 0.95 -7.66
N TYR A 59 1.74 -0.08 -8.30
CA TYR A 59 3.09 -0.53 -7.97
C TYR A 59 4.09 0.62 -8.07
N GLU A 60 4.02 1.40 -9.14
CA GLU A 60 4.95 2.51 -9.31
C GLU A 60 4.87 3.47 -8.13
N GLU A 61 3.65 3.76 -7.68
CA GLU A 61 3.45 4.66 -6.55
C GLU A 61 3.96 4.00 -5.27
N PHE A 62 3.72 2.71 -5.15
CA PHE A 62 4.18 1.96 -3.99
C PHE A 62 5.69 2.08 -3.90
N VAL A 63 6.33 2.02 -5.06
CA VAL A 63 7.77 2.13 -5.15
C VAL A 63 8.21 3.54 -4.73
N LYS A 64 7.46 4.55 -5.16
CA LYS A 64 7.78 5.95 -4.84
C LYS A 64 7.74 6.20 -3.32
N VAL A 65 6.68 5.74 -2.66
CA VAL A 65 6.54 5.94 -1.22
C VAL A 65 7.51 5.05 -0.44
N MET A 66 7.65 3.81 -0.90
CA MET A 66 8.54 2.86 -0.22
C MET A 66 10.00 3.24 -0.42
N MET A 67 10.34 3.56 -1.65
CA MET A 67 11.71 3.94 -1.98
C MET A 67 12.08 5.26 -1.31
N ALA A 68 11.15 6.21 -1.34
CA ALA A 68 11.39 7.52 -0.73
C ALA A 68 11.38 7.43 0.79
N LYS A 69 10.24 7.02 1.34
CA LYS A 69 10.09 6.87 2.79
C LYS A 69 10.89 7.92 3.55
CA CA B . -6.51 -4.30 -5.61
CA CA C . -2.19 6.46 -7.08
N ASP A 1 18.37 -7.56 -6.16
CA ASP A 1 17.48 -8.51 -5.43
C ASP A 1 16.55 -7.73 -4.50
N SER A 2 17.00 -6.55 -4.07
CA SER A 2 16.19 -5.72 -3.18
C SER A 2 14.86 -5.39 -3.85
N GLU A 3 14.91 -4.98 -5.11
CA GLU A 3 13.70 -4.65 -5.84
C GLU A 3 12.75 -5.83 -5.88
N GLU A 4 13.30 -7.03 -6.05
CA GLU A 4 12.48 -8.24 -6.09
C GLU A 4 11.76 -8.42 -4.76
N GLU A 5 12.47 -8.13 -3.67
CA GLU A 5 11.90 -8.25 -2.33
C GLU A 5 10.76 -7.24 -2.16
N LEU A 6 10.96 -6.05 -2.68
CA LEU A 6 9.94 -5.00 -2.57
C LEU A 6 8.66 -5.45 -3.27
N LYS A 7 8.83 -6.02 -4.45
CA LYS A 7 7.70 -6.50 -5.24
C LYS A 7 6.98 -7.63 -4.51
N GLU A 8 7.73 -8.41 -3.73
CA GLU A 8 7.13 -9.47 -2.96
C GLU A 8 6.20 -8.84 -1.91
N ALA A 9 6.71 -7.80 -1.25
CA ALA A 9 5.92 -7.09 -0.24
C ALA A 9 4.67 -6.51 -0.87
N PHE A 10 4.84 -5.91 -2.05
CA PHE A 10 3.72 -5.33 -2.78
C PHE A 10 2.71 -6.41 -3.15
N ARG A 11 3.20 -7.54 -3.66
CA ARG A 11 2.35 -8.64 -4.05
C ARG A 11 1.58 -9.16 -2.84
N VAL A 12 2.23 -9.13 -1.69
CA VAL A 12 1.60 -9.57 -0.44
C VAL A 12 0.49 -8.59 -0.07
N PHE A 13 0.77 -7.31 -0.25
CA PHE A 13 -0.17 -6.25 0.08
C PHE A 13 -1.47 -6.35 -0.74
N ASP A 14 -1.34 -6.67 -2.02
CA ASP A 14 -2.51 -6.73 -2.90
C ASP A 14 -3.24 -8.08 -2.79
N LYS A 15 -4.23 -8.13 -1.90
CA LYS A 15 -5.00 -9.35 -1.72
C LYS A 15 -5.72 -9.74 -3.02
N ASP A 16 -6.39 -8.76 -3.64
CA ASP A 16 -7.14 -9.00 -4.89
C ASP A 16 -6.22 -9.34 -6.08
N GLN A 17 -5.04 -8.69 -6.10
CA GLN A 17 -4.01 -8.88 -7.16
C GLN A 17 -4.42 -8.17 -8.47
N ASN A 18 -4.93 -6.93 -8.39
CA ASN A 18 -5.34 -6.19 -9.60
C ASN A 18 -4.24 -5.24 -10.07
N GLY A 19 -3.08 -5.32 -9.42
CA GLY A 19 -1.94 -4.46 -9.77
C GLY A 19 -1.97 -3.18 -8.95
N PHE A 20 -3.03 -3.03 -8.15
CA PHE A 20 -3.21 -1.85 -7.31
C PHE A 20 -3.46 -2.28 -5.87
N ILE A 21 -3.21 -1.37 -4.94
CA ILE A 21 -3.45 -1.64 -3.53
C ILE A 21 -4.56 -0.71 -3.04
N SER A 22 -5.56 -1.30 -2.43
CA SER A 22 -6.71 -0.55 -1.92
C SER A 22 -6.62 -0.42 -0.41
N ALA A 23 -7.18 0.66 0.14
CA ALA A 23 -7.15 0.83 1.58
C ALA A 23 -7.68 -0.44 2.23
N ALA A 24 -8.70 -1.02 1.58
CA ALA A 24 -9.28 -2.25 2.07
C ALA A 24 -8.21 -3.33 2.16
N GLU A 25 -7.42 -3.47 1.10
CA GLU A 25 -6.34 -4.44 1.08
C GLU A 25 -5.27 -4.04 2.07
N LEU A 26 -4.92 -2.77 2.06
CA LEU A 26 -3.90 -2.24 2.96
C LEU A 26 -4.36 -2.43 4.41
N ARG A 27 -5.64 -2.21 4.64
CA ARG A 27 -6.21 -2.38 5.97
C ARG A 27 -6.09 -3.84 6.40
N HIS A 28 -6.40 -4.74 5.48
CA HIS A 28 -6.34 -6.17 5.77
C HIS A 28 -4.92 -6.62 6.08
N VAL A 29 -3.97 -6.17 5.26
CA VAL A 29 -2.58 -6.54 5.46
C VAL A 29 -2.06 -5.93 6.76
N MET A 30 -2.45 -4.68 7.01
CA MET A 30 -2.05 -4.00 8.23
C MET A 30 -2.64 -4.72 9.45
N THR A 31 -3.87 -5.17 9.31
CA THR A 31 -4.54 -5.89 10.39
C THR A 31 -3.78 -7.18 10.71
N ASN A 32 -3.35 -7.86 9.65
CA ASN A 32 -2.59 -9.11 9.81
C ASN A 32 -1.30 -8.82 10.55
N LEU A 33 -0.80 -7.62 10.34
CA LEU A 33 0.44 -7.15 10.95
C LEU A 33 0.31 -7.20 12.48
N GLY A 34 -0.86 -6.81 12.96
CA GLY A 34 -1.12 -6.75 14.39
C GLY A 34 -1.07 -5.28 14.80
N GLU A 35 -1.13 -4.43 13.78
CA GLU A 35 -1.13 -2.99 13.96
C GLU A 35 -2.55 -2.49 13.78
N LYS A 36 -3.01 -1.62 14.68
CA LYS A 36 -4.38 -1.10 14.59
C LYS A 36 -4.38 0.39 14.25
N LEU A 37 -4.46 0.69 12.95
CA LEU A 37 -4.48 2.07 12.49
C LEU A 37 -5.92 2.57 12.43
N THR A 38 -6.11 3.86 12.69
CA THR A 38 -7.42 4.45 12.64
C THR A 38 -7.81 4.68 11.18
N ASP A 39 -9.08 4.98 10.94
CA ASP A 39 -9.56 5.23 9.60
C ASP A 39 -8.84 6.44 9.02
N GLU A 40 -8.64 7.45 9.85
CA GLU A 40 -7.97 8.68 9.44
C GLU A 40 -6.50 8.43 9.12
N GLU A 41 -5.84 7.56 9.89
CA GLU A 41 -4.44 7.26 9.61
C GLU A 41 -4.34 6.53 8.29
N VAL A 42 -5.22 5.55 8.11
CA VAL A 42 -5.26 4.77 6.90
C VAL A 42 -5.55 5.66 5.69
N ASP A 43 -6.58 6.49 5.81
CA ASP A 43 -6.94 7.39 4.73
C ASP A 43 -5.82 8.40 4.46
N GLU A 44 -5.32 9.03 5.53
CA GLU A 44 -4.26 10.02 5.39
C GLU A 44 -3.05 9.44 4.68
N MET A 45 -2.70 8.20 5.03
CA MET A 45 -1.58 7.53 4.41
C MET A 45 -1.86 7.28 2.94
N ILE A 46 -3.09 6.86 2.67
CA ILE A 46 -3.54 6.59 1.31
C ILE A 46 -3.61 7.88 0.48
N ARG A 47 -4.16 8.94 1.05
CA ARG A 47 -4.25 10.23 0.35
C ARG A 47 -2.85 10.80 0.17
N GLU A 48 -1.99 10.57 1.15
CA GLU A 48 -0.62 11.06 1.09
C GLU A 48 0.17 10.28 0.04
N ALA A 49 -0.03 8.97 0.01
CA ALA A 49 0.67 8.13 -0.95
C ALA A 49 0.03 8.22 -2.32
N ASP A 50 -1.22 8.66 -2.35
CA ASP A 50 -1.95 8.88 -3.60
C ASP A 50 -1.92 10.37 -3.88
N VAL A 51 -1.46 10.73 -5.06
CA VAL A 51 -1.43 12.12 -5.48
C VAL A 51 -2.00 12.20 -6.90
N ASP A 52 -2.18 11.01 -7.54
CA ASP A 52 -2.81 10.94 -8.89
C ASP A 52 -4.31 10.94 -8.62
N GLY A 53 -4.60 10.74 -7.33
CA GLY A 53 -5.96 10.70 -6.81
C GLY A 53 -6.74 9.46 -7.22
N ASP A 54 -6.11 8.61 -8.02
CA ASP A 54 -6.75 7.38 -8.50
C ASP A 54 -7.54 6.71 -7.37
N GLY A 55 -7.12 6.94 -6.13
CA GLY A 55 -7.78 6.34 -4.97
C GLY A 55 -7.13 5.01 -4.60
N GLN A 56 -6.09 4.66 -5.34
CA GLN A 56 -5.35 3.43 -5.10
C GLN A 56 -3.87 3.68 -5.29
N ILE A 57 -3.05 2.81 -4.73
CA ILE A 57 -1.60 2.93 -4.87
C ILE A 57 -1.13 1.89 -5.86
N ASN A 58 -0.62 2.35 -6.99
CA ASN A 58 -0.10 1.45 -8.00
C ASN A 58 1.31 1.05 -7.61
N TYR A 59 1.87 0.04 -8.25
CA TYR A 59 3.20 -0.40 -7.88
C TYR A 59 4.19 0.76 -7.96
N GLU A 60 4.18 1.50 -9.06
CA GLU A 60 5.09 2.62 -9.22
C GLU A 60 4.98 3.58 -8.03
N GLU A 61 3.74 3.89 -7.66
CA GLU A 61 3.51 4.80 -6.54
C GLU A 61 3.94 4.12 -5.23
N PHE A 62 3.70 2.81 -5.15
CA PHE A 62 4.09 2.06 -3.96
C PHE A 62 5.59 2.16 -3.79
N VAL A 63 6.30 2.04 -4.91
CA VAL A 63 7.74 2.13 -4.91
C VAL A 63 8.18 3.53 -4.48
N LYS A 64 7.45 4.54 -4.94
CA LYS A 64 7.78 5.93 -4.60
C LYS A 64 7.77 6.14 -3.08
N VAL A 65 6.71 5.69 -2.41
CA VAL A 65 6.61 5.86 -0.97
C VAL A 65 7.56 4.92 -0.23
N MET A 66 7.68 3.69 -0.74
CA MET A 66 8.57 2.71 -0.12
C MET A 66 10.03 3.09 -0.34
N MET A 67 10.38 3.45 -1.56
CA MET A 67 11.75 3.83 -1.88
C MET A 67 12.13 5.12 -1.17
N ALA A 68 11.19 6.06 -1.12
CA ALA A 68 11.44 7.35 -0.47
C ALA A 68 11.75 7.15 1.01
N LYS A 69 10.78 6.62 1.74
CA LYS A 69 10.93 6.36 3.17
C LYS A 69 11.21 7.67 3.92
CA CA B . -6.75 -4.46 -5.46
CA CA C . -2.13 6.62 -7.86
N ASP A 1 18.27 -7.60 -6.72
CA ASP A 1 17.41 -8.55 -5.96
C ASP A 1 16.48 -7.76 -5.03
N SER A 2 16.95 -6.61 -4.58
CA SER A 2 16.15 -5.78 -3.68
C SER A 2 14.83 -5.44 -4.34
N GLU A 3 14.88 -5.06 -5.61
CA GLU A 3 13.69 -4.70 -6.35
C GLU A 3 12.68 -5.85 -6.33
N GLU A 4 13.19 -7.09 -6.46
CA GLU A 4 12.32 -8.25 -6.45
C GLU A 4 11.65 -8.39 -5.08
N GLU A 5 12.41 -8.06 -4.03
CA GLU A 5 11.89 -8.14 -2.68
C GLU A 5 10.78 -7.10 -2.48
N LEU A 6 10.98 -5.91 -3.02
CA LEU A 6 9.98 -4.85 -2.90
C LEU A 6 8.68 -5.29 -3.55
N LYS A 7 8.80 -5.90 -4.73
CA LYS A 7 7.64 -6.38 -5.47
C LYS A 7 6.93 -7.49 -4.69
N GLU A 8 7.70 -8.26 -3.93
CA GLU A 8 7.11 -9.31 -3.12
C GLU A 8 6.23 -8.65 -2.07
N ALA A 9 6.76 -7.59 -1.46
CA ALA A 9 6.03 -6.84 -0.45
C ALA A 9 4.76 -6.25 -1.08
N PHE A 10 4.90 -5.73 -2.28
CA PHE A 10 3.78 -5.16 -3.00
C PHE A 10 2.68 -6.21 -3.18
N ARG A 11 3.09 -7.39 -3.62
CA ARG A 11 2.14 -8.48 -3.83
C ARG A 11 1.49 -8.90 -2.53
N VAL A 12 2.23 -8.78 -1.43
CA VAL A 12 1.70 -9.12 -0.11
C VAL A 12 0.61 -8.13 0.28
N PHE A 13 0.89 -6.85 0.03
CA PHE A 13 -0.05 -5.79 0.36
C PHE A 13 -1.36 -5.88 -0.42
N ASP A 14 -1.26 -6.27 -1.69
CA ASP A 14 -2.45 -6.36 -2.55
C ASP A 14 -2.97 -7.79 -2.65
N LYS A 15 -3.72 -8.21 -1.63
CA LYS A 15 -4.28 -9.55 -1.63
C LYS A 15 -5.19 -9.73 -2.85
N ASP A 16 -5.93 -8.66 -3.16
CA ASP A 16 -6.88 -8.65 -4.29
C ASP A 16 -6.21 -9.02 -5.57
N GLN A 17 -4.91 -8.82 -5.62
CA GLN A 17 -4.16 -9.23 -6.80
C GLN A 17 -4.56 -8.55 -8.09
N ASN A 18 -5.00 -7.33 -7.98
CA ASN A 18 -5.41 -6.58 -9.14
C ASN A 18 -4.27 -5.65 -9.57
N GLY A 19 -3.19 -5.62 -8.79
CA GLY A 19 -2.06 -4.76 -9.11
C GLY A 19 -2.26 -3.37 -8.51
N PHE A 20 -3.00 -3.32 -7.41
CA PHE A 20 -3.28 -2.06 -6.72
C PHE A 20 -3.51 -2.31 -5.25
N ILE A 21 -2.87 -1.51 -4.39
CA ILE A 21 -3.08 -1.66 -2.96
C ILE A 21 -4.20 -0.73 -2.55
N SER A 22 -5.23 -1.31 -1.95
CA SER A 22 -6.40 -0.55 -1.52
C SER A 22 -6.42 -0.42 -0.01
N ALA A 23 -7.13 0.58 0.49
CA ALA A 23 -7.23 0.77 1.93
C ALA A 23 -7.80 -0.51 2.52
N ALA A 24 -8.81 -1.05 1.83
CA ALA A 24 -9.44 -2.28 2.25
C ALA A 24 -8.41 -3.39 2.35
N GLU A 25 -7.64 -3.56 1.28
CA GLU A 25 -6.61 -4.57 1.23
C GLU A 25 -5.52 -4.24 2.26
N LEU A 26 -5.17 -2.97 2.32
CA LEU A 26 -4.16 -2.50 3.27
C LEU A 26 -4.67 -2.68 4.71
N ARG A 27 -5.97 -2.46 4.90
CA ARG A 27 -6.58 -2.61 6.21
C ARG A 27 -6.48 -4.07 6.66
N HIS A 28 -6.76 -4.97 5.74
CA HIS A 28 -6.72 -6.41 6.04
C HIS A 28 -5.30 -6.85 6.37
N VAL A 29 -4.34 -6.35 5.61
CA VAL A 29 -2.94 -6.70 5.82
C VAL A 29 -2.44 -6.13 7.15
N MET A 30 -2.85 -4.90 7.45
CA MET A 30 -2.47 -4.24 8.69
C MET A 30 -3.10 -4.95 9.89
N THR A 31 -4.28 -5.53 9.69
CA THR A 31 -4.96 -6.24 10.75
C THR A 31 -4.30 -7.61 10.98
N ASN A 32 -3.88 -8.24 9.90
CA ASN A 32 -3.21 -9.54 9.98
C ASN A 32 -1.87 -9.36 10.69
N LEU A 33 -1.26 -8.23 10.38
CA LEU A 33 0.03 -7.83 10.93
C LEU A 33 -0.05 -7.68 12.45
N GLY A 34 -1.17 -7.14 12.91
CA GLY A 34 -1.39 -6.89 14.33
C GLY A 34 -1.29 -5.39 14.57
N GLU A 35 -1.45 -4.66 13.48
CA GLU A 35 -1.42 -3.20 13.50
C GLU A 35 -2.87 -2.71 13.46
N LYS A 36 -3.21 -1.77 14.33
CA LYS A 36 -4.58 -1.25 14.38
C LYS A 36 -4.61 0.23 14.05
N LEU A 37 -4.80 0.54 12.77
CA LEU A 37 -4.87 1.92 12.31
C LEU A 37 -6.33 2.34 12.14
N THR A 38 -6.57 3.63 12.33
CA THR A 38 -7.92 4.17 12.16
C THR A 38 -8.18 4.44 10.70
N ASP A 39 -9.41 4.81 10.39
CA ASP A 39 -9.77 5.12 9.02
C ASP A 39 -8.98 6.33 8.54
N GLU A 40 -8.77 7.28 9.44
CA GLU A 40 -8.05 8.50 9.11
C GLU A 40 -6.56 8.23 8.85
N GLU A 41 -5.95 7.35 9.64
CA GLU A 41 -4.54 7.04 9.42
C GLU A 41 -4.40 6.34 8.08
N VAL A 42 -5.31 5.41 7.85
CA VAL A 42 -5.32 4.65 6.61
C VAL A 42 -5.51 5.58 5.42
N ASP A 43 -6.52 6.45 5.52
CA ASP A 43 -6.80 7.40 4.45
C ASP A 43 -5.65 8.40 4.30
N GLU A 44 -5.20 8.98 5.40
CA GLU A 44 -4.11 9.96 5.37
C GLU A 44 -2.87 9.37 4.71
N MET A 45 -2.54 8.15 5.08
CA MET A 45 -1.39 7.47 4.50
C MET A 45 -1.61 7.24 3.01
N ILE A 46 -2.82 6.84 2.68
CA ILE A 46 -3.22 6.57 1.30
C ILE A 46 -3.28 7.87 0.49
N ARG A 47 -3.87 8.92 1.06
CA ARG A 47 -3.96 10.20 0.37
C ARG A 47 -2.57 10.79 0.15
N GLU A 48 -1.70 10.55 1.12
CA GLU A 48 -0.32 11.03 1.05
C GLU A 48 0.47 10.26 -0.02
N ALA A 49 0.24 8.96 -0.09
CA ALA A 49 0.93 8.12 -1.07
C ALA A 49 0.29 8.27 -2.44
N ASP A 50 -0.91 8.85 -2.48
CA ASP A 50 -1.63 9.07 -3.74
C ASP A 50 -1.42 10.50 -4.23
N VAL A 51 -0.78 10.64 -5.40
CA VAL A 51 -0.53 11.97 -5.98
C VAL A 51 -1.40 12.18 -7.21
N ASP A 52 -1.82 11.08 -7.80
CA ASP A 52 -2.70 11.15 -8.96
C ASP A 52 -4.12 11.03 -8.43
N GLY A 53 -4.20 10.86 -7.11
CA GLY A 53 -5.48 10.75 -6.44
C GLY A 53 -6.27 9.55 -6.96
N ASP A 54 -5.62 8.71 -7.75
CA ASP A 54 -6.27 7.53 -8.31
C ASP A 54 -7.12 6.82 -7.26
N GLY A 55 -6.80 7.08 -5.99
CA GLY A 55 -7.54 6.47 -4.88
C GLY A 55 -6.95 5.12 -4.51
N GLN A 56 -5.92 4.73 -5.25
CA GLN A 56 -5.24 3.45 -5.01
C GLN A 56 -3.76 3.64 -5.19
N ILE A 57 -2.96 2.75 -4.60
CA ILE A 57 -1.52 2.84 -4.72
C ILE A 57 -1.08 1.77 -5.72
N ASN A 58 -0.62 2.21 -6.87
CA ASN A 58 -0.14 1.28 -7.88
C ASN A 58 1.29 0.92 -7.51
N TYR A 59 1.82 -0.15 -8.06
CA TYR A 59 3.17 -0.56 -7.71
C TYR A 59 4.14 0.61 -7.88
N GLU A 60 4.06 1.31 -8.99
CA GLU A 60 4.97 2.44 -9.24
C GLU A 60 4.86 3.48 -8.13
N GLU A 61 3.65 3.80 -7.72
CA GLU A 61 3.44 4.79 -6.67
C GLU A 61 4.00 4.28 -5.35
N PHE A 62 3.80 2.98 -5.11
CA PHE A 62 4.30 2.34 -3.91
C PHE A 62 5.82 2.44 -3.87
N VAL A 63 6.41 2.30 -5.05
CA VAL A 63 7.86 2.37 -5.19
C VAL A 63 8.32 3.80 -4.90
N LYS A 64 7.58 4.78 -5.39
CA LYS A 64 7.92 6.19 -5.19
C LYS A 64 7.91 6.57 -3.70
N VAL A 65 6.84 6.19 -3.00
CA VAL A 65 6.70 6.51 -1.58
C VAL A 65 7.64 5.65 -0.73
N MET A 66 7.67 4.36 -1.02
CA MET A 66 8.52 3.43 -0.27
C MET A 66 9.98 3.76 -0.44
N MET A 67 10.37 3.99 -1.69
CA MET A 67 11.76 4.32 -2.00
C MET A 67 12.14 5.67 -1.38
N ALA A 68 11.22 6.64 -1.46
CA ALA A 68 11.46 7.96 -0.91
C ALA A 68 11.63 7.89 0.61
N LYS A 69 11.44 9.01 1.28
CA LYS A 69 11.55 9.07 2.74
C LYS A 69 12.78 8.29 3.19
CA CA B . -6.63 -3.96 -5.78
CA CA C . -2.04 6.19 -7.58
N ASP A 1 18.14 -7.62 -6.40
CA ASP A 1 17.39 -8.54 -5.49
C ASP A 1 16.43 -7.72 -4.64
N SER A 2 16.85 -6.52 -4.27
CA SER A 2 16.00 -5.66 -3.44
C SER A 2 14.68 -5.40 -4.14
N GLU A 3 14.76 -5.06 -5.43
CA GLU A 3 13.56 -4.77 -6.22
C GLU A 3 12.63 -5.98 -6.21
N GLU A 4 13.20 -7.17 -6.33
CA GLU A 4 12.41 -8.39 -6.34
C GLU A 4 11.68 -8.54 -5.01
N GLU A 5 12.39 -8.21 -3.92
CA GLU A 5 11.80 -8.30 -2.59
C GLU A 5 10.67 -7.29 -2.45
N LEU A 6 10.90 -6.08 -2.94
CA LEU A 6 9.90 -5.03 -2.86
C LEU A 6 8.62 -5.50 -3.56
N LYS A 7 8.78 -6.10 -4.72
CA LYS A 7 7.64 -6.61 -5.47
C LYS A 7 6.93 -7.71 -4.70
N GLU A 8 7.69 -8.48 -3.91
CA GLU A 8 7.09 -9.51 -3.09
C GLU A 8 6.22 -8.84 -2.04
N ALA A 9 6.74 -7.76 -1.46
CA ALA A 9 6.01 -7.00 -0.46
C ALA A 9 4.73 -6.43 -1.08
N PHE A 10 4.88 -5.88 -2.29
CA PHE A 10 3.75 -5.31 -3.00
C PHE A 10 2.69 -6.38 -3.27
N ARG A 11 3.15 -7.52 -3.77
CA ARG A 11 2.26 -8.63 -4.08
C ARG A 11 1.56 -9.11 -2.82
N VAL A 12 2.26 -9.02 -1.70
CA VAL A 12 1.71 -9.41 -0.41
C VAL A 12 0.61 -8.42 0.00
N PHE A 13 0.90 -7.13 -0.17
CA PHE A 13 -0.04 -6.07 0.19
C PHE A 13 -1.34 -6.16 -0.61
N ASP A 14 -1.23 -6.46 -1.90
CA ASP A 14 -2.43 -6.52 -2.76
C ASP A 14 -3.03 -7.91 -2.81
N LYS A 15 -3.94 -8.19 -1.88
CA LYS A 15 -4.60 -9.49 -1.83
C LYS A 15 -5.27 -9.78 -3.16
N ASP A 16 -5.91 -8.77 -3.72
CA ASP A 16 -6.60 -8.90 -4.99
C ASP A 16 -5.58 -9.15 -6.11
N GLN A 17 -4.35 -8.72 -5.85
CA GLN A 17 -3.25 -8.86 -6.81
C GLN A 17 -3.66 -8.46 -8.23
N ASN A 18 -4.29 -7.29 -8.33
CA ASN A 18 -4.70 -6.75 -9.63
C ASN A 18 -3.69 -5.71 -10.11
N GLY A 19 -2.65 -5.52 -9.30
CA GLY A 19 -1.60 -4.56 -9.61
C GLY A 19 -1.90 -3.21 -8.96
N PHE A 20 -2.64 -3.24 -7.86
CA PHE A 20 -2.99 -2.02 -7.13
C PHE A 20 -3.18 -2.31 -5.64
N ILE A 21 -2.91 -1.32 -4.81
CA ILE A 21 -3.11 -1.47 -3.36
C ILE A 21 -4.19 -0.49 -2.94
N SER A 22 -5.17 -1.01 -2.21
CA SER A 22 -6.30 -0.19 -1.75
C SER A 22 -6.30 -0.11 -0.24
N ALA A 23 -6.89 0.95 0.31
CA ALA A 23 -6.95 1.09 1.75
C ALA A 23 -7.55 -0.20 2.32
N ALA A 24 -8.55 -0.71 1.62
CA ALA A 24 -9.20 -1.95 2.03
C ALA A 24 -8.15 -3.03 2.24
N GLU A 25 -7.34 -3.27 1.21
CA GLU A 25 -6.30 -4.28 1.29
C GLU A 25 -5.29 -3.88 2.35
N LEU A 26 -4.96 -2.61 2.39
CA LEU A 26 -4.00 -2.09 3.36
C LEU A 26 -4.55 -2.29 4.76
N ARG A 27 -5.84 -2.05 4.92
CA ARG A 27 -6.49 -2.22 6.22
C ARG A 27 -6.48 -3.69 6.62
N HIS A 28 -6.81 -4.56 5.66
CA HIS A 28 -6.84 -5.99 5.91
C HIS A 28 -5.44 -6.54 6.21
N VAL A 29 -4.47 -6.13 5.41
CA VAL A 29 -3.09 -6.58 5.58
C VAL A 29 -2.55 -6.09 6.92
N MET A 30 -2.81 -4.82 7.22
CA MET A 30 -2.36 -4.23 8.47
C MET A 30 -3.07 -4.92 9.65
N THR A 31 -4.32 -5.29 9.44
CA THR A 31 -5.10 -5.97 10.47
C THR A 31 -4.46 -7.31 10.80
N ASN A 32 -4.08 -8.05 9.75
CA ASN A 32 -3.43 -9.35 9.92
C ASN A 32 -2.12 -9.14 10.69
N LEU A 33 -1.48 -8.04 10.36
CA LEU A 33 -0.21 -7.66 10.96
C LEU A 33 -0.37 -7.49 12.48
N GLY A 34 -1.47 -6.85 12.85
CA GLY A 34 -1.75 -6.55 14.26
C GLY A 34 -1.32 -5.13 14.52
N GLU A 35 -0.96 -4.46 13.42
CA GLU A 35 -0.56 -3.07 13.42
C GLU A 35 -1.63 -2.25 12.71
N LYS A 36 -2.74 -2.01 13.40
CA LYS A 36 -3.86 -1.26 12.82
C LYS A 36 -3.90 0.15 13.39
N LEU A 37 -4.19 1.12 12.52
CA LEU A 37 -4.26 2.53 12.92
C LEU A 37 -5.71 3.00 12.83
N THR A 38 -5.90 4.30 13.06
CA THR A 38 -7.23 4.88 12.99
C THR A 38 -7.64 5.00 11.53
N ASP A 39 -8.91 5.29 11.31
CA ASP A 39 -9.42 5.45 9.96
C ASP A 39 -8.71 6.61 9.28
N GLU A 40 -8.51 7.68 10.03
CA GLU A 40 -7.87 8.87 9.51
C GLU A 40 -6.40 8.63 9.18
N GLU A 41 -5.72 7.81 9.97
CA GLU A 41 -4.31 7.51 9.68
C GLU A 41 -4.23 6.67 8.42
N VAL A 42 -5.09 5.66 8.36
CA VAL A 42 -5.13 4.78 7.21
C VAL A 42 -5.46 5.57 5.95
N ASP A 43 -6.50 6.39 6.02
CA ASP A 43 -6.91 7.21 4.87
C ASP A 43 -5.84 8.25 4.55
N GLU A 44 -5.40 8.99 5.58
CA GLU A 44 -4.40 10.03 5.38
C GLU A 44 -3.14 9.47 4.72
N MET A 45 -2.73 8.30 5.17
CA MET A 45 -1.56 7.64 4.60
C MET A 45 -1.82 7.28 3.14
N ILE A 46 -3.01 6.78 2.90
CA ILE A 46 -3.44 6.39 1.56
C ILE A 46 -3.55 7.60 0.63
N ARG A 47 -4.18 8.67 1.11
CA ARG A 47 -4.33 9.89 0.31
C ARG A 47 -2.97 10.54 0.09
N GLU A 48 -2.11 10.41 1.09
CA GLU A 48 -0.77 10.96 1.03
C GLU A 48 0.08 10.19 0.02
N ALA A 49 -0.17 8.88 -0.07
CA ALA A 49 0.57 8.03 -1.00
C ALA A 49 -0.08 8.06 -2.37
N ASP A 50 -1.32 8.53 -2.43
CA ASP A 50 -2.04 8.67 -3.68
C ASP A 50 -1.97 10.13 -4.05
N VAL A 51 -1.46 10.44 -5.23
CA VAL A 51 -1.38 11.81 -5.70
C VAL A 51 -2.10 11.91 -7.06
N ASP A 52 -2.49 10.75 -7.62
CA ASP A 52 -3.31 10.72 -8.87
C ASP A 52 -4.75 10.70 -8.39
N GLY A 53 -4.86 10.65 -7.07
CA GLY A 53 -6.13 10.64 -6.37
C GLY A 53 -7.01 9.44 -6.75
N ASP A 54 -6.52 8.63 -7.69
CA ASP A 54 -7.27 7.47 -8.15
C ASP A 54 -7.85 6.69 -6.98
N GLY A 55 -7.22 6.81 -5.81
CA GLY A 55 -7.69 6.10 -4.61
C GLY A 55 -6.96 4.78 -4.46
N GLN A 56 -6.03 4.53 -5.38
CA GLN A 56 -5.23 3.31 -5.36
C GLN A 56 -3.78 3.64 -5.63
N ILE A 57 -2.88 2.80 -5.12
CA ILE A 57 -1.46 2.99 -5.33
C ILE A 57 -0.95 1.90 -6.25
N ASN A 58 -0.42 2.31 -7.39
CA ASN A 58 0.12 1.35 -8.34
C ASN A 58 1.51 0.96 -7.86
N TYR A 59 2.09 -0.08 -8.44
CA TYR A 59 3.41 -0.51 -8.00
C TYR A 59 4.39 0.66 -8.00
N GLU A 60 4.69 1.18 -9.18
CA GLU A 60 5.63 2.29 -9.30
C GLU A 60 5.39 3.34 -8.21
N GLU A 61 4.13 3.69 -8.00
CA GLU A 61 3.81 4.67 -6.99
C GLU A 61 4.09 4.11 -5.60
N PHE A 62 3.85 2.81 -5.44
CA PHE A 62 4.11 2.14 -4.17
C PHE A 62 5.60 2.22 -3.88
N VAL A 63 6.38 2.09 -4.95
CA VAL A 63 7.83 2.15 -4.85
C VAL A 63 8.27 3.55 -4.42
N LYS A 64 7.63 4.56 -4.98
CA LYS A 64 7.96 5.96 -4.68
C LYS A 64 7.76 6.27 -3.19
N VAL A 65 6.60 5.89 -2.63
CA VAL A 65 6.33 6.15 -1.22
C VAL A 65 7.13 5.22 -0.31
N MET A 66 7.27 3.96 -0.71
CA MET A 66 8.00 2.99 0.09
C MET A 66 9.49 3.30 0.07
N MET A 67 10.00 3.58 -1.11
CA MET A 67 11.41 3.91 -1.27
C MET A 67 11.75 5.24 -0.58
N ALA A 68 10.84 6.20 -0.71
CA ALA A 68 11.05 7.52 -0.11
C ALA A 68 11.36 7.37 1.38
N LYS A 69 10.39 6.88 2.15
CA LYS A 69 10.56 6.70 3.59
C LYS A 69 9.85 5.43 4.05
CA CA B . -6.04 -4.40 -5.29
CA CA C . -2.43 7.03 -7.57
N ASP A 1 18.75 -7.48 -6.61
CA ASP A 1 17.50 -8.27 -6.41
C ASP A 1 16.57 -7.51 -5.48
N SER A 2 17.05 -6.38 -4.94
CA SER A 2 16.25 -5.58 -4.03
C SER A 2 14.86 -5.36 -4.62
N GLU A 3 14.82 -5.06 -5.91
CA GLU A 3 13.56 -4.81 -6.59
C GLU A 3 12.64 -6.03 -6.47
N GLU A 4 13.21 -7.22 -6.60
CA GLU A 4 12.41 -8.43 -6.50
C GLU A 4 11.75 -8.52 -5.15
N GLU A 5 12.50 -8.19 -4.10
CA GLU A 5 11.98 -8.22 -2.74
C GLU A 5 10.87 -7.20 -2.57
N LEU A 6 11.07 -6.02 -3.12
CA LEU A 6 10.05 -4.96 -3.03
C LEU A 6 8.74 -5.43 -3.65
N LYS A 7 8.86 -6.07 -4.80
CA LYS A 7 7.69 -6.58 -5.51
C LYS A 7 6.98 -7.65 -4.69
N GLU A 8 7.76 -8.41 -3.92
CA GLU A 8 7.17 -9.42 -3.05
C GLU A 8 6.33 -8.71 -2.00
N ALA A 9 6.88 -7.64 -1.45
CA ALA A 9 6.18 -6.84 -0.44
C ALA A 9 4.90 -6.29 -1.05
N PHE A 10 5.02 -5.75 -2.25
CA PHE A 10 3.87 -5.19 -2.94
C PHE A 10 2.82 -6.27 -3.19
N ARG A 11 3.28 -7.42 -3.68
CA ARG A 11 2.39 -8.53 -3.96
C ARG A 11 1.70 -8.99 -2.68
N VAL A 12 2.42 -8.92 -1.57
CA VAL A 12 1.86 -9.30 -0.27
C VAL A 12 0.76 -8.30 0.12
N PHE A 13 1.08 -7.02 -0.05
CA PHE A 13 0.16 -5.93 0.29
C PHE A 13 -1.15 -6.02 -0.49
N ASP A 14 -1.05 -6.34 -1.77
CA ASP A 14 -2.23 -6.39 -2.63
C ASP A 14 -2.97 -7.72 -2.47
N LYS A 15 -3.96 -7.75 -1.56
CA LYS A 15 -4.72 -8.96 -1.34
C LYS A 15 -5.36 -9.41 -2.64
N ASP A 16 -5.97 -8.47 -3.35
CA ASP A 16 -6.63 -8.77 -4.61
C ASP A 16 -5.60 -9.15 -5.67
N GLN A 17 -4.47 -8.45 -5.66
CA GLN A 17 -3.40 -8.69 -6.62
C GLN A 17 -3.79 -8.26 -8.04
N ASN A 18 -4.26 -7.02 -8.19
CA ASN A 18 -4.65 -6.50 -9.52
C ASN A 18 -3.65 -5.43 -9.98
N GLY A 19 -2.61 -5.24 -9.18
CA GLY A 19 -1.58 -4.24 -9.48
C GLY A 19 -1.91 -2.91 -8.81
N PHE A 20 -2.59 -3.00 -7.67
CA PHE A 20 -2.96 -1.81 -6.90
C PHE A 20 -3.17 -2.18 -5.45
N ILE A 21 -3.01 -1.20 -4.55
CA ILE A 21 -3.24 -1.41 -3.13
C ILE A 21 -4.36 -0.47 -2.69
N SER A 22 -5.35 -1.02 -2.02
CA SER A 22 -6.48 -0.24 -1.55
C SER A 22 -6.46 -0.14 -0.04
N ALA A 23 -7.06 0.92 0.48
CA ALA A 23 -7.12 1.08 1.93
C ALA A 23 -7.68 -0.19 2.52
N ALA A 24 -8.69 -0.73 1.84
CA ALA A 24 -9.32 -1.96 2.26
C ALA A 24 -8.27 -3.06 2.36
N GLU A 25 -7.51 -3.21 1.29
CA GLU A 25 -6.47 -4.20 1.25
C GLU A 25 -5.42 -3.89 2.31
N LEU A 26 -5.06 -2.62 2.41
CA LEU A 26 -4.09 -2.17 3.39
C LEU A 26 -4.62 -2.41 4.80
N ARG A 27 -5.93 -2.19 4.97
CA ARG A 27 -6.57 -2.39 6.26
C ARG A 27 -6.53 -3.87 6.63
N HIS A 28 -6.79 -4.72 5.65
CA HIS A 28 -6.80 -6.17 5.86
C HIS A 28 -5.38 -6.69 6.18
N VAL A 29 -4.40 -6.20 5.43
CA VAL A 29 -3.02 -6.62 5.63
C VAL A 29 -2.52 -6.16 7.00
N MET A 30 -2.83 -4.91 7.36
CA MET A 30 -2.45 -4.36 8.64
C MET A 30 -3.16 -5.11 9.77
N THR A 31 -4.38 -5.54 9.50
CA THR A 31 -5.15 -6.29 10.49
C THR A 31 -4.48 -7.64 10.78
N ASN A 32 -4.06 -8.32 9.71
CA ASN A 32 -3.39 -9.61 9.84
C ASN A 32 -2.15 -9.44 10.71
N LEU A 33 -1.50 -8.31 10.48
CA LEU A 33 -0.29 -7.93 11.18
C LEU A 33 -0.54 -7.90 12.70
N GLY A 34 -1.69 -7.37 13.08
CA GLY A 34 -2.04 -7.23 14.49
C GLY A 34 -1.84 -5.77 14.87
N GLU A 35 -1.84 -4.94 13.83
CA GLU A 35 -1.72 -3.50 13.98
C GLU A 35 -3.12 -2.90 13.86
N LYS A 36 -3.44 -1.93 14.72
CA LYS A 36 -4.78 -1.31 14.69
C LYS A 36 -4.71 0.16 14.36
N LEU A 37 -4.74 0.46 13.06
CA LEU A 37 -4.69 1.84 12.59
C LEU A 37 -6.09 2.42 12.55
N THR A 38 -6.17 3.73 12.42
CA THR A 38 -7.45 4.42 12.34
C THR A 38 -7.73 4.82 10.89
N ASP A 39 -8.94 5.28 10.63
CA ASP A 39 -9.32 5.68 9.30
C ASP A 39 -8.42 6.82 8.82
N GLU A 40 -8.14 7.75 9.73
CA GLU A 40 -7.32 8.91 9.42
C GLU A 40 -5.89 8.55 9.03
N GLU A 41 -5.27 7.62 9.76
CA GLU A 41 -3.92 7.19 9.42
C GLU A 41 -3.96 6.50 8.08
N VAL A 42 -4.93 5.60 7.96
CA VAL A 42 -5.11 4.83 6.74
C VAL A 42 -5.37 5.77 5.56
N ASP A 43 -6.29 6.70 5.75
CA ASP A 43 -6.62 7.67 4.72
C ASP A 43 -5.44 8.60 4.44
N GLU A 44 -4.88 9.19 5.50
CA GLU A 44 -3.76 10.12 5.36
C GLU A 44 -2.62 9.47 4.59
N MET A 45 -2.30 8.24 4.95
CA MET A 45 -1.23 7.50 4.28
C MET A 45 -1.60 7.26 2.83
N ILE A 46 -2.84 6.87 2.62
CA ILE A 46 -3.36 6.59 1.29
C ILE A 46 -3.45 7.86 0.44
N ARG A 47 -3.97 8.94 1.02
CA ARG A 47 -4.08 10.20 0.28
C ARG A 47 -2.69 10.76 -0.01
N GLU A 48 -1.78 10.54 0.94
CA GLU A 48 -0.41 11.00 0.80
C GLU A 48 0.33 10.20 -0.28
N ALA A 49 0.06 8.90 -0.33
CA ALA A 49 0.68 8.05 -1.33
C ALA A 49 -0.04 8.17 -2.66
N ASP A 50 -1.23 8.79 -2.65
CA ASP A 50 -2.04 8.98 -3.87
C ASP A 50 -2.07 10.47 -4.29
N VAL A 51 -1.74 10.70 -5.54
CA VAL A 51 -1.60 12.03 -6.13
C VAL A 51 -2.35 12.08 -7.46
N ASP A 52 -2.72 10.88 -7.95
CA ASP A 52 -3.47 10.77 -9.17
C ASP A 52 -4.93 10.68 -8.75
N GLY A 53 -5.10 10.52 -7.44
CA GLY A 53 -6.42 10.44 -6.86
C GLY A 53 -7.14 9.15 -7.27
N ASP A 54 -6.40 8.23 -7.87
CA ASP A 54 -6.99 6.96 -8.32
C ASP A 54 -7.70 6.27 -7.16
N GLY A 55 -7.17 6.44 -5.96
CA GLY A 55 -7.75 5.83 -4.76
C GLY A 55 -7.00 4.57 -4.35
N GLN A 56 -5.96 4.25 -5.11
CA GLN A 56 -5.14 3.09 -4.83
C GLN A 56 -3.69 3.40 -5.14
N ILE A 57 -2.78 2.62 -4.58
CA ILE A 57 -1.36 2.83 -4.82
C ILE A 57 -0.94 1.83 -5.89
N ASN A 58 -0.49 2.35 -7.02
CA ASN A 58 -0.03 1.49 -8.09
C ASN A 58 1.37 1.04 -7.72
N TYR A 59 1.88 0.00 -8.35
CA TYR A 59 3.20 -0.49 -7.99
C TYR A 59 4.23 0.64 -8.05
N GLU A 60 4.29 1.37 -9.16
CA GLU A 60 5.25 2.46 -9.29
C GLU A 60 5.07 3.48 -8.17
N GLU A 61 3.84 3.83 -7.88
CA GLU A 61 3.57 4.81 -6.84
C GLU A 61 4.02 4.26 -5.49
N PHE A 62 3.85 2.96 -5.32
CA PHE A 62 4.26 2.28 -4.10
C PHE A 62 5.77 2.37 -3.95
N VAL A 63 6.45 2.20 -5.08
CA VAL A 63 7.90 2.26 -5.11
C VAL A 63 8.33 3.66 -4.65
N LYS A 64 7.66 4.68 -5.14
CA LYS A 64 7.97 6.05 -4.77
C LYS A 64 7.77 6.25 -3.25
N VAL A 65 6.65 5.76 -2.72
CA VAL A 65 6.36 5.88 -1.30
C VAL A 65 7.30 5.02 -0.46
N MET A 66 7.50 3.78 -0.90
CA MET A 66 8.36 2.85 -0.18
C MET A 66 9.82 3.34 -0.19
N MET A 67 10.26 3.82 -1.34
CA MET A 67 11.63 4.31 -1.47
C MET A 67 11.85 5.53 -0.56
N ALA A 68 10.86 6.42 -0.52
CA ALA A 68 10.95 7.62 0.31
C ALA A 68 11.05 7.25 1.78
N LYS A 69 10.96 5.95 2.07
CA LYS A 69 11.03 5.46 3.45
C LYS A 69 12.18 4.48 3.60
CA CA B . -5.84 -4.47 -5.65
CA CA C . -2.15 6.07 -7.50
N ASP A 1 18.33 -7.61 -6.60
CA ASP A 1 17.48 -8.52 -5.77
C ASP A 1 16.54 -7.69 -4.91
N SER A 2 16.99 -6.49 -4.55
CA SER A 2 16.17 -5.61 -3.71
C SER A 2 14.84 -5.32 -4.40
N GLU A 3 14.91 -4.96 -5.68
CA GLU A 3 13.71 -4.65 -6.44
C GLU A 3 12.74 -5.83 -6.42
N GLU A 4 13.27 -7.04 -6.57
CA GLU A 4 12.44 -8.23 -6.56
C GLU A 4 11.79 -8.39 -5.19
N GLU A 5 12.56 -8.07 -4.14
CA GLU A 5 12.04 -8.14 -2.78
C GLU A 5 10.92 -7.13 -2.57
N LEU A 6 11.10 -5.94 -3.13
CA LEU A 6 10.09 -4.89 -3.00
C LEU A 6 8.79 -5.35 -3.64
N LYS A 7 8.90 -5.95 -4.81
CA LYS A 7 7.74 -6.44 -5.54
C LYS A 7 7.05 -7.54 -4.76
N GLU A 8 7.83 -8.32 -4.00
CA GLU A 8 7.24 -9.36 -3.18
C GLU A 8 6.37 -8.69 -2.11
N ALA A 9 6.92 -7.63 -1.53
CA ALA A 9 6.20 -6.87 -0.51
C ALA A 9 4.91 -6.31 -1.11
N PHE A 10 5.03 -5.78 -2.32
CA PHE A 10 3.88 -5.22 -3.02
C PHE A 10 2.82 -6.30 -3.23
N ARG A 11 3.26 -7.47 -3.68
CA ARG A 11 2.37 -8.58 -3.94
C ARG A 11 1.66 -9.00 -2.66
N VAL A 12 2.37 -8.88 -1.53
CA VAL A 12 1.80 -9.22 -0.23
C VAL A 12 0.68 -8.24 0.13
N PHE A 13 0.96 -6.96 -0.10
CA PHE A 13 0.02 -5.90 0.20
C PHE A 13 -1.26 -6.00 -0.63
N ASP A 14 -1.11 -6.34 -1.90
CA ASP A 14 -2.25 -6.42 -2.80
C ASP A 14 -2.99 -7.77 -2.69
N LYS A 15 -3.96 -7.84 -1.78
CA LYS A 15 -4.72 -9.05 -1.61
C LYS A 15 -5.48 -9.38 -2.89
N ASP A 16 -6.15 -8.38 -3.43
CA ASP A 16 -6.91 -8.56 -4.66
C ASP A 16 -5.98 -8.94 -5.81
N GLN A 17 -4.67 -8.67 -5.65
CA GLN A 17 -3.69 -8.99 -6.69
C GLN A 17 -4.12 -8.39 -8.04
N ASN A 18 -4.62 -7.16 -8.07
CA ASN A 18 -5.02 -6.58 -9.37
C ASN A 18 -3.98 -5.57 -9.84
N GLY A 19 -2.88 -5.53 -9.11
CA GLY A 19 -1.79 -4.62 -9.43
C GLY A 19 -2.05 -3.26 -8.81
N PHE A 20 -2.79 -3.26 -7.71
CA PHE A 20 -3.12 -2.03 -6.99
C PHE A 20 -3.32 -2.33 -5.51
N ILE A 21 -3.04 -1.33 -4.67
CA ILE A 21 -3.25 -1.47 -3.23
C ILE A 21 -4.35 -0.51 -2.83
N SER A 22 -5.34 -1.04 -2.14
CA SER A 22 -6.48 -0.24 -1.70
C SER A 22 -6.47 -0.12 -0.18
N ALA A 23 -7.12 0.92 0.33
CA ALA A 23 -7.18 1.10 1.77
C ALA A 23 -7.73 -0.17 2.37
N ALA A 24 -8.74 -0.72 1.71
CA ALA A 24 -9.37 -1.96 2.15
C ALA A 24 -8.29 -3.01 2.36
N GLU A 25 -7.47 -3.22 1.33
CA GLU A 25 -6.41 -4.18 1.40
C GLU A 25 -5.39 -3.75 2.45
N LEU A 26 -5.10 -2.46 2.48
CA LEU A 26 -4.15 -1.91 3.44
C LEU A 26 -4.66 -2.16 4.87
N ARG A 27 -5.96 -1.97 5.06
CA ARG A 27 -6.56 -2.19 6.37
C ARG A 27 -6.49 -3.67 6.73
N HIS A 28 -6.76 -4.53 5.75
CA HIS A 28 -6.75 -5.97 5.95
C HIS A 28 -5.34 -6.47 6.24
N VAL A 29 -4.37 -6.00 5.46
CA VAL A 29 -2.98 -6.41 5.63
C VAL A 29 -2.45 -5.92 6.99
N MET A 30 -2.79 -4.68 7.32
CA MET A 30 -2.37 -4.11 8.60
C MET A 30 -3.03 -4.87 9.74
N THR A 31 -4.26 -5.33 9.53
CA THR A 31 -4.97 -6.10 10.54
C THR A 31 -4.27 -7.43 10.78
N ASN A 32 -3.85 -8.08 9.69
CA ASN A 32 -3.16 -9.36 9.78
C ASN A 32 -1.91 -9.18 10.63
N LEU A 33 -1.30 -8.02 10.46
CA LEU A 33 -0.08 -7.65 11.17
C LEU A 33 -0.31 -7.72 12.68
N GLY A 34 -1.47 -7.24 13.11
CA GLY A 34 -1.81 -7.18 14.52
C GLY A 34 -1.67 -5.73 14.97
N GLU A 35 -1.72 -4.84 13.99
CA GLU A 35 -1.65 -3.41 14.22
C GLU A 35 -3.06 -2.85 14.10
N LYS A 36 -3.43 -1.91 14.96
CA LYS A 36 -4.77 -1.33 14.92
C LYS A 36 -4.73 0.14 14.55
N LEU A 37 -4.81 0.41 13.25
CA LEU A 37 -4.80 1.78 12.74
C LEU A 37 -6.22 2.28 12.59
N THR A 38 -6.39 3.59 12.70
CA THR A 38 -7.70 4.20 12.56
C THR A 38 -7.96 4.54 11.09
N ASP A 39 -9.17 4.94 10.78
CA ASP A 39 -9.52 5.29 9.42
C ASP A 39 -8.70 6.50 8.95
N GLU A 40 -8.52 7.46 9.86
CA GLU A 40 -7.77 8.68 9.55
C GLU A 40 -6.31 8.40 9.20
N GLU A 41 -5.65 7.52 9.96
CA GLU A 41 -4.27 7.20 9.66
C GLU A 41 -4.23 6.47 8.34
N VAL A 42 -5.14 5.52 8.18
CA VAL A 42 -5.24 4.74 6.97
C VAL A 42 -5.48 5.65 5.77
N ASP A 43 -6.47 6.52 5.89
CA ASP A 43 -6.79 7.45 4.81
C ASP A 43 -5.63 8.42 4.55
N GLU A 44 -5.10 9.01 5.61
CA GLU A 44 -3.99 9.95 5.48
C GLU A 44 -2.82 9.32 4.73
N MET A 45 -2.50 8.09 5.07
CA MET A 45 -1.42 7.38 4.41
C MET A 45 -1.75 7.12 2.95
N ILE A 46 -2.99 6.70 2.73
CA ILE A 46 -3.49 6.42 1.39
C ILE A 46 -3.57 7.69 0.54
N ARG A 47 -4.08 8.77 1.11
CA ARG A 47 -4.19 10.03 0.37
C ARG A 47 -2.80 10.61 0.11
N GLU A 48 -1.91 10.40 1.07
CA GLU A 48 -0.55 10.89 0.98
C GLU A 48 0.23 10.11 -0.09
N ALA A 49 0.00 8.81 -0.15
CA ALA A 49 0.68 7.97 -1.13
C ALA A 49 -0.01 8.05 -2.48
N ASP A 50 -1.21 8.64 -2.50
CA ASP A 50 -1.96 8.80 -3.74
C ASP A 50 -1.76 10.20 -4.33
N VAL A 51 -1.14 10.24 -5.52
CA VAL A 51 -0.87 11.51 -6.23
C VAL A 51 -1.81 11.66 -7.40
N ASP A 52 -2.28 10.53 -7.90
CA ASP A 52 -3.15 10.52 -9.05
C ASP A 52 -4.57 10.60 -8.55
N GLY A 53 -4.68 10.57 -7.24
CA GLY A 53 -5.98 10.63 -6.59
C GLY A 53 -6.85 9.44 -6.98
N ASP A 54 -6.36 8.61 -7.92
CA ASP A 54 -7.12 7.44 -8.37
C ASP A 54 -7.75 6.72 -7.18
N GLY A 55 -7.17 6.91 -6.00
CA GLY A 55 -7.68 6.27 -4.78
C GLY A 55 -6.99 4.94 -4.54
N GLN A 56 -6.03 4.62 -5.40
CA GLN A 56 -5.28 3.37 -5.28
C GLN A 56 -3.81 3.65 -5.54
N ILE A 57 -2.94 2.80 -5.00
CA ILE A 57 -1.51 2.95 -5.19
C ILE A 57 -1.02 1.86 -6.11
N ASN A 58 -0.54 2.25 -7.29
CA ASN A 58 -0.01 1.27 -8.23
C ASN A 58 1.40 0.94 -7.79
N TYR A 59 1.98 -0.10 -8.36
CA TYR A 59 3.32 -0.48 -7.94
C TYR A 59 4.29 0.70 -8.05
N GLU A 60 4.48 1.21 -9.27
CA GLU A 60 5.39 2.33 -9.49
C GLU A 60 5.28 3.36 -8.37
N GLU A 61 4.07 3.71 -8.01
CA GLU A 61 3.85 4.68 -6.96
C GLU A 61 4.26 4.09 -5.61
N PHE A 62 3.95 2.82 -5.43
CA PHE A 62 4.31 2.13 -4.20
C PHE A 62 5.82 2.16 -4.03
N VAL A 63 6.51 2.25 -5.15
CA VAL A 63 7.95 2.31 -5.14
C VAL A 63 8.41 3.71 -4.72
N LYS A 64 7.69 4.73 -5.19
CA LYS A 64 8.02 6.11 -4.86
C LYS A 64 7.95 6.33 -3.34
N VAL A 65 6.88 5.86 -2.71
CA VAL A 65 6.74 6.03 -1.25
C VAL A 65 7.65 5.08 -0.48
N MET A 66 7.71 3.82 -0.91
CA MET A 66 8.54 2.83 -0.23
C MET A 66 10.01 3.24 -0.25
N MET A 67 10.48 3.67 -1.42
CA MET A 67 11.86 4.10 -1.56
C MET A 67 12.11 5.38 -0.76
N ALA A 68 11.24 6.37 -0.94
CA ALA A 68 11.37 7.65 -0.23
C ALA A 68 10.04 8.00 0.45
N LYS A 69 10.13 8.68 1.59
CA LYS A 69 8.94 9.09 2.33
C LYS A 69 9.10 10.51 2.87
CA CA B . -6.49 -3.99 -5.11
CA CA C . -2.22 7.22 -7.02
N ASP A 1 17.97 -9.76 -4.53
CA ASP A 1 17.49 -8.57 -5.29
C ASP A 1 16.51 -7.79 -4.41
N SER A 2 16.95 -6.63 -3.94
CA SER A 2 16.11 -5.80 -3.09
C SER A 2 14.82 -5.46 -3.82
N GLU A 3 14.94 -5.05 -5.07
CA GLU A 3 13.79 -4.68 -5.87
C GLU A 3 12.79 -5.84 -5.94
N GLU A 4 13.32 -7.06 -6.10
CA GLU A 4 12.48 -8.23 -6.17
C GLU A 4 11.72 -8.41 -4.85
N GLU A 5 12.40 -8.13 -3.74
CA GLU A 5 11.81 -8.24 -2.43
C GLU A 5 10.68 -7.22 -2.26
N LEU A 6 10.89 -6.03 -2.77
CA LEU A 6 9.89 -4.97 -2.68
C LEU A 6 8.61 -5.41 -3.40
N LYS A 7 8.80 -5.98 -4.57
CA LYS A 7 7.67 -6.45 -5.37
C LYS A 7 6.93 -7.56 -4.64
N GLU A 8 7.67 -8.37 -3.88
CA GLU A 8 7.02 -9.41 -3.09
C GLU A 8 6.13 -8.76 -2.05
N ALA A 9 6.66 -7.70 -1.44
CA ALA A 9 5.91 -6.95 -0.44
C ALA A 9 4.65 -6.37 -1.08
N PHE A 10 4.82 -5.80 -2.26
CA PHE A 10 3.70 -5.22 -3.00
C PHE A 10 2.65 -6.29 -3.28
N ARG A 11 3.10 -7.45 -3.73
CA ARG A 11 2.19 -8.56 -4.02
C ARG A 11 1.47 -9.01 -2.76
N VAL A 12 2.17 -8.94 -1.62
CA VAL A 12 1.58 -9.31 -0.34
C VAL A 12 0.47 -8.32 0.02
N PHE A 13 0.77 -7.05 -0.14
CA PHE A 13 -0.17 -5.98 0.18
C PHE A 13 -1.44 -6.05 -0.67
N ASP A 14 -1.28 -6.34 -1.95
CA ASP A 14 -2.40 -6.39 -2.87
C ASP A 14 -3.08 -7.77 -2.88
N LYS A 15 -3.97 -7.99 -1.93
CA LYS A 15 -4.68 -9.26 -1.86
C LYS A 15 -5.48 -9.46 -3.13
N ASP A 16 -6.14 -8.40 -3.59
CA ASP A 16 -6.97 -8.45 -4.80
C ASP A 16 -6.10 -8.76 -6.02
N GLN A 17 -4.80 -8.54 -5.88
CA GLN A 17 -3.85 -8.84 -6.95
C GLN A 17 -4.28 -8.19 -8.28
N ASN A 18 -4.80 -6.96 -8.25
CA ASN A 18 -5.20 -6.30 -9.48
C ASN A 18 -4.14 -5.30 -9.89
N GLY A 19 -3.03 -5.32 -9.15
CA GLY A 19 -1.92 -4.43 -9.42
C GLY A 19 -2.15 -3.11 -8.71
N PHE A 20 -2.87 -3.18 -7.59
CA PHE A 20 -3.17 -1.99 -6.81
C PHE A 20 -3.35 -2.36 -5.34
N ILE A 21 -3.05 -1.40 -4.45
CA ILE A 21 -3.24 -1.62 -3.02
C ILE A 21 -4.33 -0.67 -2.54
N SER A 22 -5.33 -1.23 -1.87
CA SER A 22 -6.44 -0.44 -1.36
C SER A 22 -6.36 -0.32 0.15
N ALA A 23 -6.93 0.74 0.70
CA ALA A 23 -6.93 0.91 2.15
C ALA A 23 -7.49 -0.36 2.77
N ALA A 24 -8.53 -0.88 2.12
CA ALA A 24 -9.16 -2.10 2.56
C ALA A 24 -8.13 -3.21 2.70
N GLU A 25 -7.35 -3.40 1.64
CA GLU A 25 -6.32 -4.41 1.64
C GLU A 25 -5.24 -4.04 2.64
N LEU A 26 -4.87 -2.77 2.67
CA LEU A 26 -3.87 -2.29 3.60
C LEU A 26 -4.35 -2.46 5.04
N ARG A 27 -5.62 -2.16 5.28
CA ARG A 27 -6.20 -2.30 6.59
C ARG A 27 -6.14 -3.76 7.04
N HIS A 28 -6.50 -4.65 6.11
CA HIS A 28 -6.49 -6.08 6.40
C HIS A 28 -5.07 -6.60 6.62
N VAL A 29 -4.14 -6.16 5.78
CA VAL A 29 -2.74 -6.58 5.89
C VAL A 29 -2.16 -6.13 7.23
N MET A 30 -2.44 -4.89 7.61
CA MET A 30 -1.98 -4.35 8.88
C MET A 30 -2.65 -5.10 10.04
N THR A 31 -3.90 -5.50 9.82
CA THR A 31 -4.65 -6.23 10.83
C THR A 31 -4.07 -7.63 11.02
N ASN A 32 -3.77 -8.28 9.89
CA ASN A 32 -3.19 -9.63 9.91
C ASN A 32 -1.84 -9.59 10.62
N LEU A 33 -1.11 -8.53 10.32
CA LEU A 33 0.21 -8.27 10.88
C LEU A 33 0.14 -8.11 12.40
N GLY A 34 -0.91 -7.45 12.86
CA GLY A 34 -1.11 -7.19 14.28
C GLY A 34 -1.02 -5.68 14.50
N GLU A 35 -1.07 -4.97 13.38
CA GLU A 35 -1.04 -3.51 13.38
C GLU A 35 -2.46 -3.02 13.12
N LYS A 36 -2.95 -2.14 13.99
CA LYS A 36 -4.31 -1.62 13.85
C LYS A 36 -4.29 -0.11 13.67
N LEU A 37 -4.45 0.33 12.43
CA LEU A 37 -4.46 1.75 12.11
C LEU A 37 -5.90 2.26 12.02
N THR A 38 -6.09 3.53 12.32
CA THR A 38 -7.41 4.13 12.24
C THR A 38 -7.76 4.40 10.79
N ASP A 39 -9.03 4.72 10.55
CA ASP A 39 -9.48 5.02 9.20
C ASP A 39 -8.77 6.26 8.66
N GLU A 40 -8.60 7.24 9.54
CA GLU A 40 -7.96 8.50 9.17
C GLU A 40 -6.48 8.31 8.83
N GLU A 41 -5.78 7.46 9.59
CA GLU A 41 -4.37 7.22 9.30
C GLU A 41 -4.27 6.52 7.96
N VAL A 42 -5.14 5.52 7.80
CA VAL A 42 -5.18 4.74 6.58
C VAL A 42 -5.49 5.64 5.38
N ASP A 43 -6.54 6.45 5.52
CA ASP A 43 -6.93 7.37 4.45
C ASP A 43 -5.82 8.38 4.17
N GLU A 44 -5.29 8.99 5.22
CA GLU A 44 -4.24 9.99 5.07
C GLU A 44 -3.05 9.42 4.33
N MET A 45 -2.68 8.19 4.64
CA MET A 45 -1.57 7.53 3.98
C MET A 45 -1.88 7.35 2.50
N ILE A 46 -3.11 6.96 2.22
CA ILE A 46 -3.58 6.76 0.86
C ILE A 46 -3.64 8.08 0.08
N ARG A 47 -4.21 9.12 0.69
CA ARG A 47 -4.31 10.41 0.02
C ARG A 47 -2.91 11.00 -0.17
N GLU A 48 -2.05 10.75 0.79
CA GLU A 48 -0.67 11.23 0.73
C GLU A 48 0.12 10.48 -0.34
N ALA A 49 -0.08 9.17 -0.39
CA ALA A 49 0.61 8.34 -1.37
C ALA A 49 0.00 8.54 -2.75
N ASP A 50 -1.25 9.03 -2.79
CA ASP A 50 -1.93 9.26 -4.07
C ASP A 50 -1.70 10.70 -4.54
N VAL A 51 -1.08 10.83 -5.71
CA VAL A 51 -0.79 12.15 -6.28
C VAL A 51 -1.43 12.28 -7.64
N ASP A 52 -1.71 11.14 -8.26
CA ASP A 52 -2.37 11.15 -9.55
C ASP A 52 -3.86 11.24 -9.29
N GLY A 53 -4.21 11.06 -8.00
CA GLY A 53 -5.61 11.14 -7.60
C GLY A 53 -6.41 9.95 -8.16
N ASP A 54 -6.21 8.78 -7.55
CA ASP A 54 -6.93 7.57 -7.98
C ASP A 54 -7.58 6.86 -6.79
N GLY A 55 -7.03 7.05 -5.60
CA GLY A 55 -7.57 6.43 -4.40
C GLY A 55 -6.95 5.05 -4.17
N GLN A 56 -5.99 4.69 -5.02
CA GLN A 56 -5.30 3.41 -4.91
C GLN A 56 -3.81 3.63 -5.11
N ILE A 57 -3.00 2.76 -4.52
CA ILE A 57 -1.56 2.88 -4.66
C ILE A 57 -1.10 1.82 -5.64
N ASN A 58 -0.62 2.27 -6.79
CA ASN A 58 -0.14 1.34 -7.80
C ASN A 58 1.27 0.94 -7.40
N TYR A 59 1.82 -0.08 -8.03
CA TYR A 59 3.17 -0.51 -7.67
C TYR A 59 4.16 0.64 -7.77
N GLU A 60 4.15 1.34 -8.90
CA GLU A 60 5.06 2.47 -9.09
C GLU A 60 4.91 3.50 -7.98
N GLU A 61 3.67 3.87 -7.69
CA GLU A 61 3.40 4.85 -6.65
C GLU A 61 3.84 4.29 -5.30
N PHE A 62 3.63 2.99 -5.13
CA PHE A 62 4.02 2.31 -3.91
C PHE A 62 5.53 2.39 -3.77
N VAL A 63 6.22 2.14 -4.87
CA VAL A 63 7.67 2.17 -4.88
C VAL A 63 8.15 3.54 -4.45
N LYS A 64 7.53 4.59 -4.99
CA LYS A 64 7.92 5.93 -4.63
C LYS A 64 7.68 6.20 -3.14
N VAL A 65 6.52 5.75 -2.64
CA VAL A 65 6.18 5.94 -1.22
C VAL A 65 7.07 5.10 -0.30
N MET A 66 7.28 3.84 -0.68
CA MET A 66 8.10 2.94 0.14
C MET A 66 9.58 3.24 -0.02
N MET A 67 10.00 3.55 -1.23
CA MET A 67 11.40 3.84 -1.50
C MET A 67 11.82 5.16 -0.87
N ALA A 68 11.01 6.20 -1.08
CA ALA A 68 11.31 7.53 -0.54
C ALA A 68 10.40 7.85 0.65
N LYS A 69 9.37 8.65 0.38
CA LYS A 69 8.43 9.03 1.43
C LYS A 69 7.78 7.81 2.06
CA CA B . -6.60 -3.82 -4.95
CA CA C . -2.10 6.31 -7.50
N ASP A 1 17.36 -9.41 -6.51
CA ASP A 1 17.69 -7.97 -6.31
C ASP A 1 16.63 -7.32 -5.43
N SER A 2 17.04 -6.30 -4.66
CA SER A 2 16.11 -5.61 -3.77
C SER A 2 14.77 -5.39 -4.48
N GLU A 3 14.86 -5.11 -5.78
CA GLU A 3 13.65 -4.87 -6.57
C GLU A 3 12.68 -6.04 -6.43
N GLU A 4 13.20 -7.26 -6.57
CA GLU A 4 12.36 -8.44 -6.46
C GLU A 4 11.72 -8.49 -5.07
N GLU A 5 12.50 -8.09 -4.07
CA GLU A 5 12.03 -8.09 -2.70
C GLU A 5 10.90 -7.08 -2.54
N LEU A 6 11.11 -5.90 -3.10
CA LEU A 6 10.10 -4.86 -3.01
C LEU A 6 8.79 -5.36 -3.60
N LYS A 7 8.88 -5.99 -4.76
CA LYS A 7 7.70 -6.51 -5.43
C LYS A 7 7.03 -7.59 -4.59
N GLU A 8 7.83 -8.36 -3.87
CA GLU A 8 7.26 -9.39 -2.99
C GLU A 8 6.37 -8.69 -1.95
N ALA A 9 6.90 -7.61 -1.38
CA ALA A 9 6.17 -6.84 -0.39
C ALA A 9 4.90 -6.29 -1.04
N PHE A 10 5.02 -5.82 -2.26
CA PHE A 10 3.89 -5.27 -2.98
C PHE A 10 2.81 -6.34 -3.14
N ARG A 11 3.23 -7.55 -3.52
CA ARG A 11 2.31 -8.65 -3.71
C ARG A 11 1.62 -9.01 -2.39
N VAL A 12 2.34 -8.84 -1.30
CA VAL A 12 1.79 -9.11 0.03
C VAL A 12 0.65 -8.13 0.31
N PHE A 13 0.90 -6.86 0.00
CA PHE A 13 -0.06 -5.80 0.22
C PHE A 13 -1.33 -5.97 -0.61
N ASP A 14 -1.16 -6.40 -1.85
CA ASP A 14 -2.30 -6.54 -2.76
C ASP A 14 -3.02 -7.88 -2.58
N LYS A 15 -3.99 -7.91 -1.66
CA LYS A 15 -4.75 -9.13 -1.41
C LYS A 15 -5.42 -9.58 -2.70
N ASP A 16 -6.05 -8.63 -3.39
CA ASP A 16 -6.74 -8.92 -4.63
C ASP A 16 -5.74 -9.31 -5.73
N GLN A 17 -4.60 -8.61 -5.75
CA GLN A 17 -3.54 -8.87 -6.74
C GLN A 17 -3.92 -8.37 -8.12
N ASN A 18 -4.37 -7.12 -8.22
CA ASN A 18 -4.76 -6.53 -9.51
C ASN A 18 -3.74 -5.47 -9.92
N GLY A 19 -2.68 -5.35 -9.12
CA GLY A 19 -1.64 -4.37 -9.38
C GLY A 19 -1.96 -3.05 -8.70
N PHE A 20 -2.77 -3.13 -7.64
CA PHE A 20 -3.16 -1.94 -6.89
C PHE A 20 -3.38 -2.29 -5.42
N ILE A 21 -3.10 -1.35 -4.54
CA ILE A 21 -3.33 -1.55 -3.11
C ILE A 21 -4.42 -0.61 -2.67
N SER A 22 -5.46 -1.17 -2.08
CA SER A 22 -6.60 -0.39 -1.63
C SER A 22 -6.56 -0.24 -0.12
N ALA A 23 -7.19 0.81 0.39
CA ALA A 23 -7.23 1.02 1.83
C ALA A 23 -7.78 -0.24 2.46
N ALA A 24 -8.78 -0.80 1.80
CA ALA A 24 -9.41 -2.03 2.24
C ALA A 24 -8.35 -3.10 2.42
N GLU A 25 -7.54 -3.26 1.38
CA GLU A 25 -6.47 -4.25 1.41
C GLU A 25 -5.43 -3.84 2.44
N LEU A 26 -5.11 -2.54 2.45
CA LEU A 26 -4.13 -2.02 3.38
C LEU A 26 -4.62 -2.22 4.82
N ARG A 27 -5.91 -2.00 5.03
CA ARG A 27 -6.50 -2.19 6.35
C ARG A 27 -6.42 -3.66 6.75
N HIS A 28 -6.73 -4.53 5.79
CA HIS A 28 -6.71 -5.98 6.04
C HIS A 28 -5.30 -6.47 6.32
N VAL A 29 -4.34 -5.96 5.54
CA VAL A 29 -2.94 -6.36 5.70
C VAL A 29 -2.42 -5.90 7.07
N MET A 30 -2.76 -4.67 7.44
CA MET A 30 -2.35 -4.11 8.72
C MET A 30 -3.00 -4.90 9.86
N THR A 31 -4.22 -5.37 9.62
CA THR A 31 -4.95 -6.15 10.63
C THR A 31 -4.27 -7.50 10.83
N ASN A 32 -3.87 -8.12 9.72
CA ASN A 32 -3.19 -9.41 9.77
C ASN A 32 -1.93 -9.28 10.61
N LEU A 33 -1.30 -8.13 10.45
CA LEU A 33 -0.07 -7.78 11.15
C LEU A 33 -0.26 -7.94 12.66
N GLY A 34 -1.28 -7.26 13.17
CA GLY A 34 -1.57 -7.25 14.61
C GLY A 34 -1.35 -5.84 15.13
N GLU A 35 -1.39 -4.90 14.20
CA GLU A 35 -1.24 -3.48 14.48
C GLU A 35 -2.07 -2.70 13.48
N LYS A 36 -3.35 -2.49 13.81
CA LYS A 36 -4.26 -1.77 12.91
C LYS A 36 -4.29 -0.29 13.22
N LEU A 37 -4.65 0.50 12.22
CA LEU A 37 -4.71 1.96 12.35
C LEU A 37 -6.16 2.43 12.24
N THR A 38 -6.36 3.71 12.52
CA THR A 38 -7.69 4.28 12.42
C THR A 38 -8.02 4.57 10.97
N ASP A 39 -9.26 4.95 10.72
CA ASP A 39 -9.68 5.28 9.37
C ASP A 39 -8.90 6.47 8.85
N GLU A 40 -8.65 7.43 9.72
CA GLU A 40 -7.93 8.64 9.35
C GLU A 40 -6.46 8.36 9.05
N GLU A 41 -5.84 7.47 9.81
CA GLU A 41 -4.44 7.14 9.56
C GLU A 41 -4.36 6.45 8.21
N VAL A 42 -5.29 5.53 8.01
CA VAL A 42 -5.35 4.79 6.76
C VAL A 42 -5.56 5.74 5.60
N ASP A 43 -6.54 6.63 5.72
CA ASP A 43 -6.82 7.59 4.67
C ASP A 43 -5.64 8.53 4.45
N GLU A 44 -5.12 9.09 5.54
CA GLU A 44 -4.00 10.04 5.46
C GLU A 44 -2.82 9.42 4.71
N MET A 45 -2.51 8.18 5.03
CA MET A 45 -1.42 7.47 4.38
C MET A 45 -1.74 7.24 2.91
N ILE A 46 -2.98 6.85 2.66
CA ILE A 46 -3.46 6.59 1.32
C ILE A 46 -3.53 7.87 0.49
N ARG A 47 -4.04 8.95 1.07
CA ARG A 47 -4.14 10.23 0.36
C ARG A 47 -2.75 10.82 0.15
N GLU A 48 -1.89 10.60 1.12
CA GLU A 48 -0.52 11.10 1.06
C GLU A 48 0.29 10.33 0.03
N ALA A 49 0.10 9.01 -0.01
CA ALA A 49 0.81 8.17 -0.95
C ALA A 49 0.20 8.29 -2.35
N ASP A 50 -1.06 8.77 -2.41
CA ASP A 50 -1.76 8.92 -3.70
C ASP A 50 -1.55 10.31 -4.31
N VAL A 51 -0.95 10.34 -5.50
CA VAL A 51 -0.65 11.62 -6.16
C VAL A 51 -1.43 11.74 -7.45
N ASP A 52 -1.89 10.62 -7.91
CA ASP A 52 -2.77 10.62 -9.06
C ASP A 52 -4.19 10.65 -8.50
N GLY A 53 -4.28 10.55 -7.17
CA GLY A 53 -5.57 10.58 -6.49
C GLY A 53 -6.45 9.41 -6.94
N ASP A 54 -5.92 8.59 -7.84
CA ASP A 54 -6.67 7.44 -8.37
C ASP A 54 -7.44 6.75 -7.24
N GLY A 55 -6.99 6.96 -6.00
CA GLY A 55 -7.64 6.37 -4.84
C GLY A 55 -7.01 5.02 -4.50
N GLN A 56 -6.02 4.64 -5.28
CA GLN A 56 -5.32 3.38 -5.07
C GLN A 56 -3.83 3.59 -5.31
N ILE A 57 -3.02 2.71 -4.74
CA ILE A 57 -1.58 2.80 -4.92
C ILE A 57 -1.15 1.78 -5.95
N ASN A 58 -0.66 2.27 -7.08
CA ASN A 58 -0.19 1.39 -8.13
C ASN A 58 1.22 0.99 -7.76
N TYR A 59 1.76 -0.03 -8.40
CA TYR A 59 3.11 -0.46 -8.06
C TYR A 59 4.10 0.70 -8.16
N GLU A 60 4.03 1.45 -9.23
CA GLU A 60 4.94 2.58 -9.42
C GLU A 60 4.88 3.53 -8.23
N GLU A 61 3.67 3.83 -7.77
CA GLU A 61 3.50 4.74 -6.64
C GLU A 61 4.02 4.08 -5.36
N PHE A 62 3.71 2.79 -5.23
CA PHE A 62 4.14 2.02 -4.07
C PHE A 62 5.66 2.09 -3.97
N VAL A 63 6.29 2.10 -5.13
CA VAL A 63 7.73 2.18 -5.22
C VAL A 63 8.20 3.57 -4.79
N LYS A 64 7.46 4.60 -5.24
CA LYS A 64 7.79 5.98 -4.91
C LYS A 64 7.67 6.26 -3.40
N VAL A 65 6.57 5.83 -2.80
CA VAL A 65 6.34 6.06 -1.37
C VAL A 65 7.27 5.19 -0.52
N MET A 66 7.45 3.93 -0.91
CA MET A 66 8.29 3.01 -0.16
C MET A 66 9.75 3.40 -0.29
N MET A 67 10.15 3.78 -1.49
CA MET A 67 11.53 4.19 -1.74
C MET A 67 11.87 5.46 -0.96
N ALA A 68 10.94 6.42 -0.96
CA ALA A 68 11.15 7.68 -0.26
C ALA A 68 10.70 7.59 1.18
N LYS A 69 9.43 7.22 1.38
CA LYS A 69 8.87 7.09 2.72
C LYS A 69 8.77 8.45 3.40
CA CA B . -6.48 -4.36 -5.19
CA CA C . -2.03 6.98 -7.20
N ASP A 1 16.58 -8.97 -7.38
CA ASP A 1 17.35 -8.72 -6.13
C ASP A 1 16.53 -7.85 -5.18
N SER A 2 17.02 -6.65 -4.91
CA SER A 2 16.31 -5.73 -4.02
C SER A 2 14.91 -5.44 -4.57
N GLU A 3 14.85 -5.12 -5.86
CA GLU A 3 13.58 -4.80 -6.49
C GLU A 3 12.62 -5.99 -6.38
N GLU A 4 13.16 -7.19 -6.48
CA GLU A 4 12.33 -8.39 -6.39
C GLU A 4 11.70 -8.47 -4.99
N GLU A 5 12.48 -8.10 -3.98
CA GLU A 5 12.00 -8.11 -2.61
C GLU A 5 10.88 -7.09 -2.44
N LEU A 6 11.12 -5.88 -2.93
CA LEU A 6 10.12 -4.82 -2.83
C LEU A 6 8.83 -5.26 -3.48
N LYS A 7 8.94 -5.85 -4.66
CA LYS A 7 7.77 -6.33 -5.39
C LYS A 7 7.09 -7.46 -4.61
N GLU A 8 7.86 -8.23 -3.85
CA GLU A 8 7.29 -9.28 -3.05
C GLU A 8 6.38 -8.63 -2.01
N ALA A 9 6.90 -7.58 -1.38
CA ALA A 9 6.15 -6.84 -0.39
C ALA A 9 4.88 -6.28 -1.01
N PHE A 10 5.01 -5.77 -2.23
CA PHE A 10 3.87 -5.22 -2.95
C PHE A 10 2.82 -6.31 -3.17
N ARG A 11 3.28 -7.49 -3.59
CA ARG A 11 2.38 -8.61 -3.83
C ARG A 11 1.67 -9.01 -2.54
N VAL A 12 2.37 -8.87 -1.42
CA VAL A 12 1.78 -9.19 -0.12
C VAL A 12 0.65 -8.21 0.20
N PHE A 13 0.92 -6.94 -0.06
CA PHE A 13 -0.05 -5.87 0.20
C PHE A 13 -1.31 -6.01 -0.65
N ASP A 14 -1.15 -6.40 -1.91
CA ASP A 14 -2.29 -6.50 -2.82
C ASP A 14 -2.97 -7.87 -2.72
N LYS A 15 -3.90 -8.00 -1.77
CA LYS A 15 -4.62 -9.26 -1.59
C LYS A 15 -5.46 -9.56 -2.84
N ASP A 16 -6.20 -8.55 -3.31
CA ASP A 16 -7.04 -8.73 -4.48
C ASP A 16 -6.19 -9.04 -5.71
N GLN A 17 -5.00 -8.46 -5.72
CA GLN A 17 -4.06 -8.68 -6.82
C GLN A 17 -4.53 -8.02 -8.12
N ASN A 18 -5.03 -6.80 -8.03
CA ASN A 18 -5.50 -6.10 -9.22
C ASN A 18 -4.40 -5.20 -9.77
N GLY A 19 -3.21 -5.32 -9.16
CA GLY A 19 -2.06 -4.53 -9.58
C GLY A 19 -2.04 -3.20 -8.82
N PHE A 20 -3.08 -2.98 -8.02
CA PHE A 20 -3.20 -1.74 -7.24
C PHE A 20 -3.54 -2.07 -5.79
N ILE A 21 -2.86 -1.43 -4.84
CA ILE A 21 -3.16 -1.65 -3.44
C ILE A 21 -4.31 -0.75 -3.04
N SER A 22 -5.30 -1.33 -2.38
CA SER A 22 -6.48 -0.58 -1.95
C SER A 22 -6.46 -0.38 -0.45
N ALA A 23 -7.11 0.68 0.02
CA ALA A 23 -7.17 0.93 1.44
C ALA A 23 -7.71 -0.30 2.13
N ALA A 24 -8.69 -0.92 1.47
CA ALA A 24 -9.30 -2.14 1.99
C ALA A 24 -8.22 -3.20 2.16
N GLU A 25 -7.42 -3.39 1.12
CA GLU A 25 -6.34 -4.36 1.16
C GLU A 25 -5.34 -3.97 2.23
N LEU A 26 -5.04 -2.67 2.30
CA LEU A 26 -4.10 -2.16 3.28
C LEU A 26 -4.65 -2.41 4.69
N ARG A 27 -5.97 -2.23 4.83
CA ARG A 27 -6.63 -2.44 6.11
C ARG A 27 -6.51 -3.90 6.54
N HIS A 28 -6.77 -4.80 5.58
CA HIS A 28 -6.70 -6.24 5.86
C HIS A 28 -5.28 -6.68 6.18
N VAL A 29 -4.32 -6.16 5.41
CA VAL A 29 -2.92 -6.50 5.62
C VAL A 29 -2.47 -6.01 6.99
N MET A 30 -2.87 -4.79 7.34
CA MET A 30 -2.54 -4.20 8.63
C MET A 30 -3.23 -4.99 9.75
N THR A 31 -4.40 -5.54 9.44
CA THR A 31 -5.15 -6.33 10.41
C THR A 31 -4.40 -7.63 10.72
N ASN A 32 -3.89 -8.26 9.66
CA ASN A 32 -3.13 -9.51 9.80
C ASN A 32 -1.88 -9.24 10.63
N LEU A 33 -1.35 -8.05 10.43
CA LEU A 33 -0.14 -7.59 11.11
C LEU A 33 -0.34 -7.63 12.63
N GLY A 34 -1.52 -7.17 13.05
CA GLY A 34 -1.86 -7.07 14.46
C GLY A 34 -1.66 -5.63 14.89
N GLU A 35 -1.79 -4.75 13.90
CA GLU A 35 -1.70 -3.31 14.11
C GLU A 35 -3.11 -2.73 14.15
N LYS A 36 -3.33 -1.72 14.98
CA LYS A 36 -4.66 -1.11 15.10
C LYS A 36 -4.64 0.34 14.66
N LEU A 37 -4.71 0.54 13.35
CA LEU A 37 -4.73 1.89 12.77
C LEU A 37 -6.16 2.39 12.69
N THR A 38 -6.30 3.70 12.46
CA THR A 38 -7.60 4.33 12.35
C THR A 38 -7.88 4.69 10.90
N ASP A 39 -9.09 5.12 10.62
CA ASP A 39 -9.46 5.51 9.26
C ASP A 39 -8.61 6.69 8.81
N GLU A 40 -8.35 7.61 9.73
CA GLU A 40 -7.57 8.81 9.42
C GLU A 40 -6.12 8.48 9.07
N GLU A 41 -5.49 7.56 9.81
CA GLU A 41 -4.12 7.19 9.51
C GLU A 41 -4.11 6.48 8.17
N VAL A 42 -5.04 5.56 8.01
CA VAL A 42 -5.15 4.80 6.78
C VAL A 42 -5.41 5.74 5.60
N ASP A 43 -6.36 6.64 5.76
CA ASP A 43 -6.69 7.60 4.71
C ASP A 43 -5.52 8.54 4.46
N GLU A 44 -4.96 9.09 5.54
CA GLU A 44 -3.84 10.02 5.41
C GLU A 44 -2.68 9.38 4.67
N MET A 45 -2.39 8.13 5.01
CA MET A 45 -1.31 7.40 4.35
C MET A 45 -1.66 7.17 2.89
N ILE A 46 -2.89 6.77 2.66
CA ILE A 46 -3.40 6.51 1.32
C ILE A 46 -3.50 7.80 0.50
N ARG A 47 -4.01 8.85 1.11
CA ARG A 47 -4.14 10.14 0.41
C ARG A 47 -2.75 10.71 0.13
N GLU A 48 -1.83 10.48 1.07
CA GLU A 48 -0.47 10.95 0.93
C GLU A 48 0.28 10.14 -0.13
N ALA A 49 0.14 8.82 -0.06
CA ALA A 49 0.80 7.94 -1.03
C ALA A 49 0.10 8.01 -2.38
N ASP A 50 -1.17 8.40 -2.36
CA ASP A 50 -1.94 8.57 -3.58
C ASP A 50 -1.89 10.03 -3.96
N VAL A 51 -1.44 10.32 -5.15
CA VAL A 51 -1.41 11.69 -5.63
C VAL A 51 -2.03 11.71 -7.05
N ASP A 52 -2.24 10.50 -7.64
CA ASP A 52 -2.95 10.41 -8.95
C ASP A 52 -4.43 10.41 -8.60
N GLY A 53 -4.65 10.32 -7.29
CA GLY A 53 -5.99 10.31 -6.70
C GLY A 53 -6.79 9.09 -7.13
N ASP A 54 -6.20 8.24 -7.96
CA ASP A 54 -6.87 7.04 -8.43
C ASP A 54 -7.62 6.35 -7.29
N GLY A 55 -7.16 6.56 -6.06
CA GLY A 55 -7.78 5.93 -4.88
C GLY A 55 -7.07 4.64 -4.50
N GLN A 56 -6.04 4.31 -5.27
CA GLN A 56 -5.25 3.11 -5.02
C GLN A 56 -3.78 3.41 -5.26
N ILE A 57 -2.91 2.64 -4.64
CA ILE A 57 -1.48 2.82 -4.81
C ILE A 57 -0.98 1.81 -5.84
N ASN A 58 -0.49 2.33 -6.97
CA ASN A 58 0.05 1.47 -8.01
C ASN A 58 1.45 1.08 -7.59
N TYR A 59 1.97 -0.02 -8.13
CA TYR A 59 3.30 -0.44 -7.73
C TYR A 59 4.30 0.70 -7.85
N GLU A 60 4.28 1.41 -8.97
CA GLU A 60 5.20 2.52 -9.17
C GLU A 60 5.05 3.55 -8.05
N GLU A 61 3.82 3.86 -7.70
CA GLU A 61 3.56 4.84 -6.65
C GLU A 61 4.07 4.32 -5.32
N PHE A 62 3.89 3.02 -5.10
CA PHE A 62 4.37 2.40 -3.87
C PHE A 62 5.87 2.55 -3.79
N VAL A 63 6.52 2.30 -4.91
CA VAL A 63 7.97 2.41 -5.00
C VAL A 63 8.39 3.82 -4.63
N LYS A 64 7.67 4.80 -5.14
CA LYS A 64 7.96 6.20 -4.85
C LYS A 64 7.87 6.46 -3.34
N VAL A 65 6.80 5.97 -2.71
CA VAL A 65 6.62 6.17 -1.28
C VAL A 65 7.63 5.35 -0.47
N MET A 66 7.80 4.09 -0.84
CA MET A 66 8.73 3.21 -0.14
C MET A 66 10.18 3.64 -0.39
N MET A 67 10.50 3.94 -1.64
CA MET A 67 11.85 4.35 -2.01
C MET A 67 12.20 5.66 -1.30
N ALA A 68 11.24 6.56 -1.22
CA ALA A 68 11.46 7.86 -0.58
C ALA A 68 11.41 7.72 0.93
N LYS A 69 11.25 6.49 1.42
CA LYS A 69 11.19 6.23 2.86
C LYS A 69 11.93 4.93 3.20
CA CA B . -6.71 -4.22 -5.23
CA CA C . -2.06 6.48 -7.60
N ASP A 1 18.39 -7.78 -5.81
CA ASP A 1 17.50 -8.70 -5.04
C ASP A 1 16.52 -7.90 -4.22
N SER A 2 16.96 -6.73 -3.75
CA SER A 2 16.09 -5.88 -2.95
C SER A 2 14.84 -5.51 -3.74
N GLU A 3 15.04 -5.10 -4.99
CA GLU A 3 13.92 -4.71 -5.84
C GLU A 3 12.92 -5.85 -5.95
N GLU A 4 13.42 -7.07 -6.10
CA GLU A 4 12.55 -8.24 -6.20
C GLU A 4 11.78 -8.42 -4.90
N GLU A 5 12.44 -8.15 -3.79
CA GLU A 5 11.82 -8.27 -2.48
C GLU A 5 10.70 -7.23 -2.33
N LEU A 6 10.93 -6.04 -2.86
CA LEU A 6 9.93 -4.98 -2.79
C LEU A 6 8.67 -5.41 -3.51
N LYS A 7 8.85 -6.01 -4.68
CA LYS A 7 7.72 -6.48 -5.48
C LYS A 7 6.97 -7.59 -4.76
N GLU A 8 7.71 -8.39 -3.98
CA GLU A 8 7.06 -9.44 -3.21
C GLU A 8 6.14 -8.79 -2.19
N ALA A 9 6.65 -7.74 -1.55
CA ALA A 9 5.87 -7.00 -0.57
C ALA A 9 4.64 -6.41 -1.24
N PHE A 10 4.83 -5.88 -2.43
CA PHE A 10 3.74 -5.31 -3.20
C PHE A 10 2.65 -6.34 -3.45
N ARG A 11 3.07 -7.53 -3.88
CA ARG A 11 2.15 -8.61 -4.13
C ARG A 11 1.46 -9.05 -2.84
N VAL A 12 2.20 -8.95 -1.73
CA VAL A 12 1.66 -9.31 -0.42
C VAL A 12 0.58 -8.31 -0.01
N PHE A 13 0.88 -7.04 -0.21
CA PHE A 13 -0.02 -5.95 0.14
C PHE A 13 -1.36 -6.05 -0.60
N ASP A 14 -1.30 -6.42 -1.87
CA ASP A 14 -2.51 -6.50 -2.68
C ASP A 14 -3.24 -7.83 -2.50
N LYS A 15 -4.23 -7.83 -1.60
CA LYS A 15 -5.01 -9.03 -1.34
C LYS A 15 -5.70 -9.49 -2.63
N ASP A 16 -6.35 -8.53 -3.31
CA ASP A 16 -7.06 -8.82 -4.56
C ASP A 16 -6.06 -9.21 -5.62
N GLN A 17 -4.93 -8.47 -5.66
CA GLN A 17 -3.85 -8.78 -6.59
C GLN A 17 -4.18 -8.38 -8.03
N ASN A 18 -4.60 -7.13 -8.20
CA ASN A 18 -4.95 -6.62 -9.51
C ASN A 18 -3.90 -5.60 -9.95
N GLY A 19 -2.81 -5.55 -9.19
CA GLY A 19 -1.72 -4.62 -9.48
C GLY A 19 -1.98 -3.28 -8.82
N PHE A 20 -2.75 -3.30 -7.73
CA PHE A 20 -3.08 -2.10 -6.98
C PHE A 20 -3.31 -2.42 -5.52
N ILE A 21 -3.05 -1.44 -4.65
CA ILE A 21 -3.28 -1.63 -3.22
C ILE A 21 -4.40 -0.67 -2.81
N SER A 22 -5.42 -1.23 -2.19
CA SER A 22 -6.57 -0.43 -1.75
C SER A 22 -6.55 -0.28 -0.24
N ALA A 23 -7.20 0.78 0.25
CA ALA A 23 -7.25 0.98 1.68
C ALA A 23 -7.80 -0.27 2.32
N ALA A 24 -8.82 -0.84 1.67
CA ALA A 24 -9.44 -2.06 2.13
C ALA A 24 -8.38 -3.14 2.30
N GLU A 25 -7.58 -3.31 1.25
CA GLU A 25 -6.52 -4.29 1.28
C GLU A 25 -5.49 -3.91 2.34
N LEU A 26 -5.18 -2.62 2.40
CA LEU A 26 -4.22 -2.11 3.36
C LEU A 26 -4.73 -2.34 4.79
N ARG A 27 -6.04 -2.14 4.98
CA ARG A 27 -6.65 -2.34 6.28
C ARG A 27 -6.51 -3.80 6.69
N HIS A 28 -6.77 -4.69 5.73
CA HIS A 28 -6.68 -6.13 5.99
C HIS A 28 -5.24 -6.55 6.27
N VAL A 29 -4.31 -6.06 5.45
CA VAL A 29 -2.90 -6.39 5.62
C VAL A 29 -2.38 -5.82 6.94
N MET A 30 -2.77 -4.58 7.23
CA MET A 30 -2.36 -3.92 8.46
C MET A 30 -2.93 -4.67 9.67
N THR A 31 -4.12 -5.23 9.50
CA THR A 31 -4.77 -5.98 10.57
C THR A 31 -4.01 -7.28 10.83
N ASN A 32 -3.55 -7.92 9.75
CA ASN A 32 -2.79 -9.16 9.85
C ASN A 32 -1.48 -8.88 10.57
N LEU A 33 -0.96 -7.70 10.31
CA LEU A 33 0.29 -7.21 10.86
C LEU A 33 0.26 -7.27 12.39
N GLY A 34 -0.91 -7.02 12.94
CA GLY A 34 -1.08 -6.98 14.39
C GLY A 34 -1.03 -5.51 14.81
N GLU A 35 -1.20 -4.66 13.80
CA GLU A 35 -1.24 -3.21 13.99
C GLU A 35 -2.67 -2.74 13.72
N LYS A 36 -3.16 -1.82 14.55
CA LYS A 36 -4.54 -1.32 14.38
C LYS A 36 -4.56 0.16 14.05
N LEU A 37 -4.72 0.46 12.77
CA LEU A 37 -4.78 1.85 12.31
C LEU A 37 -6.22 2.29 12.15
N THR A 38 -6.47 3.56 12.40
CA THR A 38 -7.82 4.11 12.25
C THR A 38 -8.08 4.44 10.80
N ASP A 39 -9.31 4.87 10.50
CA ASP A 39 -9.66 5.22 9.14
C ASP A 39 -8.81 6.40 8.68
N GLU A 40 -8.58 7.35 9.58
CA GLU A 40 -7.80 8.55 9.27
C GLU A 40 -6.34 8.22 8.96
N GLU A 41 -5.72 7.32 9.72
CA GLU A 41 -4.34 6.96 9.45
C GLU A 41 -4.29 6.25 8.12
N VAL A 42 -5.22 5.32 7.94
CA VAL A 42 -5.31 4.55 6.72
C VAL A 42 -5.55 5.49 5.53
N ASP A 43 -6.51 6.39 5.67
CA ASP A 43 -6.82 7.34 4.62
C ASP A 43 -5.67 8.29 4.37
N GLU A 44 -5.14 8.88 5.44
CA GLU A 44 -4.03 9.83 5.33
C GLU A 44 -2.86 9.21 4.59
N MET A 45 -2.55 7.96 4.93
CA MET A 45 -1.45 7.25 4.29
C MET A 45 -1.78 7.03 2.82
N ILE A 46 -3.03 6.66 2.57
CA ILE A 46 -3.51 6.41 1.21
C ILE A 46 -3.54 7.70 0.38
N ARG A 47 -4.03 8.79 0.98
CA ARG A 47 -4.08 10.06 0.26
C ARG A 47 -2.67 10.62 0.05
N GLU A 48 -1.81 10.37 1.05
CA GLU A 48 -0.44 10.84 0.99
C GLU A 48 0.34 10.07 -0.08
N ALA A 49 0.07 8.77 -0.17
CA ALA A 49 0.74 7.94 -1.17
C ALA A 49 0.10 8.10 -2.53
N ASP A 50 -1.09 8.72 -2.56
CA ASP A 50 -1.82 8.94 -3.83
C ASP A 50 -1.64 10.37 -4.31
N VAL A 51 -1.06 10.52 -5.51
CA VAL A 51 -0.80 11.83 -6.10
C VAL A 51 -1.79 12.10 -7.22
N ASP A 52 -2.41 11.03 -7.70
CA ASP A 52 -3.43 11.14 -8.74
C ASP A 52 -4.77 11.01 -8.06
N GLY A 53 -4.70 10.86 -6.73
CA GLY A 53 -5.89 10.73 -5.91
C GLY A 53 -6.79 9.59 -6.39
N ASP A 54 -6.28 8.78 -7.32
CA ASP A 54 -7.04 7.66 -7.87
C ASP A 54 -7.66 6.84 -6.74
N GLY A 55 -7.08 6.94 -5.55
CA GLY A 55 -7.58 6.20 -4.39
C GLY A 55 -6.93 4.83 -4.30
N GLN A 56 -6.05 4.53 -5.24
CA GLN A 56 -5.33 3.27 -5.26
C GLN A 56 -3.85 3.54 -5.47
N ILE A 57 -3.02 2.69 -4.89
CA ILE A 57 -1.58 2.84 -5.03
C ILE A 57 -1.09 1.86 -6.08
N ASN A 58 -0.54 2.40 -7.16
CA ASN A 58 0.00 1.57 -8.21
C ASN A 58 1.40 1.15 -7.77
N TYR A 59 1.93 0.08 -8.33
CA TYR A 59 3.24 -0.39 -7.91
C TYR A 59 4.26 0.75 -7.96
N GLU A 60 4.35 1.42 -9.09
CA GLU A 60 5.31 2.52 -9.23
C GLU A 60 5.13 3.55 -8.11
N GLU A 61 3.89 3.86 -7.80
CA GLU A 61 3.61 4.84 -6.75
C GLU A 61 4.09 4.30 -5.40
N PHE A 62 3.87 3.00 -5.21
CA PHE A 62 4.31 2.35 -3.97
C PHE A 62 5.82 2.43 -3.87
N VAL A 63 6.47 2.19 -5.01
CA VAL A 63 7.91 2.24 -5.09
C VAL A 63 8.39 3.63 -4.69
N LYS A 64 7.69 4.65 -5.19
CA LYS A 64 8.02 6.03 -4.87
C LYS A 64 7.90 6.31 -3.38
N VAL A 65 6.79 5.85 -2.77
CA VAL A 65 6.58 6.05 -1.34
C VAL A 65 7.55 5.24 -0.49
N MET A 66 7.75 3.98 -0.89
CA MET A 66 8.64 3.10 -0.15
C MET A 66 10.10 3.47 -0.38
N MET A 67 10.43 3.77 -1.62
CA MET A 67 11.80 4.14 -1.96
C MET A 67 12.19 5.45 -1.30
N ALA A 68 11.27 6.42 -1.33
CA ALA A 68 11.53 7.72 -0.73
C ALA A 68 11.44 7.64 0.78
N LYS A 69 10.26 7.28 1.28
CA LYS A 69 10.03 7.17 2.73
C LYS A 69 10.00 5.70 3.15
CA CA B . -6.15 -4.53 -5.38
CA CA C . -2.18 6.53 -7.42
N ASP A 1 17.06 -9.95 -5.05
CA ASP A 1 17.50 -8.53 -5.12
C ASP A 1 16.46 -7.65 -4.42
N SER A 2 16.84 -6.41 -4.13
CA SER A 2 15.93 -5.49 -3.46
C SER A 2 14.67 -5.31 -4.28
N GLU A 3 14.84 -5.01 -5.57
CA GLU A 3 13.71 -4.80 -6.46
C GLU A 3 12.76 -5.99 -6.42
N GLU A 4 13.31 -7.19 -6.54
CA GLU A 4 12.50 -8.39 -6.50
C GLU A 4 11.79 -8.48 -5.16
N GLU A 5 12.50 -8.12 -4.09
CA GLU A 5 11.92 -8.15 -2.75
C GLU A 5 10.78 -7.12 -2.64
N LEU A 6 11.05 -5.92 -3.10
CA LEU A 6 10.04 -4.86 -3.03
C LEU A 6 8.74 -5.37 -3.65
N LYS A 7 8.86 -6.00 -4.81
CA LYS A 7 7.69 -6.53 -5.50
C LYS A 7 7.01 -7.63 -4.67
N GLU A 8 7.81 -8.39 -3.93
CA GLU A 8 7.25 -9.42 -3.08
C GLU A 8 6.42 -8.74 -1.99
N ALA A 9 6.97 -7.66 -1.45
CA ALA A 9 6.27 -6.89 -0.42
C ALA A 9 4.98 -6.34 -0.99
N PHE A 10 5.05 -5.82 -2.21
CA PHE A 10 3.89 -5.28 -2.87
C PHE A 10 2.84 -6.38 -3.07
N ARG A 11 3.29 -7.55 -3.49
CA ARG A 11 2.39 -8.67 -3.73
C ARG A 11 1.67 -9.06 -2.44
N VAL A 12 2.37 -8.90 -1.31
CA VAL A 12 1.79 -9.20 -0.01
C VAL A 12 0.63 -8.24 0.26
N PHE A 13 0.89 -6.97 -0.01
CA PHE A 13 -0.09 -5.91 0.23
C PHE A 13 -1.35 -6.08 -0.61
N ASP A 14 -1.17 -6.45 -1.86
CA ASP A 14 -2.31 -6.59 -2.78
C ASP A 14 -2.96 -7.96 -2.70
N LYS A 15 -3.86 -8.13 -1.74
CA LYS A 15 -4.56 -9.40 -1.59
C LYS A 15 -5.31 -9.72 -2.87
N ASP A 16 -5.98 -8.72 -3.42
CA ASP A 16 -6.74 -8.89 -4.66
C ASP A 16 -5.82 -9.19 -5.83
N GLN A 17 -4.68 -8.48 -5.85
CA GLN A 17 -3.69 -8.65 -6.90
C GLN A 17 -4.17 -8.08 -8.24
N ASN A 18 -4.66 -6.84 -8.22
CA ASN A 18 -5.12 -6.19 -9.46
C ASN A 18 -4.09 -5.18 -9.95
N GLY A 19 -2.96 -5.16 -9.26
CA GLY A 19 -1.87 -4.24 -9.60
C GLY A 19 -1.94 -2.98 -8.75
N PHE A 20 -3.06 -2.81 -8.05
CA PHE A 20 -3.28 -1.64 -7.20
C PHE A 20 -3.67 -2.08 -5.79
N ILE A 21 -2.98 -1.53 -4.81
CA ILE A 21 -3.29 -1.83 -3.41
C ILE A 21 -4.45 -0.95 -2.99
N SER A 22 -5.44 -1.56 -2.40
CA SER A 22 -6.62 -0.84 -1.95
C SER A 22 -6.51 -0.53 -0.47
N ALA A 23 -7.12 0.59 -0.07
CA ALA A 23 -7.09 0.95 1.33
C ALA A 23 -7.69 -0.19 2.12
N ALA A 24 -8.72 -0.80 1.54
CA ALA A 24 -9.38 -1.93 2.16
C ALA A 24 -8.40 -3.05 2.37
N GLU A 25 -7.64 -3.34 1.32
CA GLU A 25 -6.64 -4.38 1.38
C GLU A 25 -5.53 -3.96 2.34
N LEU A 26 -5.16 -2.69 2.27
CA LEU A 26 -4.11 -2.16 3.13
C LEU A 26 -4.56 -2.21 4.58
N ARG A 27 -5.85 -1.95 4.80
CA ARG A 27 -6.41 -1.98 6.15
C ARG A 27 -6.35 -3.41 6.70
N HIS A 28 -6.70 -4.37 5.85
CA HIS A 28 -6.69 -5.77 6.25
C HIS A 28 -5.27 -6.27 6.50
N VAL A 29 -4.34 -5.87 5.63
CA VAL A 29 -2.95 -6.28 5.76
C VAL A 29 -2.36 -5.75 7.06
N MET A 30 -2.67 -4.49 7.37
CA MET A 30 -2.18 -3.87 8.61
C MET A 30 -2.90 -4.48 9.80
N THR A 31 -4.13 -4.93 9.59
CA THR A 31 -4.93 -5.55 10.65
C THR A 31 -4.37 -6.93 11.00
N ASN A 32 -4.01 -7.69 9.97
CA ASN A 32 -3.43 -9.03 10.16
C ASN A 32 -2.08 -8.90 10.85
N LEU A 33 -1.36 -7.87 10.44
CA LEU A 33 -0.04 -7.53 10.96
C LEU A 33 -0.04 -7.56 12.48
N GLY A 34 -1.23 -7.41 13.06
CA GLY A 34 -1.35 -7.36 14.51
C GLY A 34 -1.21 -5.92 14.94
N GLU A 35 -1.38 -5.05 13.94
CA GLU A 35 -1.33 -3.60 14.14
C GLU A 35 -2.75 -3.07 13.97
N LYS A 36 -3.14 -2.08 14.79
CA LYS A 36 -4.50 -1.52 14.71
C LYS A 36 -4.48 -0.04 14.35
N LEU A 37 -4.56 0.23 13.05
CA LEU A 37 -4.56 1.61 12.56
C LEU A 37 -5.98 2.11 12.41
N THR A 38 -6.15 3.41 12.58
CA THR A 38 -7.46 4.03 12.44
C THR A 38 -7.73 4.36 10.99
N ASP A 39 -8.96 4.72 10.69
CA ASP A 39 -9.33 5.08 9.34
C ASP A 39 -8.54 6.30 8.87
N GLU A 40 -8.34 7.23 9.80
CA GLU A 40 -7.62 8.47 9.51
C GLU A 40 -6.16 8.23 9.14
N GLU A 41 -5.47 7.36 9.89
CA GLU A 41 -4.08 7.06 9.58
C GLU A 41 -4.04 6.36 8.24
N VAL A 42 -4.94 5.41 8.09
CA VAL A 42 -5.04 4.64 6.86
C VAL A 42 -5.34 5.57 5.68
N ASP A 43 -6.34 6.42 5.84
CA ASP A 43 -6.72 7.35 4.80
C ASP A 43 -5.59 8.34 4.51
N GLU A 44 -5.00 8.90 5.56
CA GLU A 44 -3.92 9.87 5.39
C GLU A 44 -2.78 9.28 4.59
N MET A 45 -2.42 8.03 4.90
CA MET A 45 -1.36 7.34 4.20
C MET A 45 -1.75 7.13 2.74
N ILE A 46 -2.99 6.74 2.54
CA ILE A 46 -3.53 6.51 1.22
C ILE A 46 -3.66 7.81 0.42
N ARG A 47 -4.17 8.86 1.06
CA ARG A 47 -4.29 10.16 0.38
C ARG A 47 -2.92 10.76 0.11
N GLU A 48 -2.00 10.52 1.04
CA GLU A 48 -0.63 11.02 0.93
C GLU A 48 0.13 10.24 -0.14
N ALA A 49 0.02 8.92 -0.10
CA ALA A 49 0.71 8.08 -1.07
C ALA A 49 0.10 8.28 -2.46
N ASP A 50 -1.16 8.72 -2.51
CA ASP A 50 -1.85 8.95 -3.78
C ASP A 50 -1.74 10.42 -4.19
N VAL A 51 -1.23 10.65 -5.40
CA VAL A 51 -1.08 11.99 -5.94
C VAL A 51 -1.57 12.08 -7.36
N ASP A 52 -1.64 10.92 -8.01
CA ASP A 52 -2.14 10.87 -9.37
C ASP A 52 -3.65 10.97 -9.30
N GLY A 53 -4.16 10.75 -8.09
CA GLY A 53 -5.59 10.81 -7.86
C GLY A 53 -6.29 9.57 -8.40
N ASP A 54 -6.10 8.43 -7.72
CA ASP A 54 -6.71 7.17 -8.14
C ASP A 54 -7.47 6.52 -6.99
N GLY A 55 -6.98 6.73 -5.78
CA GLY A 55 -7.61 6.16 -4.59
C GLY A 55 -6.96 4.83 -4.22
N GLN A 56 -5.94 4.45 -4.99
CA GLN A 56 -5.20 3.22 -4.76
C GLN A 56 -3.73 3.46 -5.03
N ILE A 57 -2.89 2.61 -4.45
CA ILE A 57 -1.45 2.73 -4.65
C ILE A 57 -1.05 1.75 -5.74
N ASN A 58 -0.65 2.28 -6.88
CA ASN A 58 -0.21 1.43 -7.97
C ASN A 58 1.21 1.01 -7.64
N TYR A 59 1.71 -0.04 -8.26
CA TYR A 59 3.05 -0.49 -7.94
C TYR A 59 4.06 0.65 -8.06
N GLU A 60 4.01 1.40 -9.15
CA GLU A 60 4.93 2.50 -9.34
C GLU A 60 4.84 3.50 -8.18
N GLU A 61 3.62 3.80 -7.75
CA GLU A 61 3.43 4.74 -6.65
C GLU A 61 4.00 4.16 -5.36
N PHE A 62 3.79 2.87 -5.19
CA PHE A 62 4.29 2.16 -4.02
C PHE A 62 5.80 2.32 -3.95
N VAL A 63 6.42 2.20 -5.10
CA VAL A 63 7.86 2.32 -5.20
C VAL A 63 8.27 3.72 -4.78
N LYS A 64 7.50 4.71 -5.22
CA LYS A 64 7.78 6.10 -4.90
C LYS A 64 7.65 6.39 -3.40
N VAL A 65 6.55 5.97 -2.80
CA VAL A 65 6.31 6.19 -1.37
C VAL A 65 7.15 5.28 -0.50
N MET A 66 7.11 3.98 -0.78
CA MET A 66 7.87 3.02 0.01
C MET A 66 9.35 3.36 0.00
N MET A 67 9.87 3.65 -1.17
CA MET A 67 11.28 3.98 -1.29
C MET A 67 11.58 5.30 -0.58
N ALA A 68 10.67 6.27 -0.72
CA ALA A 68 10.85 7.58 -0.09
C ALA A 68 10.12 7.62 1.26
N LYS A 69 9.14 8.50 1.38
CA LYS A 69 8.39 8.62 2.62
C LYS A 69 7.65 7.32 2.93
CA CA B . -6.82 -4.30 -5.40
CA CA C . -2.04 6.54 -7.50
N ASP A 1 17.10 -8.50 -7.35
CA ASP A 1 17.71 -8.51 -5.99
C ASP A 1 16.81 -7.75 -5.02
N SER A 2 17.31 -6.63 -4.49
CA SER A 2 16.54 -5.83 -3.55
C SER A 2 15.19 -5.48 -4.14
N GLU A 3 15.18 -5.09 -5.41
CA GLU A 3 13.96 -4.72 -6.10
C GLU A 3 12.99 -5.91 -6.15
N GLU A 4 13.53 -7.11 -6.29
CA GLU A 4 12.70 -8.31 -6.36
C GLU A 4 11.92 -8.49 -5.05
N GLU A 5 12.59 -8.22 -3.94
CA GLU A 5 11.96 -8.35 -2.63
C GLU A 5 10.87 -7.30 -2.48
N LEU A 6 11.11 -6.12 -3.02
CA LEU A 6 10.13 -5.06 -2.94
C LEU A 6 8.84 -5.49 -3.61
N LYS A 7 8.97 -6.10 -4.78
CA LYS A 7 7.81 -6.58 -5.52
C LYS A 7 7.11 -7.70 -4.75
N GLU A 8 7.86 -8.48 -4.00
CA GLU A 8 7.26 -9.53 -3.20
C GLU A 8 6.35 -8.88 -2.16
N ALA A 9 6.88 -7.83 -1.53
CA ALA A 9 6.12 -7.10 -0.53
C ALA A 9 4.85 -6.53 -1.17
N PHE A 10 5.00 -6.03 -2.39
CA PHE A 10 3.87 -5.47 -3.13
C PHE A 10 2.81 -6.55 -3.34
N ARG A 11 3.25 -7.74 -3.76
CA ARG A 11 2.34 -8.85 -3.99
C ARG A 11 1.63 -9.22 -2.71
N VAL A 12 2.33 -9.08 -1.58
CA VAL A 12 1.74 -9.38 -0.28
C VAL A 12 0.63 -8.37 0.05
N PHE A 13 0.92 -7.11 -0.19
CA PHE A 13 -0.02 -6.02 0.08
C PHE A 13 -1.28 -6.13 -0.77
N ASP A 14 -1.11 -6.47 -2.04
CA ASP A 14 -2.24 -6.56 -2.97
C ASP A 14 -2.87 -7.95 -2.95
N LYS A 15 -3.73 -8.19 -1.96
CA LYS A 15 -4.37 -9.47 -1.85
C LYS A 15 -5.30 -9.70 -3.04
N ASP A 16 -6.09 -8.68 -3.38
CA ASP A 16 -7.03 -8.76 -4.47
C ASP A 16 -6.31 -9.02 -5.80
N GLN A 17 -5.01 -8.72 -5.83
CA GLN A 17 -4.19 -8.94 -7.03
C GLN A 17 -4.68 -8.12 -8.23
N ASN A 18 -5.31 -6.97 -7.97
CA ASN A 18 -5.81 -6.14 -9.04
C ASN A 18 -4.67 -5.32 -9.65
N GLY A 19 -3.49 -5.46 -9.06
CA GLY A 19 -2.31 -4.75 -9.55
C GLY A 19 -2.17 -3.41 -8.81
N PHE A 20 -3.12 -3.14 -7.93
CA PHE A 20 -3.12 -1.90 -7.15
C PHE A 20 -3.46 -2.19 -5.70
N ILE A 21 -2.75 -1.54 -4.77
CA ILE A 21 -3.04 -1.73 -3.36
C ILE A 21 -4.20 -0.83 -2.98
N SER A 22 -5.22 -1.44 -2.39
CA SER A 22 -6.41 -0.69 -1.99
C SER A 22 -6.41 -0.45 -0.49
N ALA A 23 -7.03 0.64 -0.06
CA ALA A 23 -7.09 0.93 1.36
C ALA A 23 -7.65 -0.30 2.07
N ALA A 24 -8.57 -0.97 1.39
CA ALA A 24 -9.16 -2.19 1.91
C ALA A 24 -8.08 -3.22 2.19
N GLU A 25 -7.21 -3.43 1.21
CA GLU A 25 -6.12 -4.38 1.34
C GLU A 25 -5.14 -3.87 2.39
N LEU A 26 -4.85 -2.58 2.33
CA LEU A 26 -3.92 -1.97 3.28
C LEU A 26 -4.47 -2.09 4.70
N ARG A 27 -5.79 -1.93 4.82
CA ARG A 27 -6.43 -2.04 6.12
C ARG A 27 -6.37 -3.48 6.61
N HIS A 28 -6.66 -4.41 5.71
CA HIS A 28 -6.65 -5.83 6.03
C HIS A 28 -5.22 -6.31 6.33
N VAL A 29 -4.27 -5.91 5.50
CA VAL A 29 -2.88 -6.30 5.68
C VAL A 29 -2.34 -5.75 7.01
N MET A 30 -2.65 -4.49 7.29
CA MET A 30 -2.24 -3.85 8.52
C MET A 30 -2.98 -4.48 9.70
N THR A 31 -4.18 -4.98 9.43
CA THR A 31 -4.98 -5.64 10.46
C THR A 31 -4.40 -7.01 10.80
N ASN A 32 -4.00 -7.75 9.76
CA ASN A 32 -3.40 -9.07 9.94
C ASN A 32 -2.07 -8.91 10.66
N LEU A 33 -1.36 -7.87 10.26
CA LEU A 33 -0.06 -7.53 10.81
C LEU A 33 -0.10 -7.49 12.34
N GLY A 34 -1.30 -7.35 12.89
CA GLY A 34 -1.45 -7.26 14.34
C GLY A 34 -1.38 -5.80 14.74
N GLU A 35 -1.59 -4.96 13.73
CA GLU A 35 -1.60 -3.51 13.89
C GLU A 35 -3.01 -3.02 13.61
N LYS A 36 -3.47 -2.02 14.36
CA LYS A 36 -4.82 -1.49 14.16
C LYS A 36 -4.80 0.03 14.03
N LEU A 37 -4.99 0.50 12.80
CA LEU A 37 -5.01 1.93 12.51
C LEU A 37 -6.44 2.40 12.28
N THR A 38 -6.67 3.68 12.51
CA THR A 38 -8.00 4.26 12.29
C THR A 38 -8.20 4.53 10.82
N ASP A 39 -9.42 4.89 10.46
CA ASP A 39 -9.74 5.21 9.08
C ASP A 39 -8.94 6.42 8.63
N GLU A 40 -8.84 7.40 9.53
CA GLU A 40 -8.12 8.63 9.23
C GLU A 40 -6.63 8.39 9.04
N GLU A 41 -6.02 7.58 9.91
CA GLU A 41 -4.60 7.30 9.76
C GLU A 41 -4.39 6.59 8.44
N VAL A 42 -5.27 5.64 8.16
CA VAL A 42 -5.23 4.88 6.92
C VAL A 42 -5.42 5.81 5.73
N ASP A 43 -6.42 6.68 5.82
CA ASP A 43 -6.70 7.62 4.73
C ASP A 43 -5.55 8.59 4.52
N GLU A 44 -5.07 9.19 5.61
CA GLU A 44 -3.97 10.15 5.52
C GLU A 44 -2.76 9.54 4.83
N MET A 45 -2.40 8.33 5.25
CA MET A 45 -1.27 7.63 4.66
C MET A 45 -1.54 7.35 3.18
N ILE A 46 -2.77 6.94 2.91
CA ILE A 46 -3.20 6.63 1.55
C ILE A 46 -3.27 7.90 0.69
N ARG A 47 -3.86 8.95 1.23
CA ARG A 47 -3.97 10.22 0.50
C ARG A 47 -2.59 10.81 0.28
N GLU A 48 -1.73 10.65 1.27
CA GLU A 48 -0.36 11.15 1.19
C GLU A 48 0.45 10.38 0.16
N ALA A 49 0.16 9.08 0.04
CA ALA A 49 0.87 8.25 -0.93
C ALA A 49 0.24 8.33 -2.35
N ASP A 50 -1.00 8.85 -2.45
CA ASP A 50 -1.75 8.98 -3.74
C ASP A 50 -1.64 10.40 -4.38
N VAL A 51 -1.11 10.52 -5.64
CA VAL A 51 -1.03 11.84 -6.33
C VAL A 51 -2.02 11.88 -7.47
N ASP A 52 -2.53 10.72 -7.83
CA ASP A 52 -3.48 10.63 -8.88
C ASP A 52 -4.83 10.49 -8.18
N GLY A 53 -4.76 10.42 -6.86
CA GLY A 53 -5.98 10.31 -6.09
C GLY A 53 -6.77 9.11 -6.57
N ASP A 54 -6.13 8.28 -7.40
CA ASP A 54 -6.80 7.09 -7.93
C ASP A 54 -7.57 6.39 -6.82
N GLY A 55 -7.12 6.60 -5.58
CA GLY A 55 -7.78 5.99 -4.43
C GLY A 55 -7.06 4.71 -3.99
N GLN A 56 -6.01 4.37 -4.72
CA GLN A 56 -5.22 3.19 -4.42
C GLN A 56 -3.76 3.47 -4.76
N ILE A 57 -2.86 2.64 -4.25
CA ILE A 57 -1.44 2.81 -4.52
C ILE A 57 -1.02 1.80 -5.59
N ASN A 58 -0.60 2.32 -6.72
CA ASN A 58 -0.13 1.46 -7.80
C ASN A 58 1.29 1.03 -7.44
N TYR A 59 1.77 -0.05 -8.02
CA TYR A 59 3.11 -0.51 -7.70
C TYR A 59 4.13 0.61 -7.85
N GLU A 60 4.12 1.28 -9.00
CA GLU A 60 5.07 2.36 -9.24
C GLU A 60 5.00 3.39 -8.11
N GLU A 61 3.79 3.73 -7.69
CA GLU A 61 3.61 4.70 -6.62
C GLU A 61 4.15 4.13 -5.31
N PHE A 62 3.96 2.83 -5.13
CA PHE A 62 4.44 2.16 -3.92
C PHE A 62 5.96 2.30 -3.87
N VAL A 63 6.58 2.15 -5.02
CA VAL A 63 8.02 2.27 -5.14
C VAL A 63 8.45 3.69 -4.81
N LYS A 64 7.69 4.67 -5.30
CA LYS A 64 7.99 6.08 -5.06
C LYS A 64 7.94 6.44 -3.57
N VAL A 65 6.86 6.05 -2.90
CA VAL A 65 6.70 6.34 -1.47
C VAL A 65 7.62 5.47 -0.62
N MET A 66 7.67 4.18 -0.93
CA MET A 66 8.50 3.25 -0.17
C MET A 66 9.97 3.61 -0.29
N MET A 67 10.41 3.82 -1.52
CA MET A 67 11.81 4.18 -1.77
C MET A 67 12.13 5.54 -1.16
N ALA A 68 11.27 6.52 -1.41
CA ALA A 68 11.47 7.88 -0.89
C ALA A 68 10.21 8.34 -0.15
N LYS A 69 10.41 9.15 0.90
CA LYS A 69 9.28 9.65 1.69
C LYS A 69 9.09 11.14 1.43
CA CA B . -6.68 -4.12 -4.85
CA CA C . -1.85 6.04 -7.08
N ASP A 1 18.67 -7.80 -5.98
CA ASP A 1 17.56 -8.64 -5.45
C ASP A 1 16.62 -7.78 -4.62
N SER A 2 17.08 -6.59 -4.26
CA SER A 2 16.27 -5.68 -3.45
C SER A 2 14.95 -5.39 -4.17
N GLU A 3 15.04 -5.07 -5.46
CA GLU A 3 13.86 -4.75 -6.24
C GLU A 3 12.88 -5.92 -6.19
N GLU A 4 13.38 -7.14 -6.32
CA GLU A 4 12.52 -8.31 -6.28
C GLU A 4 11.82 -8.39 -4.92
N GLU A 5 12.55 -8.06 -3.87
CA GLU A 5 11.99 -8.07 -2.52
C GLU A 5 10.86 -7.04 -2.40
N LEU A 6 11.06 -5.88 -3.00
CA LEU A 6 10.05 -4.84 -2.93
C LEU A 6 8.74 -5.34 -3.55
N LYS A 7 8.87 -5.99 -4.70
CA LYS A 7 7.70 -6.51 -5.40
C LYS A 7 7.01 -7.57 -4.55
N GLU A 8 7.78 -8.34 -3.79
CA GLU A 8 7.18 -9.34 -2.92
C GLU A 8 6.31 -8.62 -1.90
N ALA A 9 6.84 -7.53 -1.35
CA ALA A 9 6.12 -6.72 -0.37
C ALA A 9 4.86 -6.18 -1.03
N PHE A 10 5.00 -5.71 -2.26
CA PHE A 10 3.88 -5.17 -3.00
C PHE A 10 2.81 -6.24 -3.18
N ARG A 11 3.24 -7.47 -3.45
CA ARG A 11 2.33 -8.58 -3.63
C ARG A 11 1.59 -8.89 -2.34
N VAL A 12 2.28 -8.71 -1.21
CA VAL A 12 1.68 -8.95 0.09
C VAL A 12 0.53 -7.97 0.32
N PHE A 13 0.80 -6.71 -0.01
CA PHE A 13 -0.17 -5.62 0.17
C PHE A 13 -1.42 -5.83 -0.67
N ASP A 14 -1.25 -6.28 -1.90
CA ASP A 14 -2.37 -6.44 -2.81
C ASP A 14 -3.10 -7.77 -2.59
N LYS A 15 -4.07 -7.77 -1.67
CA LYS A 15 -4.83 -8.98 -1.40
C LYS A 15 -5.50 -9.46 -2.67
N ASP A 16 -6.13 -8.53 -3.39
CA ASP A 16 -6.82 -8.86 -4.62
C ASP A 16 -5.83 -9.27 -5.71
N GLN A 17 -4.67 -8.62 -5.73
CA GLN A 17 -3.61 -8.94 -6.71
C GLN A 17 -3.98 -8.45 -8.11
N ASN A 18 -4.39 -7.19 -8.22
CA ASN A 18 -4.75 -6.64 -9.53
C ASN A 18 -3.75 -5.56 -9.92
N GLY A 19 -2.68 -5.45 -9.13
CA GLY A 19 -1.64 -4.46 -9.39
C GLY A 19 -1.98 -3.14 -8.73
N PHE A 20 -2.76 -3.21 -7.65
CA PHE A 20 -3.17 -2.02 -6.91
C PHE A 20 -3.38 -2.36 -5.45
N ILE A 21 -3.14 -1.39 -4.57
CA ILE A 21 -3.36 -1.59 -3.14
C ILE A 21 -4.46 -0.63 -2.71
N SER A 22 -5.45 -1.17 -2.03
CA SER A 22 -6.58 -0.38 -1.56
C SER A 22 -6.50 -0.21 -0.05
N ALA A 23 -7.10 0.87 0.44
CA ALA A 23 -7.10 1.10 1.88
C ALA A 23 -7.70 -0.12 2.54
N ALA A 24 -8.74 -0.65 1.92
CA ALA A 24 -9.41 -1.83 2.40
C ALA A 24 -8.40 -2.95 2.58
N GLU A 25 -7.64 -3.20 1.53
CA GLU A 25 -6.62 -4.22 1.56
C GLU A 25 -5.54 -3.84 2.56
N LEU A 26 -5.17 -2.56 2.55
CA LEU A 26 -4.15 -2.05 3.45
C LEU A 26 -4.61 -2.23 4.91
N ARG A 27 -5.90 -2.03 5.13
CA ARG A 27 -6.47 -2.19 6.46
C ARG A 27 -6.43 -3.66 6.86
N HIS A 28 -6.79 -4.53 5.92
CA HIS A 28 -6.81 -5.97 6.17
C HIS A 28 -5.40 -6.51 6.41
N VAL A 29 -4.46 -6.07 5.59
CA VAL A 29 -3.07 -6.51 5.71
C VAL A 29 -2.50 -6.05 7.04
N MET A 30 -2.78 -4.80 7.40
CA MET A 30 -2.30 -4.23 8.67
C MET A 30 -3.00 -4.94 9.83
N THR A 31 -4.24 -5.37 9.60
CA THR A 31 -5.01 -6.07 10.63
C THR A 31 -4.39 -7.44 10.92
N ASN A 32 -4.03 -8.15 9.85
CA ASN A 32 -3.40 -9.47 9.98
C ASN A 32 -2.05 -9.31 10.68
N LEU A 33 -1.39 -8.23 10.33
CA LEU A 33 -0.08 -7.86 10.87
C LEU A 33 -0.12 -7.82 12.39
N GLY A 34 -1.29 -7.52 12.94
CA GLY A 34 -1.45 -7.40 14.38
C GLY A 34 -1.32 -5.93 14.74
N GLU A 35 -1.45 -5.11 13.71
CA GLU A 35 -1.40 -3.65 13.83
C GLU A 35 -2.81 -3.12 13.58
N LYS A 36 -3.26 -2.16 14.39
CA LYS A 36 -4.62 -1.61 14.23
C LYS A 36 -4.59 -0.10 13.99
N LEU A 37 -4.75 0.28 12.73
CA LEU A 37 -4.75 1.69 12.36
C LEU A 37 -6.18 2.18 12.18
N THR A 38 -6.38 3.47 12.43
CA THR A 38 -7.70 4.06 12.26
C THR A 38 -7.95 4.37 10.80
N ASP A 39 -9.17 4.75 10.49
CA ASP A 39 -9.52 5.07 9.12
C ASP A 39 -8.73 6.29 8.66
N GLU A 40 -8.55 7.25 9.57
CA GLU A 40 -7.83 8.48 9.26
C GLU A 40 -6.35 8.23 8.99
N GLU A 41 -5.72 7.40 9.80
CA GLU A 41 -4.30 7.10 9.58
C GLU A 41 -4.16 6.40 8.25
N VAL A 42 -5.07 5.47 8.01
CA VAL A 42 -5.09 4.71 6.78
C VAL A 42 -5.36 5.64 5.59
N ASP A 43 -6.37 6.50 5.75
CA ASP A 43 -6.72 7.44 4.69
C ASP A 43 -5.60 8.45 4.44
N GLU A 44 -5.10 9.07 5.50
CA GLU A 44 -4.04 10.06 5.38
C GLU A 44 -2.82 9.47 4.71
N MET A 45 -2.47 8.25 5.10
CA MET A 45 -1.32 7.57 4.51
C MET A 45 -1.59 7.30 3.03
N ILE A 46 -2.81 6.86 2.76
CA ILE A 46 -3.23 6.56 1.39
C ILE A 46 -3.35 7.84 0.56
N ARG A 47 -3.95 8.88 1.12
CA ARG A 47 -4.10 10.14 0.40
C ARG A 47 -2.73 10.73 0.11
N GLU A 48 -1.80 10.49 1.02
CA GLU A 48 -0.44 10.98 0.89
C GLU A 48 0.31 10.20 -0.20
N ALA A 49 0.07 8.89 -0.24
CA ALA A 49 0.72 8.03 -1.23
C ALA A 49 0.03 8.20 -2.59
N ASP A 50 -1.19 8.75 -2.58
CA ASP A 50 -1.93 8.97 -3.81
C ASP A 50 -1.75 10.40 -4.28
N VAL A 51 -1.18 10.53 -5.48
CA VAL A 51 -0.92 11.83 -6.09
C VAL A 51 -1.83 12.01 -7.31
N ASP A 52 -2.24 10.89 -7.90
CA ASP A 52 -3.04 10.91 -9.11
C ASP A 52 -4.48 10.92 -8.68
N GLY A 53 -4.64 10.77 -7.38
CA GLY A 53 -5.95 10.76 -6.78
C GLY A 53 -6.75 9.52 -7.17
N ASP A 54 -6.09 8.60 -7.87
CA ASP A 54 -6.74 7.37 -8.32
C ASP A 54 -7.45 6.68 -7.14
N GLY A 55 -6.90 6.86 -5.94
CA GLY A 55 -7.47 6.27 -4.74
C GLY A 55 -6.85 4.91 -4.45
N GLN A 56 -5.88 4.54 -5.28
CA GLN A 56 -5.16 3.28 -5.12
C GLN A 56 -3.69 3.51 -5.36
N ILE A 57 -2.87 2.65 -4.76
CA ILE A 57 -1.43 2.77 -4.93
C ILE A 57 -1.00 1.78 -5.99
N ASN A 58 -0.51 2.31 -7.11
CA ASN A 58 -0.03 1.46 -8.18
C ASN A 58 1.39 1.05 -7.84
N TYR A 59 1.89 0.01 -8.46
CA TYR A 59 3.24 -0.44 -8.11
C TYR A 59 4.23 0.72 -8.15
N GLU A 60 4.19 1.51 -9.21
CA GLU A 60 5.10 2.64 -9.34
C GLU A 60 4.91 3.64 -8.19
N GLU A 61 3.66 3.95 -7.87
CA GLU A 61 3.37 4.89 -6.79
C GLU A 61 3.85 4.32 -5.46
N PHE A 62 3.58 3.03 -5.28
CA PHE A 62 4.01 2.33 -4.08
C PHE A 62 5.52 2.40 -3.97
N VAL A 63 6.16 2.16 -5.09
CA VAL A 63 7.61 2.19 -5.17
C VAL A 63 8.11 3.57 -4.75
N LYS A 64 7.43 4.59 -5.26
CA LYS A 64 7.79 5.97 -4.94
C LYS A 64 7.71 6.23 -3.44
N VAL A 65 6.63 5.79 -2.81
CA VAL A 65 6.45 5.99 -1.38
C VAL A 65 7.45 5.17 -0.57
N MET A 66 7.64 3.92 -0.98
CA MET A 66 8.55 3.02 -0.27
C MET A 66 10.00 3.39 -0.55
N MET A 67 10.27 3.68 -1.82
CA MET A 67 11.64 4.04 -2.22
C MET A 67 12.06 5.34 -1.54
N ALA A 68 11.14 6.29 -1.41
CA ALA A 68 11.43 7.56 -0.77
C ALA A 68 11.50 7.39 0.75
N LYS A 69 11.27 8.48 1.47
CA LYS A 69 11.30 8.44 2.93
C LYS A 69 12.53 7.67 3.42
CA CA B . -6.76 -4.26 -5.09
CA CA C . -2.38 6.62 -8.02
N ASP A 1 18.70 -7.58 -6.10
CA ASP A 1 17.59 -8.49 -5.69
C ASP A 1 16.62 -7.72 -4.79
N SER A 2 17.04 -6.54 -4.34
CA SER A 2 16.19 -5.73 -3.48
C SER A 2 14.88 -5.43 -4.18
N GLU A 3 14.97 -5.04 -5.45
CA GLU A 3 13.78 -4.71 -6.22
C GLU A 3 12.81 -5.90 -6.22
N GLU A 4 13.35 -7.11 -6.38
CA GLU A 4 12.51 -8.30 -6.39
C GLU A 4 11.81 -8.45 -5.04
N GLU A 5 12.52 -8.12 -3.97
CA GLU A 5 11.96 -8.21 -2.64
C GLU A 5 10.81 -7.20 -2.49
N LEU A 6 11.01 -6.00 -2.98
CA LEU A 6 9.99 -4.96 -2.90
C LEU A 6 8.71 -5.43 -3.58
N LYS A 7 8.86 -6.03 -4.75
CA LYS A 7 7.73 -6.53 -5.51
C LYS A 7 7.04 -7.65 -4.74
N GLU A 8 7.83 -8.43 -4.00
CA GLU A 8 7.24 -9.50 -3.19
C GLU A 8 6.37 -8.87 -2.12
N ALA A 9 6.89 -7.81 -1.50
CA ALA A 9 6.14 -7.08 -0.48
C ALA A 9 4.87 -6.51 -1.10
N PHE A 10 5.01 -5.97 -2.30
CA PHE A 10 3.87 -5.40 -3.01
C PHE A 10 2.81 -6.47 -3.24
N ARG A 11 3.25 -7.64 -3.67
CA ARG A 11 2.36 -8.75 -3.93
C ARG A 11 1.66 -9.20 -2.65
N VAL A 12 2.35 -9.06 -1.51
CA VAL A 12 1.78 -9.42 -0.23
C VAL A 12 0.64 -8.46 0.13
N PHE A 13 0.90 -7.17 -0.09
CA PHE A 13 -0.07 -6.13 0.20
C PHE A 13 -1.33 -6.24 -0.64
N ASP A 14 -1.18 -6.59 -1.91
CA ASP A 14 -2.31 -6.68 -2.81
C ASP A 14 -3.02 -8.03 -2.69
N LYS A 15 -4.01 -8.12 -1.80
CA LYS A 15 -4.76 -9.34 -1.62
C LYS A 15 -5.53 -9.68 -2.89
N ASP A 16 -6.22 -8.67 -3.44
CA ASP A 16 -7.02 -8.85 -4.66
C ASP A 16 -6.11 -9.10 -5.86
N GLN A 17 -4.87 -8.64 -5.76
CA GLN A 17 -3.89 -8.85 -6.82
C GLN A 17 -4.36 -8.16 -8.15
N ASN A 18 -4.94 -6.95 -8.07
CA ASN A 18 -5.38 -6.25 -9.29
C ASN A 18 -4.27 -5.33 -9.78
N GLY A 19 -3.11 -5.44 -9.13
CA GLY A 19 -1.95 -4.64 -9.49
C GLY A 19 -1.98 -3.33 -8.71
N PHE A 20 -2.97 -3.23 -7.82
CA PHE A 20 -3.16 -2.03 -7.00
C PHE A 20 -3.39 -2.42 -5.54
N ILE A 21 -3.07 -1.51 -4.63
CA ILE A 21 -3.31 -1.75 -3.20
C ILE A 21 -4.40 -0.80 -2.75
N SER A 22 -5.41 -1.36 -2.11
CA SER A 22 -6.54 -0.58 -1.63
C SER A 22 -6.51 -0.45 -0.11
N ALA A 23 -7.13 0.58 0.42
CA ALA A 23 -7.16 0.77 1.86
C ALA A 23 -7.71 -0.50 2.48
N ALA A 24 -8.74 -1.05 1.83
CA ALA A 24 -9.35 -2.28 2.29
C ALA A 24 -8.28 -3.37 2.40
N GLU A 25 -7.50 -3.52 1.34
CA GLU A 25 -6.43 -4.51 1.31
C GLU A 25 -5.38 -4.15 2.35
N LEU A 26 -5.05 -2.86 2.41
CA LEU A 26 -4.07 -2.37 3.38
C LEU A 26 -4.58 -2.59 4.81
N ARG A 27 -5.87 -2.31 5.01
CA ARG A 27 -6.47 -2.49 6.32
C ARG A 27 -6.45 -3.96 6.72
N HIS A 28 -6.78 -4.83 5.76
CA HIS A 28 -6.81 -6.26 6.01
C HIS A 28 -5.40 -6.79 6.28
N VAL A 29 -4.45 -6.39 5.45
CA VAL A 29 -3.07 -6.82 5.61
C VAL A 29 -2.50 -6.29 6.93
N MET A 30 -2.82 -5.04 7.23
CA MET A 30 -2.36 -4.43 8.47
C MET A 30 -2.99 -5.15 9.66
N THR A 31 -4.22 -5.59 9.50
CA THR A 31 -4.91 -6.32 10.56
C THR A 31 -4.21 -7.64 10.84
N ASN A 32 -3.79 -8.33 9.78
CA ASN A 32 -3.08 -9.59 9.91
C ASN A 32 -1.78 -9.35 10.66
N LEU A 33 -1.19 -8.21 10.38
CA LEU A 33 0.08 -7.79 10.98
C LEU A 33 -0.05 -7.76 12.50
N GLY A 34 -1.18 -7.26 12.97
CA GLY A 34 -1.43 -7.10 14.39
C GLY A 34 -1.31 -5.62 14.72
N GLU A 35 -1.35 -4.82 13.65
CA GLU A 35 -1.29 -3.37 13.76
C GLU A 35 -2.72 -2.85 13.70
N LYS A 36 -3.06 -1.91 14.58
CA LYS A 36 -4.41 -1.35 14.62
C LYS A 36 -4.41 0.15 14.37
N LEU A 37 -4.56 0.52 13.10
CA LEU A 37 -4.57 1.93 12.72
C LEU A 37 -6.02 2.40 12.58
N THR A 38 -6.20 3.71 12.54
CA THR A 38 -7.53 4.29 12.38
C THR A 38 -7.79 4.59 10.92
N ASP A 39 -9.02 4.96 10.59
CA ASP A 39 -9.37 5.28 9.22
C ASP A 39 -8.61 6.51 8.76
N GLU A 40 -8.48 7.49 9.66
CA GLU A 40 -7.80 8.74 9.33
C GLU A 40 -6.33 8.52 8.96
N GLU A 41 -5.63 7.66 9.70
CA GLU A 41 -4.24 7.39 9.36
C GLU A 41 -4.20 6.66 8.04
N VAL A 42 -5.10 5.71 7.90
CA VAL A 42 -5.20 4.91 6.68
C VAL A 42 -5.47 5.83 5.48
N ASP A 43 -6.46 6.70 5.62
CA ASP A 43 -6.81 7.62 4.55
C ASP A 43 -5.68 8.62 4.29
N GLU A 44 -5.18 9.24 5.36
CA GLU A 44 -4.11 10.23 5.23
C GLU A 44 -2.91 9.64 4.50
N MET A 45 -2.56 8.40 4.83
CA MET A 45 -1.45 7.72 4.17
C MET A 45 -1.77 7.46 2.70
N ILE A 46 -2.99 7.02 2.47
CA ILE A 46 -3.46 6.73 1.13
C ILE A 46 -3.58 8.00 0.27
N ARG A 47 -4.14 9.07 0.85
CA ARG A 47 -4.28 10.32 0.11
C ARG A 47 -2.91 10.97 -0.09
N GLU A 48 -2.03 10.79 0.90
CA GLU A 48 -0.68 11.33 0.84
C GLU A 48 0.15 10.58 -0.18
N ALA A 49 -0.02 9.26 -0.25
CA ALA A 49 0.73 8.44 -1.19
C ALA A 49 0.14 8.54 -2.59
N ASP A 50 -1.09 9.02 -2.68
CA ASP A 50 -1.77 9.17 -3.98
C ASP A 50 -1.65 10.62 -4.48
N VAL A 51 -1.08 10.83 -5.69
CA VAL A 51 -0.99 12.18 -6.25
C VAL A 51 -1.59 12.18 -7.65
N ASP A 52 -1.82 10.97 -8.17
CA ASP A 52 -2.48 10.84 -9.48
C ASP A 52 -3.98 10.99 -9.23
N GLY A 53 -4.36 10.89 -7.95
CA GLY A 53 -5.76 11.02 -7.56
C GLY A 53 -6.58 9.81 -8.02
N ASP A 54 -6.39 8.68 -7.35
CA ASP A 54 -7.12 7.45 -7.68
C ASP A 54 -7.65 6.75 -6.43
N GLY A 55 -7.02 7.01 -5.29
CA GLY A 55 -7.44 6.39 -4.03
C GLY A 55 -6.83 5.00 -3.87
N GLN A 56 -5.92 4.67 -4.79
CA GLN A 56 -5.24 3.37 -4.75
C GLN A 56 -3.76 3.59 -4.98
N ILE A 57 -2.93 2.68 -4.48
CA ILE A 57 -1.49 2.80 -4.65
C ILE A 57 -1.05 1.82 -5.72
N ASN A 58 -0.55 2.36 -6.83
CA ASN A 58 -0.06 1.53 -7.90
C ASN A 58 1.36 1.10 -7.54
N TYR A 59 1.85 0.05 -8.16
CA TYR A 59 3.18 -0.42 -7.83
C TYR A 59 4.20 0.71 -7.91
N GLU A 60 4.24 1.40 -9.04
CA GLU A 60 5.19 2.49 -9.22
C GLU A 60 5.05 3.51 -8.08
N GLU A 61 3.83 3.80 -7.70
CA GLU A 61 3.58 4.75 -6.62
C GLU A 61 4.04 4.15 -5.29
N PHE A 62 3.81 2.86 -5.13
CA PHE A 62 4.22 2.15 -3.92
C PHE A 62 5.74 2.26 -3.79
N VAL A 63 6.41 2.18 -4.94
CA VAL A 63 7.85 2.27 -5.00
C VAL A 63 8.31 3.69 -4.61
N LYS A 64 7.59 4.69 -5.11
CA LYS A 64 7.92 6.09 -4.82
C LYS A 64 7.79 6.41 -3.33
N VAL A 65 6.69 5.99 -2.71
CA VAL A 65 6.46 6.26 -1.29
C VAL A 65 7.35 5.36 -0.41
N MET A 66 7.44 4.09 -0.78
CA MET A 66 8.26 3.14 -0.01
C MET A 66 9.73 3.50 -0.09
N MET A 67 10.17 3.83 -1.29
CA MET A 67 11.56 4.22 -1.51
C MET A 67 11.89 5.52 -0.79
N ALA A 68 10.96 6.48 -0.86
CA ALA A 68 11.15 7.77 -0.21
C ALA A 68 10.54 7.77 1.18
N LYS A 69 9.63 8.71 1.44
CA LYS A 69 8.98 8.80 2.73
C LYS A 69 8.16 7.54 3.00
CA CA B . -6.69 -4.35 -5.26
CA CA C . -2.10 6.42 -7.10
N ASP A 1 16.54 -9.95 -6.75
CA ASP A 1 17.42 -8.91 -6.15
C ASP A 1 16.62 -8.09 -5.14
N SER A 2 17.20 -6.96 -4.71
CA SER A 2 16.54 -6.10 -3.74
C SER A 2 15.15 -5.73 -4.24
N GLU A 3 15.06 -5.37 -5.52
CA GLU A 3 13.80 -4.99 -6.13
C GLU A 3 12.82 -6.16 -6.09
N GLU A 4 13.32 -7.37 -6.25
CA GLU A 4 12.45 -8.54 -6.24
C GLU A 4 11.74 -8.65 -4.90
N GLU A 5 12.46 -8.37 -3.83
CA GLU A 5 11.88 -8.44 -2.48
C GLU A 5 10.83 -7.36 -2.32
N LEU A 6 11.11 -6.18 -2.84
CA LEU A 6 10.16 -5.08 -2.74
C LEU A 6 8.85 -5.46 -3.42
N LYS A 7 8.96 -6.06 -4.59
CA LYS A 7 7.79 -6.49 -5.35
C LYS A 7 7.04 -7.59 -4.60
N GLU A 8 7.76 -8.40 -3.84
CA GLU A 8 7.11 -9.44 -3.05
C GLU A 8 6.24 -8.75 -2.00
N ALA A 9 6.81 -7.72 -1.37
CA ALA A 9 6.08 -6.96 -0.37
C ALA A 9 4.83 -6.36 -1.01
N PHE A 10 4.99 -5.85 -2.22
CA PHE A 10 3.89 -5.27 -2.95
C PHE A 10 2.81 -6.33 -3.19
N ARG A 11 3.23 -7.52 -3.60
CA ARG A 11 2.32 -8.61 -3.87
C ARG A 11 1.54 -8.98 -2.61
N VAL A 12 2.21 -8.87 -1.46
CA VAL A 12 1.58 -9.17 -0.18
C VAL A 12 0.48 -8.14 0.11
N PHE A 13 0.82 -6.87 -0.14
CA PHE A 13 -0.11 -5.77 0.09
C PHE A 13 -1.36 -5.88 -0.78
N ASP A 14 -1.19 -6.27 -2.03
CA ASP A 14 -2.31 -6.36 -2.96
C ASP A 14 -3.03 -7.70 -2.87
N LYS A 15 -3.95 -7.81 -1.92
CA LYS A 15 -4.72 -9.03 -1.73
C LYS A 15 -5.56 -9.32 -2.97
N ASP A 16 -6.28 -8.29 -3.43
CA ASP A 16 -7.09 -8.42 -4.62
C ASP A 16 -6.18 -8.64 -5.79
N GLN A 17 -4.99 -8.00 -5.73
CA GLN A 17 -3.99 -8.19 -6.78
C GLN A 17 -4.45 -7.67 -8.12
N ASN A 18 -4.92 -6.43 -8.11
CA ASN A 18 -5.40 -5.77 -9.32
C ASN A 18 -4.30 -4.90 -9.89
N GLY A 19 -3.11 -5.04 -9.32
CA GLY A 19 -1.95 -4.24 -9.74
C GLY A 19 -1.81 -2.99 -8.88
N PHE A 20 -2.81 -2.75 -8.03
CA PHE A 20 -2.80 -1.59 -7.13
C PHE A 20 -3.06 -2.04 -5.70
N ILE A 21 -2.88 -1.11 -4.75
CA ILE A 21 -3.15 -1.41 -3.35
C ILE A 21 -4.25 -0.48 -2.88
N SER A 22 -5.31 -1.07 -2.33
CA SER A 22 -6.45 -0.30 -1.84
C SER A 22 -6.46 -0.23 -0.33
N ALA A 23 -7.06 0.84 0.20
CA ALA A 23 -7.14 0.99 1.64
C ALA A 23 -7.72 -0.29 2.21
N ALA A 24 -8.68 -0.84 1.48
CA ALA A 24 -9.32 -2.09 1.88
C ALA A 24 -8.27 -3.16 2.06
N GLU A 25 -7.43 -3.33 1.04
CA GLU A 25 -6.37 -4.31 1.09
C GLU A 25 -5.38 -3.92 2.17
N LEU A 26 -5.05 -2.65 2.24
CA LEU A 26 -4.10 -2.15 3.22
C LEU A 26 -4.68 -2.34 4.63
N ARG A 27 -6.00 -2.20 4.75
CA ARG A 27 -6.66 -2.39 6.03
C ARG A 27 -6.57 -3.86 6.45
N HIS A 28 -6.82 -4.75 5.49
CA HIS A 28 -6.78 -6.18 5.75
C HIS A 28 -5.36 -6.63 6.07
N VAL A 29 -4.39 -6.12 5.32
CA VAL A 29 -2.99 -6.48 5.53
C VAL A 29 -2.54 -5.98 6.91
N MET A 30 -2.92 -4.74 7.23
CA MET A 30 -2.57 -4.15 8.52
C MET A 30 -3.26 -4.94 9.64
N THR A 31 -4.41 -5.54 9.32
CA THR A 31 -5.15 -6.34 10.29
C THR A 31 -4.44 -7.68 10.52
N ASN A 32 -3.95 -8.29 9.44
CA ASN A 32 -3.23 -9.55 9.53
C ASN A 32 -1.98 -9.37 10.36
N LEU A 33 -1.36 -8.22 10.15
CA LEU A 33 -0.13 -7.84 10.85
C LEU A 33 -0.35 -7.76 12.36
N GLY A 34 -1.45 -7.13 12.76
CA GLY A 34 -1.78 -6.97 14.17
C GLY A 34 -1.37 -5.59 14.63
N GLU A 35 -1.35 -4.68 13.67
CA GLU A 35 -1.01 -3.28 13.90
C GLU A 35 -2.04 -2.42 13.20
N LYS A 36 -3.17 -2.19 13.88
CA LYS A 36 -4.25 -1.40 13.30
C LYS A 36 -4.08 0.08 13.61
N LEU A 37 -4.38 0.92 12.64
CA LEU A 37 -4.27 2.37 12.80
C LEU A 37 -5.65 3.00 12.85
N THR A 38 -5.69 4.33 12.89
CA THR A 38 -6.96 5.04 12.92
C THR A 38 -7.47 5.22 11.49
N ASP A 39 -8.72 5.60 11.38
CA ASP A 39 -9.31 5.81 10.08
C ASP A 39 -8.58 6.93 9.35
N GLU A 40 -8.16 7.92 10.12
CA GLU A 40 -7.44 9.06 9.57
C GLU A 40 -6.01 8.70 9.17
N GLU A 41 -5.36 7.82 9.94
CA GLU A 41 -4.00 7.41 9.59
C GLU A 41 -4.02 6.62 8.30
N VAL A 42 -4.96 5.69 8.23
CA VAL A 42 -5.10 4.86 7.05
C VAL A 42 -5.40 5.74 5.84
N ASP A 43 -6.38 6.62 5.96
CA ASP A 43 -6.74 7.53 4.87
C ASP A 43 -5.59 8.47 4.52
N GLU A 44 -4.98 9.07 5.54
CA GLU A 44 -3.87 10.00 5.32
C GLU A 44 -2.74 9.32 4.56
N MET A 45 -2.43 8.09 4.93
CA MET A 45 -1.37 7.35 4.26
C MET A 45 -1.76 7.07 2.81
N ILE A 46 -3.01 6.68 2.64
CA ILE A 46 -3.57 6.39 1.33
C ILE A 46 -3.69 7.65 0.46
N ARG A 47 -4.17 8.74 1.05
CA ARG A 47 -4.30 10.00 0.32
C ARG A 47 -2.93 10.58 0.01
N GLU A 48 -1.99 10.36 0.93
CA GLU A 48 -0.62 10.84 0.76
C GLU A 48 0.10 10.01 -0.29
N ALA A 49 -0.07 8.70 -0.20
CA ALA A 49 0.56 7.79 -1.15
C ALA A 49 -0.16 7.87 -2.49
N ASP A 50 -1.40 8.42 -2.47
CA ASP A 50 -2.20 8.56 -3.69
C ASP A 50 -2.19 10.01 -4.16
N VAL A 51 -1.80 10.16 -5.40
CA VAL A 51 -1.66 11.46 -6.05
C VAL A 51 -2.47 11.54 -7.32
N ASP A 52 -2.87 10.39 -7.83
CA ASP A 52 -3.67 10.36 -9.03
C ASP A 52 -5.11 10.18 -8.58
N GLY A 53 -5.23 9.96 -7.28
CA GLY A 53 -6.52 9.77 -6.66
C GLY A 53 -7.21 8.50 -7.17
N ASP A 54 -6.40 7.54 -7.61
CA ASP A 54 -6.94 6.28 -8.12
C ASP A 54 -7.49 5.43 -6.98
N GLY A 55 -7.62 6.04 -5.79
CA GLY A 55 -8.16 5.32 -4.64
C GLY A 55 -7.28 4.15 -4.26
N GLN A 56 -6.19 4.00 -5.00
CA GLN A 56 -5.24 2.91 -4.75
C GLN A 56 -3.83 3.42 -5.01
N ILE A 57 -2.86 2.53 -4.93
CA ILE A 57 -1.46 2.89 -5.18
C ILE A 57 -0.91 1.91 -6.20
N ASN A 58 -0.32 2.43 -7.27
CA ASN A 58 0.28 1.57 -8.28
C ASN A 58 1.65 1.17 -7.78
N TYR A 59 2.18 0.06 -8.26
CA TYR A 59 3.49 -0.38 -7.79
C TYR A 59 4.50 0.76 -7.85
N GLU A 60 4.70 1.33 -9.03
CA GLU A 60 5.67 2.41 -9.19
C GLU A 60 5.47 3.47 -8.11
N GLU A 61 4.22 3.84 -7.88
CA GLU A 61 3.93 4.86 -6.86
C GLU A 61 4.31 4.33 -5.48
N PHE A 62 4.02 3.06 -5.24
CA PHE A 62 4.36 2.44 -3.96
C PHE A 62 5.86 2.50 -3.77
N VAL A 63 6.58 2.21 -4.85
CA VAL A 63 8.02 2.24 -4.82
C VAL A 63 8.49 3.64 -4.46
N LYS A 64 7.87 4.65 -5.07
CA LYS A 64 8.22 6.03 -4.79
C LYS A 64 7.96 6.38 -3.31
N VAL A 65 6.79 5.97 -2.79
CA VAL A 65 6.44 6.26 -1.41
C VAL A 65 7.31 5.46 -0.43
N MET A 66 7.46 4.17 -0.70
CA MET A 66 8.25 3.30 0.17
C MET A 66 9.71 3.72 0.17
N MET A 67 10.22 4.05 -1.00
CA MET A 67 11.62 4.47 -1.13
C MET A 67 11.85 5.77 -0.36
N ALA A 68 10.92 6.71 -0.47
CA ALA A 68 11.06 7.99 0.22
C ALA A 68 11.09 7.77 1.73
N LYS A 69 9.99 7.24 2.27
CA LYS A 69 9.90 6.99 3.70
C LYS A 69 10.93 5.95 4.13
CA CA B . -6.46 -4.02 -5.39
CA CA C . -2.20 6.48 -6.90
N ASP A 1 18.27 -7.89 -6.62
CA ASP A 1 17.56 -8.70 -5.59
C ASP A 1 16.64 -7.79 -4.77
N SER A 2 17.09 -6.55 -4.55
CA SER A 2 16.29 -5.61 -3.78
C SER A 2 14.96 -5.35 -4.47
N GLU A 3 15.02 -5.05 -5.76
CA GLU A 3 13.81 -4.77 -6.53
C GLU A 3 12.85 -5.96 -6.46
N GLU A 4 13.38 -7.16 -6.62
CA GLU A 4 12.55 -8.35 -6.55
C GLU A 4 11.89 -8.46 -5.18
N GLU A 5 12.65 -8.13 -4.14
CA GLU A 5 12.14 -8.16 -2.79
C GLU A 5 11.03 -7.12 -2.61
N LEU A 6 11.20 -5.97 -3.23
CA LEU A 6 10.19 -4.92 -3.11
C LEU A 6 8.86 -5.41 -3.68
N LYS A 7 8.94 -6.06 -4.82
CA LYS A 7 7.75 -6.58 -5.48
C LYS A 7 7.08 -7.65 -4.63
N GLU A 8 7.89 -8.39 -3.89
CA GLU A 8 7.33 -9.41 -3.00
C GLU A 8 6.50 -8.71 -1.94
N ALA A 9 7.06 -7.64 -1.38
CA ALA A 9 6.37 -6.85 -0.37
C ALA A 9 5.08 -6.29 -0.96
N PHE A 10 5.16 -5.80 -2.18
CA PHE A 10 4.00 -5.26 -2.87
C PHE A 10 2.93 -6.34 -3.05
N ARG A 11 3.37 -7.51 -3.49
CA ARG A 11 2.46 -8.62 -3.73
C ARG A 11 1.73 -8.99 -2.45
N VAL A 12 2.42 -8.82 -1.31
CA VAL A 12 1.82 -9.10 -0.01
C VAL A 12 0.70 -8.11 0.25
N PHE A 13 0.97 -6.84 -0.03
CA PHE A 13 0.02 -5.76 0.19
C PHE A 13 -1.25 -5.92 -0.64
N ASP A 14 -1.08 -6.31 -1.89
CA ASP A 14 -2.22 -6.43 -2.80
C ASP A 14 -2.97 -7.75 -2.61
N LYS A 15 -3.94 -7.75 -1.71
CA LYS A 15 -4.72 -8.94 -1.45
C LYS A 15 -5.42 -9.38 -2.73
N ASP A 16 -6.04 -8.42 -3.40
CA ASP A 16 -6.76 -8.69 -4.65
C ASP A 16 -5.79 -9.00 -5.76
N GLN A 17 -4.51 -8.77 -5.50
CA GLN A 17 -3.45 -9.01 -6.49
C GLN A 17 -3.84 -8.54 -7.89
N ASN A 18 -4.36 -7.31 -7.99
CA ASN A 18 -4.74 -6.75 -9.29
C ASN A 18 -3.71 -5.70 -9.75
N GLY A 19 -2.66 -5.56 -8.95
CA GLY A 19 -1.60 -4.58 -9.26
C GLY A 19 -1.92 -3.24 -8.64
N PHE A 20 -2.73 -3.26 -7.58
CA PHE A 20 -3.10 -2.04 -6.87
C PHE A 20 -3.36 -2.35 -5.40
N ILE A 21 -3.08 -1.37 -4.54
CA ILE A 21 -3.34 -1.53 -3.11
C ILE A 21 -4.42 -0.55 -2.72
N SER A 22 -5.45 -1.05 -2.07
CA SER A 22 -6.57 -0.22 -1.66
C SER A 22 -6.61 -0.13 -0.14
N ALA A 23 -7.23 0.92 0.38
CA ALA A 23 -7.34 1.07 1.82
C ALA A 23 -7.91 -0.22 2.39
N ALA A 24 -8.93 -0.73 1.69
CA ALA A 24 -9.57 -1.97 2.08
C ALA A 24 -8.52 -3.05 2.23
N GLU A 25 -7.74 -3.24 1.17
CA GLU A 25 -6.69 -4.23 1.16
C GLU A 25 -5.69 -3.91 2.27
N LEU A 26 -5.34 -2.64 2.38
CA LEU A 26 -4.39 -2.20 3.40
C LEU A 26 -4.96 -2.48 4.80
N ARG A 27 -6.26 -2.25 4.96
CA ARG A 27 -6.91 -2.49 6.23
C ARG A 27 -6.78 -3.96 6.60
N HIS A 28 -6.99 -4.83 5.60
CA HIS A 28 -6.90 -6.27 5.81
C HIS A 28 -5.47 -6.68 6.14
N VAL A 29 -4.51 -6.14 5.39
CA VAL A 29 -3.10 -6.46 5.60
C VAL A 29 -2.65 -5.94 6.97
N MET A 30 -3.05 -4.70 7.28
CA MET A 30 -2.70 -4.09 8.56
C MET A 30 -3.30 -4.89 9.70
N THR A 31 -4.54 -5.35 9.50
CA THR A 31 -5.22 -6.16 10.51
C THR A 31 -4.52 -7.50 10.68
N ASN A 32 -4.17 -8.12 9.55
CA ASN A 32 -3.48 -9.41 9.58
C ASN A 32 -2.14 -9.25 10.30
N LEU A 33 -1.49 -8.15 9.98
CA LEU A 33 -0.20 -7.79 10.54
C LEU A 33 -0.31 -7.58 12.05
N GLY A 34 -1.36 -6.88 12.46
CA GLY A 34 -1.58 -6.58 13.87
C GLY A 34 -1.18 -5.13 14.12
N GLU A 35 -0.87 -4.47 13.01
CA GLU A 35 -0.49 -3.06 13.03
C GLU A 35 -1.63 -2.26 12.41
N LYS A 36 -2.70 -2.05 13.18
CA LYS A 36 -3.87 -1.33 12.67
C LYS A 36 -3.94 0.07 13.28
N LEU A 37 -4.19 1.07 12.43
CA LEU A 37 -4.28 2.46 12.86
C LEU A 37 -5.73 2.94 12.78
N THR A 38 -5.92 4.22 13.07
CA THR A 38 -7.25 4.80 13.00
C THR A 38 -7.69 4.90 11.57
N ASP A 39 -8.96 5.21 11.36
CA ASP A 39 -9.49 5.35 10.02
C ASP A 39 -8.80 6.50 9.30
N GLU A 40 -8.57 7.58 10.04
CA GLU A 40 -7.94 8.76 9.47
C GLU A 40 -6.46 8.53 9.17
N GLU A 41 -5.77 7.74 10.00
CA GLU A 41 -4.37 7.46 9.73
C GLU A 41 -4.28 6.63 8.46
N VAL A 42 -5.16 5.64 8.39
CA VAL A 42 -5.22 4.75 7.25
C VAL A 42 -5.55 5.55 5.98
N ASP A 43 -6.56 6.41 6.07
CA ASP A 43 -6.96 7.22 4.93
C ASP A 43 -5.88 8.26 4.58
N GLU A 44 -5.44 9.02 5.58
CA GLU A 44 -4.42 10.05 5.36
C GLU A 44 -3.18 9.46 4.72
N MET A 45 -2.79 8.28 5.18
CA MET A 45 -1.63 7.59 4.63
C MET A 45 -1.89 7.22 3.17
N ILE A 46 -3.11 6.76 2.93
CA ILE A 46 -3.54 6.37 1.59
C ILE A 46 -3.60 7.58 0.64
N ARG A 47 -4.18 8.68 1.11
CA ARG A 47 -4.27 9.89 0.29
C ARG A 47 -2.87 10.48 0.08
N GLU A 48 -2.04 10.35 1.10
CA GLU A 48 -0.68 10.85 1.04
C GLU A 48 0.15 10.06 0.04
N ALA A 49 -0.13 8.76 -0.05
CA ALA A 49 0.59 7.90 -0.98
C ALA A 49 -0.01 8.04 -2.40
N ASP A 50 -1.19 8.65 -2.49
CA ASP A 50 -1.87 8.85 -3.79
C ASP A 50 -1.69 10.29 -4.27
N VAL A 51 -1.14 10.43 -5.48
CA VAL A 51 -0.85 11.74 -6.06
C VAL A 51 -1.42 11.78 -7.48
N ASP A 52 -1.71 10.60 -8.03
CA ASP A 52 -2.33 10.50 -9.35
C ASP A 52 -3.81 10.76 -9.17
N GLY A 53 -4.24 10.71 -7.90
CA GLY A 53 -5.63 10.94 -7.57
C GLY A 53 -6.53 9.80 -8.05
N ASP A 54 -6.45 8.66 -7.35
CA ASP A 54 -7.26 7.48 -7.71
C ASP A 54 -7.74 6.75 -6.46
N GLY A 55 -6.99 6.90 -5.36
CA GLY A 55 -7.36 6.25 -4.10
C GLY A 55 -6.71 4.86 -4.02
N GLN A 56 -5.87 4.55 -5.00
CA GLN A 56 -5.17 3.27 -5.03
C GLN A 56 -3.71 3.52 -5.34
N ILE A 57 -2.85 2.64 -4.82
CA ILE A 57 -1.41 2.76 -5.05
C ILE A 57 -1.00 1.70 -6.04
N ASN A 58 -0.49 2.14 -7.18
CA ASN A 58 -0.02 1.22 -8.18
C ASN A 58 1.41 0.84 -7.82
N TYR A 59 1.99 -0.13 -8.49
CA TYR A 59 3.33 -0.53 -8.13
C TYR A 59 4.30 0.65 -8.19
N GLU A 60 4.22 1.45 -9.25
CA GLU A 60 5.11 2.59 -9.39
C GLU A 60 4.96 3.54 -8.21
N GLU A 61 3.73 3.84 -7.82
CA GLU A 61 3.48 4.76 -6.72
C GLU A 61 3.94 4.11 -5.41
N PHE A 62 3.74 2.82 -5.31
CA PHE A 62 4.16 2.06 -4.15
C PHE A 62 5.67 2.16 -3.99
N VAL A 63 6.34 2.07 -5.12
CA VAL A 63 7.79 2.17 -5.15
C VAL A 63 8.21 3.53 -4.63
N LYS A 64 7.50 4.56 -5.07
CA LYS A 64 7.79 5.93 -4.63
C LYS A 64 7.55 6.08 -3.13
N VAL A 65 6.44 5.54 -2.63
CA VAL A 65 6.11 5.61 -1.21
C VAL A 65 7.08 4.78 -0.37
N MET A 66 7.39 3.59 -0.86
CA MET A 66 8.29 2.69 -0.13
C MET A 66 9.72 3.20 -0.17
N MET A 67 10.12 3.72 -1.32
CA MET A 67 11.47 4.25 -1.49
C MET A 67 11.70 5.44 -0.57
N ALA A 68 10.70 6.33 -0.47
CA ALA A 68 10.81 7.51 0.39
C ALA A 68 10.07 7.26 1.70
N LYS A 69 9.11 8.13 2.00
CA LYS A 69 8.35 8.01 3.24
C LYS A 69 7.55 6.71 3.24
CA CA B . -6.55 -4.16 -5.44
CA CA C . -2.25 6.51 -7.33
N ASP A 1 17.22 -8.36 -7.02
CA ASP A 1 17.57 -8.59 -5.58
C ASP A 1 16.62 -7.79 -4.70
N SER A 2 17.08 -6.63 -4.24
CA SER A 2 16.26 -5.80 -3.38
C SER A 2 14.96 -5.43 -4.10
N GLU A 3 15.08 -5.04 -5.36
CA GLU A 3 13.90 -4.65 -6.14
C GLU A 3 12.90 -5.80 -6.19
N GLU A 4 13.39 -7.02 -6.35
CA GLU A 4 12.53 -8.19 -6.40
C GLU A 4 11.81 -8.35 -5.05
N GLU A 5 12.53 -8.07 -3.97
CA GLU A 5 11.97 -8.17 -2.63
C GLU A 5 10.86 -7.13 -2.47
N LEU A 6 11.06 -5.95 -3.02
CA LEU A 6 10.07 -4.88 -2.93
C LEU A 6 8.76 -5.33 -3.57
N LYS A 7 8.88 -5.95 -4.74
CA LYS A 7 7.71 -6.44 -5.45
C LYS A 7 7.02 -7.53 -4.65
N GLU A 8 7.81 -8.32 -3.91
CA GLU A 8 7.22 -9.37 -3.08
C GLU A 8 6.36 -8.70 -2.01
N ALA A 9 6.91 -7.64 -1.42
CA ALA A 9 6.20 -6.89 -0.39
C ALA A 9 4.93 -6.31 -0.99
N PHE A 10 5.04 -5.80 -2.21
CA PHE A 10 3.90 -5.23 -2.90
C PHE A 10 2.80 -6.29 -3.08
N ARG A 11 3.21 -7.48 -3.50
CA ARG A 11 2.28 -8.58 -3.71
C ARG A 11 1.60 -8.96 -2.39
N VAL A 12 2.34 -8.82 -1.29
CA VAL A 12 1.79 -9.12 0.03
C VAL A 12 0.69 -8.12 0.39
N PHE A 13 0.96 -6.84 0.11
CA PHE A 13 0.02 -5.77 0.41
C PHE A 13 -1.27 -5.90 -0.40
N ASP A 14 -1.15 -6.31 -1.66
CA ASP A 14 -2.31 -6.42 -2.53
C ASP A 14 -3.04 -7.76 -2.37
N LYS A 15 -3.98 -7.79 -1.44
CA LYS A 15 -4.74 -9.00 -1.20
C LYS A 15 -5.48 -9.40 -2.48
N ASP A 16 -6.11 -8.41 -3.12
CA ASP A 16 -6.83 -8.66 -4.36
C ASP A 16 -5.87 -9.16 -5.44
N GLN A 17 -4.73 -8.49 -5.55
CA GLN A 17 -3.69 -8.88 -6.50
C GLN A 17 -4.06 -8.43 -7.94
N ASN A 18 -4.47 -7.18 -8.10
CA ASN A 18 -4.82 -6.65 -9.43
C ASN A 18 -3.80 -5.61 -9.87
N GLY A 19 -2.72 -5.50 -9.11
CA GLY A 19 -1.67 -4.52 -9.42
C GLY A 19 -1.99 -3.19 -8.75
N PHE A 20 -2.83 -3.25 -7.71
CA PHE A 20 -3.21 -2.05 -6.97
C PHE A 20 -3.44 -2.39 -5.50
N ILE A 21 -3.15 -1.43 -4.62
CA ILE A 21 -3.38 -1.60 -3.19
C ILE A 21 -4.49 -0.66 -2.76
N SER A 22 -5.59 -1.23 -2.31
CA SER A 22 -6.74 -0.47 -1.87
C SER A 22 -6.67 -0.21 -0.37
N ALA A 23 -7.33 0.86 0.07
CA ALA A 23 -7.34 1.16 1.49
C ALA A 23 -7.90 -0.04 2.23
N ALA A 24 -8.98 -0.59 1.68
CA ALA A 24 -9.61 -1.76 2.27
C ALA A 24 -8.59 -2.88 2.43
N GLU A 25 -7.86 -3.15 1.35
CA GLU A 25 -6.83 -4.18 1.37
C GLU A 25 -5.73 -3.79 2.34
N LEU A 26 -5.37 -2.51 2.32
CA LEU A 26 -4.33 -1.99 3.19
C LEU A 26 -4.75 -2.16 4.65
N ARG A 27 -6.03 -1.89 4.92
CA ARG A 27 -6.57 -2.04 6.27
C ARG A 27 -6.51 -3.49 6.71
N HIS A 28 -6.86 -4.39 5.79
CA HIS A 28 -6.87 -5.82 6.08
C HIS A 28 -5.44 -6.32 6.35
N VAL A 29 -4.49 -5.83 5.57
CA VAL A 29 -3.10 -6.22 5.73
C VAL A 29 -2.57 -5.73 7.07
N MET A 30 -2.95 -4.51 7.45
CA MET A 30 -2.52 -3.93 8.71
C MET A 30 -3.09 -4.73 9.87
N THR A 31 -4.32 -5.23 9.71
CA THR A 31 -4.95 -6.01 10.75
C THR A 31 -4.29 -7.40 10.84
N ASN A 32 -4.00 -7.98 9.68
CA ASN A 32 -3.35 -9.28 9.62
C ASN A 32 -1.96 -9.16 10.25
N LEU A 33 -1.33 -8.04 9.94
CA LEU A 33 0.00 -7.72 10.42
C LEU A 33 0.03 -7.66 11.95
N GLY A 34 -1.11 -7.35 12.55
CA GLY A 34 -1.20 -7.22 14.00
C GLY A 34 -1.13 -5.75 14.36
N GLU A 35 -1.32 -4.93 13.33
CA GLU A 35 -1.32 -3.48 13.45
C GLU A 35 -2.75 -2.99 13.31
N LYS A 36 -3.16 -2.07 14.19
CA LYS A 36 -4.53 -1.55 14.15
C LYS A 36 -4.53 -0.03 13.96
N LEU A 37 -4.76 0.40 12.72
CA LEU A 37 -4.80 1.81 12.38
C LEU A 37 -6.25 2.26 12.20
N THR A 38 -6.49 3.54 12.39
CA THR A 38 -7.83 4.09 12.22
C THR A 38 -8.07 4.42 10.75
N ASP A 39 -9.28 4.83 10.44
CA ASP A 39 -9.62 5.19 9.08
C ASP A 39 -8.79 6.38 8.63
N GLU A 40 -8.62 7.35 9.54
CA GLU A 40 -7.86 8.56 9.25
C GLU A 40 -6.39 8.26 8.96
N GLU A 41 -5.77 7.38 9.74
CA GLU A 41 -4.38 7.03 9.50
C GLU A 41 -4.31 6.30 8.17
N VAL A 42 -5.23 5.37 7.99
CA VAL A 42 -5.28 4.58 6.77
C VAL A 42 -5.50 5.51 5.57
N ASP A 43 -6.48 6.40 5.68
CA ASP A 43 -6.78 7.34 4.60
C ASP A 43 -5.62 8.31 4.39
N GLU A 44 -5.16 8.93 5.48
CA GLU A 44 -4.07 9.89 5.39
C GLU A 44 -2.85 9.27 4.73
N MET A 45 -2.51 8.07 5.13
CA MET A 45 -1.38 7.36 4.55
C MET A 45 -1.62 7.12 3.06
N ILE A 46 -2.84 6.72 2.75
CA ILE A 46 -3.25 6.44 1.38
C ILE A 46 -3.27 7.73 0.55
N ARG A 47 -3.84 8.80 1.10
CA ARG A 47 -3.91 10.08 0.38
C ARG A 47 -2.51 10.63 0.15
N GLU A 48 -1.63 10.42 1.13
CA GLU A 48 -0.25 10.89 1.04
C GLU A 48 0.51 10.07 -0.01
N ALA A 49 0.26 8.76 -0.04
CA ALA A 49 0.94 7.89 -1.01
C ALA A 49 0.21 7.92 -2.34
N ASP A 50 -1.05 8.38 -2.32
CA ASP A 50 -1.83 8.53 -3.55
C ASP A 50 -1.71 9.99 -3.97
N VAL A 51 -1.21 10.25 -5.17
CA VAL A 51 -1.07 11.63 -5.69
C VAL A 51 -1.84 11.67 -7.06
N ASP A 52 -2.22 10.45 -7.60
CA ASP A 52 -3.07 10.38 -8.84
C ASP A 52 -4.51 10.48 -8.34
N GLY A 53 -4.61 10.44 -7.01
CA GLY A 53 -5.88 10.53 -6.29
C GLY A 53 -6.83 9.39 -6.64
N ASP A 54 -6.46 8.60 -7.64
CA ASP A 54 -7.30 7.48 -8.07
C ASP A 54 -7.89 6.73 -6.89
N GLY A 55 -7.28 6.92 -5.71
CA GLY A 55 -7.75 6.24 -4.51
C GLY A 55 -7.10 4.88 -4.34
N GLN A 56 -6.21 4.56 -5.28
CA GLN A 56 -5.49 3.29 -5.26
C GLN A 56 -4.02 3.54 -5.46
N ILE A 57 -3.19 2.70 -4.86
CA ILE A 57 -1.74 2.84 -4.99
C ILE A 57 -1.25 1.82 -6.01
N ASN A 58 -0.66 2.33 -7.09
CA ASN A 58 -0.11 1.45 -8.11
C ASN A 58 1.29 1.07 -7.67
N TYR A 59 1.82 -0.01 -8.23
CA TYR A 59 3.16 -0.43 -7.82
C TYR A 59 4.15 0.71 -7.92
N GLU A 60 4.21 1.36 -9.08
CA GLU A 60 5.15 2.46 -9.26
C GLU A 60 5.00 3.48 -8.14
N GLU A 61 3.76 3.80 -7.79
CA GLU A 61 3.52 4.77 -6.73
C GLU A 61 4.02 4.22 -5.41
N PHE A 62 3.81 2.93 -5.19
CA PHE A 62 4.27 2.27 -3.97
C PHE A 62 5.79 2.37 -3.92
N VAL A 63 6.41 2.18 -5.08
CA VAL A 63 7.86 2.26 -5.19
C VAL A 63 8.35 3.66 -4.85
N LYS A 64 7.63 4.67 -5.34
CA LYS A 64 8.00 6.07 -5.10
C LYS A 64 8.02 6.41 -3.60
N VAL A 65 6.95 6.04 -2.90
CA VAL A 65 6.87 6.31 -1.46
C VAL A 65 7.80 5.40 -0.66
N MET A 66 7.84 4.13 -1.04
CA MET A 66 8.68 3.16 -0.35
C MET A 66 10.16 3.48 -0.55
N MET A 67 10.54 3.83 -1.77
CA MET A 67 11.92 4.18 -2.06
C MET A 67 12.31 5.48 -1.36
N ALA A 68 11.39 6.45 -1.36
CA ALA A 68 11.66 7.74 -0.74
C ALA A 68 12.26 7.55 0.64
N LYS A 69 11.47 7.01 1.57
CA LYS A 69 11.94 6.78 2.93
C LYS A 69 12.49 5.36 3.07
CA CA B . -6.55 -4.17 -5.51
CA CA C . -2.25 6.61 -7.40
N ASP A 1 18.85 -7.96 -5.30
CA ASP A 1 17.49 -8.57 -5.39
C ASP A 1 16.51 -7.74 -4.56
N SER A 2 16.93 -6.54 -4.16
CA SER A 2 16.09 -5.67 -3.37
C SER A 2 14.78 -5.38 -4.10
N GLU A 3 14.89 -5.06 -5.39
CA GLU A 3 13.72 -4.75 -6.19
C GLU A 3 12.75 -5.93 -6.17
N GLU A 4 13.28 -7.14 -6.30
CA GLU A 4 12.43 -8.33 -6.29
C GLU A 4 11.75 -8.46 -4.93
N GLU A 5 12.47 -8.12 -3.87
CA GLU A 5 11.94 -8.17 -2.53
C GLU A 5 10.80 -7.16 -2.37
N LEU A 6 10.97 -5.98 -2.95
CA LEU A 6 9.95 -4.95 -2.87
C LEU A 6 8.66 -5.44 -3.52
N LYS A 7 8.80 -6.08 -4.66
CA LYS A 7 7.65 -6.61 -5.39
C LYS A 7 6.95 -7.69 -4.57
N GLU A 8 7.74 -8.43 -3.79
CA GLU A 8 7.15 -9.46 -2.93
C GLU A 8 6.28 -8.77 -1.88
N ALA A 9 6.81 -7.68 -1.34
CA ALA A 9 6.09 -6.89 -0.35
C ALA A 9 4.81 -6.34 -0.97
N PHE A 10 4.95 -5.84 -2.20
CA PHE A 10 3.82 -5.29 -2.92
C PHE A 10 2.75 -6.38 -3.12
N ARG A 11 3.19 -7.55 -3.52
CA ARG A 11 2.28 -8.67 -3.75
C ARG A 11 1.55 -9.05 -2.46
N VAL A 12 2.22 -8.87 -1.33
CA VAL A 12 1.62 -9.16 -0.03
C VAL A 12 0.48 -8.19 0.23
N PHE A 13 0.74 -6.91 -0.06
CA PHE A 13 -0.24 -5.85 0.15
C PHE A 13 -1.50 -6.03 -0.69
N ASP A 14 -1.32 -6.47 -1.94
CA ASP A 14 -2.46 -6.63 -2.84
C ASP A 14 -3.01 -8.06 -2.80
N LYS A 15 -3.84 -8.33 -1.80
CA LYS A 15 -4.44 -9.65 -1.67
C LYS A 15 -5.27 -9.96 -2.91
N ASP A 16 -6.03 -8.96 -3.34
CA ASP A 16 -6.90 -9.10 -4.50
C ASP A 16 -6.06 -9.36 -5.75
N GLN A 17 -4.83 -8.88 -5.75
CA GLN A 17 -3.93 -9.09 -6.89
C GLN A 17 -4.45 -8.35 -8.15
N ASN A 18 -5.01 -7.16 -7.96
CA ASN A 18 -5.52 -6.38 -9.10
C ASN A 18 -4.41 -5.50 -9.67
N GLY A 19 -3.27 -5.55 -9.00
CA GLY A 19 -2.11 -4.76 -9.43
C GLY A 19 -2.09 -3.42 -8.72
N PHE A 20 -3.09 -3.19 -7.87
CA PHE A 20 -3.19 -1.93 -7.13
C PHE A 20 -3.52 -2.21 -5.68
N ILE A 21 -2.87 -1.50 -4.77
CA ILE A 21 -3.14 -1.66 -3.35
C ILE A 21 -4.26 -0.71 -2.97
N SER A 22 -5.22 -1.21 -2.22
CA SER A 22 -6.37 -0.40 -1.80
C SER A 22 -6.39 -0.27 -0.29
N ALA A 23 -7.07 0.76 0.20
CA ALA A 23 -7.17 0.95 1.64
C ALA A 23 -7.73 -0.32 2.25
N ALA A 24 -8.70 -0.90 1.55
CA ALA A 24 -9.32 -2.13 1.98
C ALA A 24 -8.26 -3.19 2.22
N GLU A 25 -7.42 -3.39 1.21
CA GLU A 25 -6.36 -4.36 1.31
C GLU A 25 -5.36 -3.92 2.38
N LEU A 26 -5.07 -2.61 2.38
CA LEU A 26 -4.14 -2.06 3.36
C LEU A 26 -4.70 -2.23 4.78
N ARG A 27 -6.01 -2.04 4.92
CA ARG A 27 -6.66 -2.20 6.21
C ARG A 27 -6.54 -3.65 6.69
N HIS A 28 -6.82 -4.57 5.78
CA HIS A 28 -6.76 -6.00 6.10
C HIS A 28 -5.30 -6.43 6.36
N VAL A 29 -4.39 -5.96 5.53
CA VAL A 29 -2.97 -6.30 5.68
C VAL A 29 -2.43 -5.74 7.00
N MET A 30 -2.79 -4.49 7.29
CA MET A 30 -2.37 -3.85 8.53
C MET A 30 -3.03 -4.53 9.72
N THR A 31 -4.19 -5.12 9.48
CA THR A 31 -4.92 -5.84 10.52
C THR A 31 -4.23 -7.18 10.82
N ASN A 32 -3.79 -7.86 9.76
CA ASN A 32 -3.08 -9.13 9.89
C ASN A 32 -1.76 -8.88 10.59
N LEU A 33 -1.16 -7.76 10.21
CA LEU A 33 0.13 -7.31 10.73
C LEU A 33 0.12 -7.31 12.26
N GLY A 34 -1.07 -7.19 12.84
CA GLY A 34 -1.20 -7.12 14.29
C GLY A 34 -1.13 -5.66 14.71
N GLU A 35 -1.36 -4.81 13.70
CA GLU A 35 -1.39 -3.37 13.87
C GLU A 35 -2.82 -2.90 13.64
N LYS A 36 -3.27 -1.91 14.41
CA LYS A 36 -4.65 -1.41 14.26
C LYS A 36 -4.67 0.08 13.99
N LEU A 37 -4.84 0.44 12.72
CA LEU A 37 -4.89 1.83 12.30
C LEU A 37 -6.34 2.26 12.09
N THR A 38 -6.58 3.55 12.27
CA THR A 38 -7.93 4.10 12.07
C THR A 38 -8.16 4.36 10.60
N ASP A 39 -9.38 4.71 10.26
CA ASP A 39 -9.73 4.99 8.89
C ASP A 39 -8.95 6.21 8.40
N GLU A 40 -8.79 7.18 9.30
CA GLU A 40 -8.08 8.41 8.97
C GLU A 40 -6.59 8.16 8.78
N GLU A 41 -5.98 7.34 9.62
CA GLU A 41 -4.57 7.06 9.45
C GLU A 41 -4.36 6.34 8.13
N VAL A 42 -5.25 5.39 7.87
CA VAL A 42 -5.22 4.62 6.64
C VAL A 42 -5.43 5.54 5.44
N ASP A 43 -6.43 6.40 5.53
CA ASP A 43 -6.73 7.33 4.45
C ASP A 43 -5.58 8.31 4.22
N GLU A 44 -5.09 8.92 5.31
CA GLU A 44 -3.99 9.88 5.21
C GLU A 44 -2.78 9.26 4.53
N MET A 45 -2.46 8.03 4.91
CA MET A 45 -1.34 7.33 4.30
C MET A 45 -1.61 7.08 2.82
N ILE A 46 -2.84 6.67 2.55
CA ILE A 46 -3.27 6.37 1.19
C ILE A 46 -3.35 7.65 0.34
N ARG A 47 -3.94 8.70 0.92
CA ARG A 47 -4.05 9.97 0.19
C ARG A 47 -2.67 10.59 -0.01
N GLU A 48 -1.82 10.42 1.00
CA GLU A 48 -0.47 10.95 0.96
C GLU A 48 0.38 10.18 -0.06
N ALA A 49 0.16 8.87 -0.12
CA ALA A 49 0.89 8.03 -1.05
C ALA A 49 0.30 8.12 -2.47
N ASP A 50 -0.95 8.60 -2.57
CA ASP A 50 -1.65 8.72 -3.86
C ASP A 50 -1.46 10.11 -4.45
N VAL A 51 -0.89 10.23 -5.64
CA VAL A 51 -0.67 11.57 -6.20
C VAL A 51 -1.65 11.89 -7.29
N ASP A 52 -2.35 10.88 -7.73
CA ASP A 52 -3.43 11.09 -8.64
C ASP A 52 -4.67 11.03 -7.73
N GLY A 53 -4.39 11.03 -6.39
CA GLY A 53 -5.46 10.96 -5.40
C GLY A 53 -6.43 9.83 -5.71
N ASP A 54 -6.08 9.04 -6.71
CA ASP A 54 -6.93 7.92 -7.13
C ASP A 54 -7.34 7.08 -5.94
N GLY A 55 -6.56 7.16 -4.86
CA GLY A 55 -6.85 6.40 -3.65
C GLY A 55 -6.29 4.98 -3.75
N GLN A 56 -5.60 4.71 -4.86
CA GLN A 56 -4.98 3.40 -5.09
C GLN A 56 -3.50 3.58 -5.33
N ILE A 57 -2.70 2.73 -4.71
CA ILE A 57 -1.26 2.80 -4.86
C ILE A 57 -0.84 1.77 -5.88
N ASN A 58 -0.42 2.24 -7.05
CA ASN A 58 0.03 1.34 -8.08
C ASN A 58 1.44 0.89 -7.72
N TYR A 59 1.91 -0.21 -8.27
CA TYR A 59 3.24 -0.67 -7.91
C TYR A 59 4.26 0.48 -8.00
N GLU A 60 4.21 1.24 -9.07
CA GLU A 60 5.13 2.35 -9.24
C GLU A 60 4.95 3.40 -8.14
N GLU A 61 3.71 3.70 -7.82
CA GLU A 61 3.42 4.71 -6.79
C GLU A 61 3.91 4.20 -5.44
N PHE A 62 3.69 2.91 -5.19
CA PHE A 62 4.12 2.29 -3.95
C PHE A 62 5.65 2.36 -3.87
N VAL A 63 6.27 2.18 -5.02
CA VAL A 63 7.71 2.24 -5.13
C VAL A 63 8.19 3.68 -4.85
N LYS A 64 7.44 4.64 -5.39
CA LYS A 64 7.77 6.06 -5.21
C LYS A 64 7.77 6.46 -3.74
N VAL A 65 6.71 6.10 -3.02
CA VAL A 65 6.61 6.43 -1.59
C VAL A 65 7.57 5.59 -0.76
N MET A 66 7.65 4.31 -1.06
CA MET A 66 8.53 3.40 -0.31
C MET A 66 9.98 3.81 -0.46
N MET A 67 10.38 4.06 -1.69
CA MET A 67 11.75 4.46 -1.98
C MET A 67 12.06 5.80 -1.32
N ALA A 68 11.11 6.73 -1.38
CA ALA A 68 11.29 8.05 -0.77
C ALA A 68 10.73 8.07 0.65
N LYS A 69 9.90 9.06 0.95
CA LYS A 69 9.32 9.18 2.28
C LYS A 69 10.37 8.98 3.36
CA CA B . -6.98 -4.45 -5.09
CA CA C . -2.69 7.07 -7.85
N ASP A 1 16.60 -10.06 -6.75
CA ASP A 1 17.34 -8.81 -6.39
C ASP A 1 16.49 -8.00 -5.41
N SER A 2 17.01 -6.84 -5.00
CA SER A 2 16.28 -5.99 -4.06
C SER A 2 14.93 -5.61 -4.63
N GLU A 3 14.93 -5.20 -5.89
CA GLU A 3 13.69 -4.80 -6.55
C GLU A 3 12.68 -5.94 -6.52
N GLU A 4 13.17 -7.17 -6.68
CA GLU A 4 12.28 -8.33 -6.67
C GLU A 4 11.67 -8.49 -5.27
N GLU A 5 12.48 -8.21 -4.25
CA GLU A 5 12.02 -8.30 -2.88
C GLU A 5 10.93 -7.25 -2.62
N LEU A 6 11.12 -6.07 -3.15
CA LEU A 6 10.15 -4.99 -2.97
C LEU A 6 8.81 -5.40 -3.57
N LYS A 7 8.88 -5.99 -4.76
CA LYS A 7 7.69 -6.45 -5.47
C LYS A 7 6.99 -7.55 -4.67
N GLU A 8 7.78 -8.36 -3.96
CA GLU A 8 7.19 -9.40 -3.13
C GLU A 8 6.36 -8.73 -2.04
N ALA A 9 6.94 -7.69 -1.44
CA ALA A 9 6.25 -6.93 -0.40
C ALA A 9 4.98 -6.33 -0.98
N PHE A 10 5.09 -5.81 -2.20
CA PHE A 10 3.94 -5.21 -2.86
C PHE A 10 2.84 -6.25 -3.04
N ARG A 11 3.22 -7.44 -3.48
CA ARG A 11 2.28 -8.53 -3.68
C ARG A 11 1.61 -8.92 -2.37
N VAL A 12 2.35 -8.81 -1.27
CA VAL A 12 1.81 -9.13 0.05
C VAL A 12 0.72 -8.14 0.43
N PHE A 13 0.98 -6.86 0.16
CA PHE A 13 0.05 -5.79 0.48
C PHE A 13 -1.25 -5.90 -0.31
N ASP A 14 -1.15 -6.31 -1.57
CA ASP A 14 -2.34 -6.41 -2.43
C ASP A 14 -3.04 -7.76 -2.32
N LYS A 15 -3.96 -7.86 -1.37
CA LYS A 15 -4.70 -9.09 -1.17
C LYS A 15 -5.43 -9.46 -2.45
N ASP A 16 -6.08 -8.46 -3.06
CA ASP A 16 -6.81 -8.67 -4.30
C ASP A 16 -5.86 -9.10 -5.43
N GLN A 17 -4.64 -8.55 -5.41
CA GLN A 17 -3.62 -8.86 -6.43
C GLN A 17 -4.02 -8.34 -7.81
N ASN A 18 -4.45 -7.08 -7.90
CA ASN A 18 -4.84 -6.52 -9.20
C ASN A 18 -3.80 -5.49 -9.63
N GLY A 19 -2.73 -5.40 -8.86
CA GLY A 19 -1.67 -4.44 -9.15
C GLY A 19 -2.00 -3.09 -8.53
N PHE A 20 -2.80 -3.12 -7.47
CA PHE A 20 -3.17 -1.89 -6.78
C PHE A 20 -3.52 -2.17 -5.32
N ILE A 21 -2.88 -1.45 -4.40
CA ILE A 21 -3.17 -1.63 -2.99
C ILE A 21 -4.29 -0.67 -2.60
N SER A 22 -5.31 -1.22 -1.97
CA SER A 22 -6.47 -0.43 -1.56
C SER A 22 -6.46 -0.23 -0.05
N ALA A 23 -7.16 0.81 0.41
CA ALA A 23 -7.24 1.07 1.83
C ALA A 23 -7.83 -0.16 2.50
N ALA A 24 -8.87 -0.69 1.88
CA ALA A 24 -9.54 -1.88 2.37
C ALA A 24 -8.55 -3.02 2.49
N GLU A 25 -7.80 -3.26 1.41
CA GLU A 25 -6.81 -4.31 1.40
C GLU A 25 -5.69 -3.99 2.38
N LEU A 26 -5.31 -2.72 2.43
CA LEU A 26 -4.27 -2.27 3.34
C LEU A 26 -4.73 -2.45 4.78
N ARG A 27 -6.02 -2.23 5.00
CA ARG A 27 -6.60 -2.40 6.33
C ARG A 27 -6.52 -3.86 6.77
N HIS A 28 -6.83 -4.76 5.84
CA HIS A 28 -6.80 -6.19 6.14
C HIS A 28 -5.38 -6.65 6.46
N VAL A 29 -4.42 -6.16 5.69
CA VAL A 29 -3.02 -6.53 5.88
C VAL A 29 -2.52 -6.01 7.23
N MET A 30 -2.91 -4.78 7.57
CA MET A 30 -2.52 -4.16 8.83
C MET A 30 -3.17 -4.90 10.01
N THR A 31 -4.35 -5.45 9.80
CA THR A 31 -5.04 -6.18 10.84
C THR A 31 -4.40 -7.56 11.03
N ASN A 32 -4.02 -8.18 9.92
CA ASN A 32 -3.37 -9.48 9.95
C ASN A 32 -2.04 -9.35 10.68
N LEU A 33 -1.40 -8.24 10.41
CA LEU A 33 -0.11 -7.90 10.99
C LEU A 33 -0.18 -7.79 12.51
N GLY A 34 -1.28 -7.23 12.99
CA GLY A 34 -1.49 -7.03 14.43
C GLY A 34 -1.33 -5.56 14.76
N GLU A 35 -1.51 -4.75 13.72
CA GLU A 35 -1.43 -3.30 13.85
C GLU A 35 -2.86 -2.77 13.82
N LYS A 36 -3.17 -1.81 14.70
CA LYS A 36 -4.52 -1.25 14.76
C LYS A 36 -4.58 0.11 14.10
N LEU A 37 -4.67 0.13 12.78
CA LEU A 37 -4.76 1.37 12.03
C LEU A 37 -6.20 1.90 12.06
N THR A 38 -6.34 3.20 11.88
CA THR A 38 -7.64 3.85 11.84
C THR A 38 -8.02 4.17 10.40
N ASP A 39 -9.25 4.58 10.19
CA ASP A 39 -9.72 4.93 8.87
C ASP A 39 -8.96 6.15 8.36
N GLU A 40 -8.73 7.09 9.26
CA GLU A 40 -8.04 8.33 8.90
C GLU A 40 -6.56 8.07 8.60
N GLU A 41 -5.91 7.19 9.37
CA GLU A 41 -4.51 6.90 9.13
C GLU A 41 -4.38 6.21 7.78
N VAL A 42 -5.30 5.29 7.54
CA VAL A 42 -5.32 4.56 6.29
C VAL A 42 -5.55 5.51 5.13
N ASP A 43 -6.55 6.37 5.26
CA ASP A 43 -6.85 7.34 4.21
C ASP A 43 -5.68 8.29 3.99
N GLU A 44 -5.14 8.84 5.08
CA GLU A 44 -4.02 9.77 4.99
C GLU A 44 -2.85 9.14 4.25
N MET A 45 -2.58 7.89 4.55
CA MET A 45 -1.49 7.17 3.90
C MET A 45 -1.77 7.06 2.41
N ILE A 46 -3.02 6.76 2.10
CA ILE A 46 -3.46 6.63 0.72
C ILE A 46 -3.39 7.97 -0.02
N ARG A 47 -3.96 9.01 0.57
CA ARG A 47 -3.92 10.34 -0.07
C ARG A 47 -2.49 10.85 -0.17
N GLU A 48 -1.69 10.56 0.86
CA GLU A 48 -0.30 10.98 0.88
C GLU A 48 0.50 10.25 -0.19
N ALA A 49 0.16 8.98 -0.41
CA ALA A 49 0.86 8.16 -1.41
C ALA A 49 0.21 8.33 -2.77
N ASP A 50 -1.05 8.78 -2.79
CA ASP A 50 -1.78 9.03 -4.03
C ASP A 50 -1.72 10.49 -4.34
N VAL A 51 -1.29 10.85 -5.52
CA VAL A 51 -1.22 12.26 -5.87
C VAL A 51 -2.03 12.53 -7.15
N ASP A 52 -2.52 11.43 -7.75
CA ASP A 52 -3.47 11.51 -8.87
C ASP A 52 -4.85 11.39 -8.22
N GLY A 53 -4.83 11.21 -6.90
CA GLY A 53 -6.03 11.06 -6.10
C GLY A 53 -6.84 9.83 -6.50
N ASP A 54 -6.21 8.94 -7.25
CA ASP A 54 -6.87 7.74 -7.71
C ASP A 54 -7.46 6.98 -6.53
N GLY A 55 -6.84 7.12 -5.36
CA GLY A 55 -7.32 6.44 -4.15
C GLY A 55 -6.72 5.05 -4.02
N GLN A 56 -5.85 4.71 -4.97
CA GLN A 56 -5.18 3.41 -4.98
C GLN A 56 -3.70 3.61 -5.18
N ILE A 57 -2.89 2.73 -4.60
CA ILE A 57 -1.45 2.82 -4.75
C ILE A 57 -0.99 1.81 -5.77
N ASN A 58 -0.51 2.30 -6.90
CA ASN A 58 -0.02 1.41 -7.94
C ASN A 58 1.40 1.02 -7.58
N TYR A 59 1.90 -0.06 -8.15
CA TYR A 59 3.25 -0.49 -7.79
C TYR A 59 4.24 0.67 -7.89
N GLU A 60 4.37 1.26 -9.07
CA GLU A 60 5.31 2.36 -9.25
C GLU A 60 5.16 3.40 -8.16
N GLU A 61 3.93 3.76 -7.83
CA GLU A 61 3.68 4.75 -6.80
C GLU A 61 4.16 4.22 -5.46
N PHE A 62 3.92 2.94 -5.21
CA PHE A 62 4.34 2.31 -3.97
C PHE A 62 5.86 2.39 -3.88
N VAL A 63 6.51 2.12 -5.00
CA VAL A 63 7.96 2.17 -5.07
C VAL A 63 8.43 3.58 -4.72
N LYS A 64 7.76 4.59 -5.26
CA LYS A 64 8.12 5.97 -4.99
C LYS A 64 7.95 6.30 -3.50
N VAL A 65 6.84 5.87 -2.90
CA VAL A 65 6.59 6.13 -1.49
C VAL A 65 7.53 5.34 -0.59
N MET A 66 7.71 4.06 -0.90
CA MET A 66 8.58 3.19 -0.10
C MET A 66 10.03 3.58 -0.28
N MET A 67 10.40 3.87 -1.51
CA MET A 67 11.78 4.26 -1.82
C MET A 67 12.15 5.55 -1.11
N ALA A 68 11.22 6.51 -1.11
CA ALA A 68 11.46 7.80 -0.47
C ALA A 68 11.20 7.71 1.03
N LYS A 69 10.80 6.52 1.48
CA LYS A 69 10.52 6.32 2.89
C LYS A 69 9.47 7.31 3.40
CA CA B . -6.66 -4.19 -5.49
CA CA C . -2.04 6.81 -7.53
#